data_3F8A
# 
_entry.id   3F8A 
# 
_audit_conform.dict_name       mmcif_pdbx.dic 
_audit_conform.dict_version    5.397 
_audit_conform.dict_location   http://mmcif.pdb.org/dictionaries/ascii/mmcif_pdbx.dic 
# 
loop_
_database_2.database_id 
_database_2.database_code 
_database_2.pdbx_database_accession 
_database_2.pdbx_DOI 
PDB   3F8A         pdb_00003f8a 10.2210/pdb3f8a/pdb 
RCSB  RCSB050271   ?            ?                   
WWPDB D_1000050271 ?            ?                   
# 
loop_
_pdbx_audit_revision_history.ordinal 
_pdbx_audit_revision_history.data_content_type 
_pdbx_audit_revision_history.major_revision 
_pdbx_audit_revision_history.minor_revision 
_pdbx_audit_revision_history.revision_date 
1 'Structure model' 1 0 2009-11-10 
2 'Structure model' 1 1 2011-07-13 
3 'Structure model' 1 2 2014-10-01 
4 'Structure model' 1 3 2016-12-28 
5 'Structure model' 1 4 2021-10-20 
6 'Structure model' 1 5 2023-09-06 
7 'Structure model' 1 6 2024-10-30 
# 
_pdbx_audit_revision_details.ordinal             1 
_pdbx_audit_revision_details.revision_ordinal    1 
_pdbx_audit_revision_details.data_content_type   'Structure model' 
_pdbx_audit_revision_details.provider            repository 
_pdbx_audit_revision_details.type                'Initial release' 
_pdbx_audit_revision_details.description         ? 
_pdbx_audit_revision_details.details             ? 
# 
loop_
_pdbx_audit_revision_group.ordinal 
_pdbx_audit_revision_group.revision_ordinal 
_pdbx_audit_revision_group.data_content_type 
_pdbx_audit_revision_group.group 
1 2 'Structure model' 'Version format compliance' 
2 3 'Structure model' 'Database references'       
3 4 'Structure model' 'Structure summary'         
4 5 'Structure model' 'Database references'       
5 5 'Structure model' 'Derived calculations'      
6 6 'Structure model' 'Data collection'           
7 6 'Structure model' 'Refinement description'    
8 7 'Structure model' 'Structure summary'         
# 
loop_
_pdbx_audit_revision_category.ordinal 
_pdbx_audit_revision_category.revision_ordinal 
_pdbx_audit_revision_category.data_content_type 
_pdbx_audit_revision_category.category 
1 5 'Structure model' database_2                    
2 5 'Structure model' struct_conn                   
3 5 'Structure model' struct_ref_seq_dif            
4 5 'Structure model' struct_site                   
5 6 'Structure model' chem_comp_atom                
6 6 'Structure model' chem_comp_bond                
7 6 'Structure model' pdbx_initial_refinement_model 
8 7 'Structure model' pdbx_entry_details            
9 7 'Structure model' pdbx_modification_feature     
# 
loop_
_pdbx_audit_revision_item.ordinal 
_pdbx_audit_revision_item.revision_ordinal 
_pdbx_audit_revision_item.data_content_type 
_pdbx_audit_revision_item.item 
1 5 'Structure model' '_database_2.pdbx_DOI'                
2 5 'Structure model' '_database_2.pdbx_database_accession' 
3 5 'Structure model' '_struct_conn.pdbx_leaving_atom_flag' 
4 5 'Structure model' '_struct_ref_seq_dif.details'         
5 5 'Structure model' '_struct_site.pdbx_auth_asym_id'      
6 5 'Structure model' '_struct_site.pdbx_auth_comp_id'      
7 5 'Structure model' '_struct_site.pdbx_auth_seq_id'       
# 
_pdbx_database_status.status_code                     REL 
_pdbx_database_status.entry_id                        3F8A 
_pdbx_database_status.recvd_initial_deposition_date   2008-11-12 
_pdbx_database_status.deposit_site                    RCSB 
_pdbx_database_status.process_site                    RCSB 
_pdbx_database_status.status_code_sf                  REL 
_pdbx_database_status.status_code_mr                  ? 
_pdbx_database_status.SG_entry                        ? 
_pdbx_database_status.status_code_cs                  ? 
_pdbx_database_status.methods_development_category    ? 
_pdbx_database_status.pdb_format_compatible           Y 
_pdbx_database_status.status_code_nmr_data            ? 
# 
loop_
_pdbx_database_related.db_name 
_pdbx_database_related.db_id 
_pdbx_database_related.details 
_pdbx_database_related.content_type 
PDB 3F9D 'Another CRABPII R132K:R111L:T54E mutant complexed with C15-aldehyde' unspecified 
PDB 3CR6 'Another CRABPII mutant complexed with C15-aldehyde'                  unspecified 
PDB 3FA6 'CRABPII R132K:Y134F:R111L:L121D:T54V MUTANT'                         unspecified 
PDB 3FA7 'CRABPII R132K:R111L:L121E:R59E MUTANT'                               unspecified 
PDB 3FA8 'CRABPII R132K:Y134F:R111L:L121E MUTANT'                              unspecified 
PDB 3FA9 'CRABPII R132K:Y134F:R111L:L121D MUTANT'                              unspecified 
# 
loop_
_audit_author.name 
_audit_author.pdbx_ordinal 
'Jia, X.'      1 
'Geiger, J.H.' 2 
# 
loop_
_citation.id 
_citation.title 
_citation.journal_abbrev 
_citation.journal_volume 
_citation.page_first 
_citation.page_last 
_citation.year 
_citation.journal_id_ASTM 
_citation.country 
_citation.journal_id_ISSN 
_citation.journal_id_CSD 
_citation.book_publisher 
_citation.pdbx_database_id_PubMed 
_citation.pdbx_database_id_DOI 
primary 'Probing Wavelength Regulation with an Engineered Rhodopsin Mimic and a C15-Retinal Analogue' Chempluschem      77 273 276 
2012 ? DE 2192-6506 ?    ? ? ? 
1       'Protein engineering: wavelength regulation mechanism investigated in a rhodopsin mimic'      'To be Published' ?  ?   ?   
?    ? ?  ?         0353 ? ? ? 
# 
loop_
_citation_author.citation_id 
_citation_author.name 
_citation_author.ordinal 
_citation_author.identifier_ORCID 
primary 'Lee, K.S.'     1  ? 
primary 'Berbasova, T.' 2  ? 
primary 'Vasileiou, C.' 3  ? 
primary 'Jia, X.'       4  ? 
primary 'Wang, W.'      5  ? 
primary 'Choi, Y.'      6  ? 
primary 'Nossoni, F.'   7  ? 
primary 'Geiger, J.H.'  8  ? 
primary 'Borhan, B.'    9  ? 
1       'Lee, K.S.'     10 ? 
1       'Jia, X.'       11 ? 
1       'Vasileiou, C.' 12 ? 
1       'Geiger, J.H.'  13 ? 
1       'Borhan, B.'    14 ? 
# 
loop_
_entity.id 
_entity.type 
_entity.src_method 
_entity.pdbx_description 
_entity.formula_weight 
_entity.pdbx_number_of_molecules 
_entity.pdbx_ec 
_entity.pdbx_mutation 
_entity.pdbx_fragment 
_entity.details 
1 polymer     man 'Cellular retinoic acid-binding protein 2'                                                      15554.726 1   ? 
'R132K, R111L, L121E, R59W' ? ? 
2 non-polymer syn '2-[3-(2-HYDROXY-1,1-DIHYDROXYMETHYL-ETHYLAMINO)-PROPYLAMINO]-2-HYDROXYMETHYL-PROPANE-1,3-DIOL' 282.334   1   ? 
?                           ? ? 
3 non-polymer syn '1,3,3-trimethyl-2-[(1E,3E)-3-methylpenta-1,3-dien-1-yl]cyclohexene'                            204.351   1   ? 
?                           ? ? 
4 water       nat water                                                                                           18.015    130 ? 
?                           ? ? 
# 
_entity_name_com.entity_id   1 
_entity_name_com.name        'Cellular retinoic acid-binding protein II, CRABP-II' 
# 
_entity_poly.entity_id                      1 
_entity_poly.type                           'polypeptide(L)' 
_entity_poly.nstd_linkage                   no 
_entity_poly.nstd_monomer                   no 
_entity_poly.pdbx_seq_one_letter_code       
;PNFSGNWKIIRSENFEELLKVLGVNVMLRKIAVAAASKPAVEIKQEGDTFYIKTSTTVWTTEINFKVGEEFEEQTVDGRP
CKSLVKWESENKMVCEQKLLKGEGPKTSWTLELTNDGELIETMTADDVVCTKVYVRE
;
_entity_poly.pdbx_seq_one_letter_code_can   
;PNFSGNWKIIRSENFEELLKVLGVNVMLRKIAVAAASKPAVEIKQEGDTFYIKTSTTVWTTEINFKVGEEFEEQTVDGRP
CKSLVKWESENKMVCEQKLLKGEGPKTSWTLELTNDGELIETMTADDVVCTKVYVRE
;
_entity_poly.pdbx_strand_id                 A 
_entity_poly.pdbx_target_identifier         ? 
# 
loop_
_pdbx_entity_nonpoly.entity_id 
_pdbx_entity_nonpoly.name 
_pdbx_entity_nonpoly.comp_id 
2 '2-[3-(2-HYDROXY-1,1-DIHYDROXYMETHYL-ETHYLAMINO)-PROPYLAMINO]-2-HYDROXYMETHYL-PROPANE-1,3-DIOL' B3P 
3 '1,3,3-trimethyl-2-[(1E,3E)-3-methylpenta-1,3-dien-1-yl]cyclohexene'                            LSR 
4 water                                                                                           HOH 
# 
loop_
_entity_poly_seq.entity_id 
_entity_poly_seq.num 
_entity_poly_seq.mon_id 
_entity_poly_seq.hetero 
1 1   PRO n 
1 2   ASN n 
1 3   PHE n 
1 4   SER n 
1 5   GLY n 
1 6   ASN n 
1 7   TRP n 
1 8   LYS n 
1 9   ILE n 
1 10  ILE n 
1 11  ARG n 
1 12  SER n 
1 13  GLU n 
1 14  ASN n 
1 15  PHE n 
1 16  GLU n 
1 17  GLU n 
1 18  LEU n 
1 19  LEU n 
1 20  LYS n 
1 21  VAL n 
1 22  LEU n 
1 23  GLY n 
1 24  VAL n 
1 25  ASN n 
1 26  VAL n 
1 27  MET n 
1 28  LEU n 
1 29  ARG n 
1 30  LYS n 
1 31  ILE n 
1 32  ALA n 
1 33  VAL n 
1 34  ALA n 
1 35  ALA n 
1 36  ALA n 
1 37  SER n 
1 38  LYS n 
1 39  PRO n 
1 40  ALA n 
1 41  VAL n 
1 42  GLU n 
1 43  ILE n 
1 44  LYS n 
1 45  GLN n 
1 46  GLU n 
1 47  GLY n 
1 48  ASP n 
1 49  THR n 
1 50  PHE n 
1 51  TYR n 
1 52  ILE n 
1 53  LYS n 
1 54  THR n 
1 55  SER n 
1 56  THR n 
1 57  THR n 
1 58  VAL n 
1 59  TRP n 
1 60  THR n 
1 61  THR n 
1 62  GLU n 
1 63  ILE n 
1 64  ASN n 
1 65  PHE n 
1 66  LYS n 
1 67  VAL n 
1 68  GLY n 
1 69  GLU n 
1 70  GLU n 
1 71  PHE n 
1 72  GLU n 
1 73  GLU n 
1 74  GLN n 
1 75  THR n 
1 76  VAL n 
1 77  ASP n 
1 78  GLY n 
1 79  ARG n 
1 80  PRO n 
1 81  CYS n 
1 82  LYS n 
1 83  SER n 
1 84  LEU n 
1 85  VAL n 
1 86  LYS n 
1 87  TRP n 
1 88  GLU n 
1 89  SER n 
1 90  GLU n 
1 91  ASN n 
1 92  LYS n 
1 93  MET n 
1 94  VAL n 
1 95  CYS n 
1 96  GLU n 
1 97  GLN n 
1 98  LYS n 
1 99  LEU n 
1 100 LEU n 
1 101 LYS n 
1 102 GLY n 
1 103 GLU n 
1 104 GLY n 
1 105 PRO n 
1 106 LYS n 
1 107 THR n 
1 108 SER n 
1 109 TRP n 
1 110 THR n 
1 111 LEU n 
1 112 GLU n 
1 113 LEU n 
1 114 THR n 
1 115 ASN n 
1 116 ASP n 
1 117 GLY n 
1 118 GLU n 
1 119 LEU n 
1 120 ILE n 
1 121 GLU n 
1 122 THR n 
1 123 MET n 
1 124 THR n 
1 125 ALA n 
1 126 ASP n 
1 127 ASP n 
1 128 VAL n 
1 129 VAL n 
1 130 CYS n 
1 131 THR n 
1 132 LYS n 
1 133 VAL n 
1 134 TYR n 
1 135 VAL n 
1 136 ARG n 
1 137 GLU n 
# 
_entity_src_gen.entity_id                          1 
_entity_src_gen.pdbx_src_id                        1 
_entity_src_gen.pdbx_alt_source_flag               sample 
_entity_src_gen.pdbx_seq_type                      ? 
_entity_src_gen.pdbx_beg_seq_num                   ? 
_entity_src_gen.pdbx_end_seq_num                   ? 
_entity_src_gen.gene_src_common_name               Human 
_entity_src_gen.gene_src_genus                     ? 
_entity_src_gen.pdbx_gene_src_gene                 CRABP2 
_entity_src_gen.gene_src_species                   ? 
_entity_src_gen.gene_src_strain                    ? 
_entity_src_gen.gene_src_tissue                    ? 
_entity_src_gen.gene_src_tissue_fraction           ? 
_entity_src_gen.gene_src_details                   ? 
_entity_src_gen.pdbx_gene_src_fragment             ? 
_entity_src_gen.pdbx_gene_src_scientific_name      'Homo sapiens' 
_entity_src_gen.pdbx_gene_src_ncbi_taxonomy_id     9606 
_entity_src_gen.pdbx_gene_src_variant              ? 
_entity_src_gen.pdbx_gene_src_cell_line            ? 
_entity_src_gen.pdbx_gene_src_atcc                 ? 
_entity_src_gen.pdbx_gene_src_organ                ? 
_entity_src_gen.pdbx_gene_src_organelle            ? 
_entity_src_gen.pdbx_gene_src_cell                 ? 
_entity_src_gen.pdbx_gene_src_cellular_location    ? 
_entity_src_gen.host_org_common_name               ? 
_entity_src_gen.pdbx_host_org_scientific_name      'Escherichia coli' 
_entity_src_gen.pdbx_host_org_ncbi_taxonomy_id     562 
_entity_src_gen.host_org_genus                     ? 
_entity_src_gen.pdbx_host_org_gene                 ? 
_entity_src_gen.pdbx_host_org_organ                ? 
_entity_src_gen.host_org_species                   ? 
_entity_src_gen.pdbx_host_org_tissue               ? 
_entity_src_gen.pdbx_host_org_tissue_fraction      ? 
_entity_src_gen.pdbx_host_org_strain               'BL21(DE3)pLysS' 
_entity_src_gen.pdbx_host_org_variant              ? 
_entity_src_gen.pdbx_host_org_cell_line            ? 
_entity_src_gen.pdbx_host_org_atcc                 ? 
_entity_src_gen.pdbx_host_org_culture_collection   ? 
_entity_src_gen.pdbx_host_org_cell                 ? 
_entity_src_gen.pdbx_host_org_organelle            ? 
_entity_src_gen.pdbx_host_org_cellular_location    ? 
_entity_src_gen.pdbx_host_org_vector_type          plasmid 
_entity_src_gen.pdbx_host_org_vector               ? 
_entity_src_gen.host_org_details                   ? 
_entity_src_gen.expression_system_id               ? 
_entity_src_gen.plasmid_name                       CRABPII-pET17b-KLE-R59W 
_entity_src_gen.plasmid_details                    ? 
_entity_src_gen.pdbx_description                   ? 
# 
loop_
_chem_comp.id 
_chem_comp.type 
_chem_comp.mon_nstd_flag 
_chem_comp.name 
_chem_comp.pdbx_synonyms 
_chem_comp.formula 
_chem_comp.formula_weight 
ALA 'L-peptide linking' y ALANINE                                                                                         ? 
'C3 H7 N O2'     89.093  
ARG 'L-peptide linking' y ARGININE                                                                                        ? 
'C6 H15 N4 O2 1' 175.209 
ASN 'L-peptide linking' y ASPARAGINE                                                                                      ? 
'C4 H8 N2 O3'    132.118 
ASP 'L-peptide linking' y 'ASPARTIC ACID'                                                                                 ? 
'C4 H7 N O4'     133.103 
B3P non-polymer         . '2-[3-(2-HYDROXY-1,1-DIHYDROXYMETHYL-ETHYLAMINO)-PROPYLAMINO]-2-HYDROXYMETHYL-PROPANE-1,3-DIOL' ? 
'C11 H26 N2 O6'  282.334 
CYS 'L-peptide linking' y CYSTEINE                                                                                        ? 
'C3 H7 N O2 S'   121.158 
GLN 'L-peptide linking' y GLUTAMINE                                                                                       ? 
'C5 H10 N2 O3'   146.144 
GLU 'L-peptide linking' y 'GLUTAMIC ACID'                                                                                 ? 
'C5 H9 N O4'     147.129 
GLY 'peptide linking'   y GLYCINE                                                                                         ? 
'C2 H5 N O2'     75.067  
HOH non-polymer         . WATER                                                                                           ? 'H2 O' 
18.015  
ILE 'L-peptide linking' y ISOLEUCINE                                                                                      ? 
'C6 H13 N O2'    131.173 
LEU 'L-peptide linking' y LEUCINE                                                                                         ? 
'C6 H13 N O2'    131.173 
LSR non-polymer         . '1,3,3-trimethyl-2-[(1E,3E)-3-methylpenta-1,3-dien-1-yl]cyclohexene'                            ? 
'C15 H24'        204.351 
LYS 'L-peptide linking' y LYSINE                                                                                          ? 
'C6 H15 N2 O2 1' 147.195 
MET 'L-peptide linking' y METHIONINE                                                                                      ? 
'C5 H11 N O2 S'  149.211 
PHE 'L-peptide linking' y PHENYLALANINE                                                                                   ? 
'C9 H11 N O2'    165.189 
PRO 'L-peptide linking' y PROLINE                                                                                         ? 
'C5 H9 N O2'     115.130 
SER 'L-peptide linking' y SERINE                                                                                          ? 
'C3 H7 N O3'     105.093 
THR 'L-peptide linking' y THREONINE                                                                                       ? 
'C4 H9 N O3'     119.119 
TRP 'L-peptide linking' y TRYPTOPHAN                                                                                      ? 
'C11 H12 N2 O2'  204.225 
TYR 'L-peptide linking' y TYROSINE                                                                                        ? 
'C9 H11 N O3'    181.189 
VAL 'L-peptide linking' y VALINE                                                                                          ? 
'C5 H11 N O2'    117.146 
# 
loop_
_pdbx_poly_seq_scheme.asym_id 
_pdbx_poly_seq_scheme.entity_id 
_pdbx_poly_seq_scheme.seq_id 
_pdbx_poly_seq_scheme.mon_id 
_pdbx_poly_seq_scheme.ndb_seq_num 
_pdbx_poly_seq_scheme.pdb_seq_num 
_pdbx_poly_seq_scheme.auth_seq_num 
_pdbx_poly_seq_scheme.pdb_mon_id 
_pdbx_poly_seq_scheme.auth_mon_id 
_pdbx_poly_seq_scheme.pdb_strand_id 
_pdbx_poly_seq_scheme.pdb_ins_code 
_pdbx_poly_seq_scheme.hetero 
A 1 1   PRO 1   1   1   PRO PRO A . n 
A 1 2   ASN 2   2   2   ASN ASN A . n 
A 1 3   PHE 3   3   3   PHE PHE A . n 
A 1 4   SER 4   4   4   SER SER A . n 
A 1 5   GLY 5   5   5   GLY GLY A . n 
A 1 6   ASN 6   6   6   ASN ASN A . n 
A 1 7   TRP 7   7   7   TRP TRP A . n 
A 1 8   LYS 8   8   8   LYS LYS A . n 
A 1 9   ILE 9   9   9   ILE ILE A . n 
A 1 10  ILE 10  10  10  ILE ILE A . n 
A 1 11  ARG 11  11  11  ARG ARG A . n 
A 1 12  SER 12  12  12  SER SER A . n 
A 1 13  GLU 13  13  13  GLU GLU A . n 
A 1 14  ASN 14  14  14  ASN ASN A . n 
A 1 15  PHE 15  15  15  PHE PHE A . n 
A 1 16  GLU 16  16  16  GLU GLU A . n 
A 1 17  GLU 17  17  17  GLU GLU A . n 
A 1 18  LEU 18  18  18  LEU LEU A . n 
A 1 19  LEU 19  19  19  LEU LEU A . n 
A 1 20  LYS 20  20  20  LYS LYS A . n 
A 1 21  VAL 21  21  21  VAL VAL A . n 
A 1 22  LEU 22  22  22  LEU LEU A . n 
A 1 23  GLY 23  23  23  GLY GLY A . n 
A 1 24  VAL 24  24  24  VAL VAL A . n 
A 1 25  ASN 25  25  25  ASN ASN A . n 
A 1 26  VAL 26  26  26  VAL VAL A . n 
A 1 27  MET 27  27  27  MET MET A . n 
A 1 28  LEU 28  28  28  LEU LEU A . n 
A 1 29  ARG 29  29  29  ARG ARG A . n 
A 1 30  LYS 30  30  30  LYS LYS A . n 
A 1 31  ILE 31  31  31  ILE ILE A . n 
A 1 32  ALA 32  32  32  ALA ALA A . n 
A 1 33  VAL 33  33  33  VAL VAL A . n 
A 1 34  ALA 34  34  34  ALA ALA A . n 
A 1 35  ALA 35  35  35  ALA ALA A . n 
A 1 36  ALA 36  36  36  ALA ALA A . n 
A 1 37  SER 37  37  37  SER SER A . n 
A 1 38  LYS 38  38  38  LYS LYS A . n 
A 1 39  PRO 39  39  39  PRO PRO A . n 
A 1 40  ALA 40  40  40  ALA ALA A . n 
A 1 41  VAL 41  41  41  VAL VAL A . n 
A 1 42  GLU 42  42  42  GLU GLU A . n 
A 1 43  ILE 43  43  43  ILE ILE A . n 
A 1 44  LYS 44  44  44  LYS LYS A . n 
A 1 45  GLN 45  45  45  GLN GLN A . n 
A 1 46  GLU 46  46  46  GLU GLU A . n 
A 1 47  GLY 47  47  47  GLY GLY A . n 
A 1 48  ASP 48  48  48  ASP ASP A . n 
A 1 49  THR 49  49  49  THR THR A . n 
A 1 50  PHE 50  50  50  PHE PHE A . n 
A 1 51  TYR 51  51  51  TYR TYR A . n 
A 1 52  ILE 52  52  52  ILE ILE A . n 
A 1 53  LYS 53  53  53  LYS LYS A . n 
A 1 54  THR 54  54  54  THR THR A . n 
A 1 55  SER 55  55  55  SER SER A . n 
A 1 56  THR 56  56  56  THR THR A . n 
A 1 57  THR 57  57  57  THR THR A . n 
A 1 58  VAL 58  58  58  VAL VAL A . n 
A 1 59  TRP 59  59  59  TRP TRP A . n 
A 1 60  THR 60  60  60  THR THR A . n 
A 1 61  THR 61  61  61  THR THR A . n 
A 1 62  GLU 62  62  62  GLU GLU A . n 
A 1 63  ILE 63  63  63  ILE ILE A . n 
A 1 64  ASN 64  64  64  ASN ASN A . n 
A 1 65  PHE 65  65  65  PHE PHE A . n 
A 1 66  LYS 66  66  66  LYS LYS A . n 
A 1 67  VAL 67  67  67  VAL VAL A . n 
A 1 68  GLY 68  68  68  GLY GLY A . n 
A 1 69  GLU 69  69  69  GLU GLU A . n 
A 1 70  GLU 70  70  70  GLU GLU A . n 
A 1 71  PHE 71  71  71  PHE PHE A . n 
A 1 72  GLU 72  72  72  GLU GLU A . n 
A 1 73  GLU 73  73  73  GLU GLU A . n 
A 1 74  GLN 74  74  74  GLN GLN A . n 
A 1 75  THR 75  75  75  THR THR A . n 
A 1 76  VAL 76  76  76  VAL VAL A . n 
A 1 77  ASP 77  77  77  ASP ASP A . n 
A 1 78  GLY 78  78  78  GLY GLY A . n 
A 1 79  ARG 79  79  79  ARG ARG A . n 
A 1 80  PRO 80  80  80  PRO PRO A . n 
A 1 81  CYS 81  81  81  CYS CYS A . n 
A 1 82  LYS 82  82  82  LYS LYS A . n 
A 1 83  SER 83  83  83  SER SER A . n 
A 1 84  LEU 84  84  84  LEU LEU A . n 
A 1 85  VAL 85  85  85  VAL VAL A . n 
A 1 86  LYS 86  86  86  LYS LYS A . n 
A 1 87  TRP 87  87  87  TRP TRP A . n 
A 1 88  GLU 88  88  88  GLU GLU A . n 
A 1 89  SER 89  89  89  SER SER A . n 
A 1 90  GLU 90  90  90  GLU GLU A . n 
A 1 91  ASN 91  91  91  ASN ASN A . n 
A 1 92  LYS 92  92  92  LYS LYS A . n 
A 1 93  MET 93  93  93  MET MET A . n 
A 1 94  VAL 94  94  94  VAL VAL A . n 
A 1 95  CYS 95  95  95  CYS CYS A . n 
A 1 96  GLU 96  96  96  GLU GLU A . n 
A 1 97  GLN 97  97  97  GLN GLN A . n 
A 1 98  LYS 98  98  98  LYS LYS A . n 
A 1 99  LEU 99  99  99  LEU LEU A . n 
A 1 100 LEU 100 100 100 LEU LEU A . n 
A 1 101 LYS 101 101 101 LYS LYS A . n 
A 1 102 GLY 102 102 102 GLY GLY A . n 
A 1 103 GLU 103 103 103 GLU GLU A . n 
A 1 104 GLY 104 104 104 GLY GLY A . n 
A 1 105 PRO 105 105 105 PRO PRO A . n 
A 1 106 LYS 106 106 106 LYS LYS A . n 
A 1 107 THR 107 107 107 THR THR A . n 
A 1 108 SER 108 108 108 SER SER A . n 
A 1 109 TRP 109 109 109 TRP TRP A . n 
A 1 110 THR 110 110 110 THR THR A . n 
A 1 111 LEU 111 111 111 LEU LEU A . n 
A 1 112 GLU 112 112 112 GLU GLU A . n 
A 1 113 LEU 113 113 113 LEU LEU A . n 
A 1 114 THR 114 114 114 THR THR A . n 
A 1 115 ASN 115 115 115 ASN ASN A . n 
A 1 116 ASP 116 116 116 ASP ASP A . n 
A 1 117 GLY 117 117 117 GLY GLY A . n 
A 1 118 GLU 118 118 118 GLU GLU A . n 
A 1 119 LEU 119 119 119 LEU LEU A . n 
A 1 120 ILE 120 120 120 ILE ILE A . n 
A 1 121 GLU 121 121 121 GLU GLU A . n 
A 1 122 THR 122 122 122 THR THR A . n 
A 1 123 MET 123 123 123 MET MET A . n 
A 1 124 THR 124 124 124 THR THR A . n 
A 1 125 ALA 125 125 125 ALA ALA A . n 
A 1 126 ASP 126 126 126 ASP ASP A . n 
A 1 127 ASP 127 127 127 ASP ASP A . n 
A 1 128 VAL 128 128 128 VAL VAL A . n 
A 1 129 VAL 129 129 129 VAL VAL A . n 
A 1 130 CYS 130 130 130 CYS CYS A . n 
A 1 131 THR 131 131 131 THR THR A . n 
A 1 132 LYS 132 132 132 LYS LYS A . n 
A 1 133 VAL 133 133 133 VAL VAL A . n 
A 1 134 TYR 134 134 134 TYR TYR A . n 
A 1 135 VAL 135 135 135 VAL VAL A . n 
A 1 136 ARG 136 136 136 ARG ARG A . n 
A 1 137 GLU 137 137 137 GLU GLU A . n 
# 
loop_
_pdbx_nonpoly_scheme.asym_id 
_pdbx_nonpoly_scheme.entity_id 
_pdbx_nonpoly_scheme.mon_id 
_pdbx_nonpoly_scheme.ndb_seq_num 
_pdbx_nonpoly_scheme.pdb_seq_num 
_pdbx_nonpoly_scheme.auth_seq_num 
_pdbx_nonpoly_scheme.pdb_mon_id 
_pdbx_nonpoly_scheme.auth_mon_id 
_pdbx_nonpoly_scheme.pdb_strand_id 
_pdbx_nonpoly_scheme.pdb_ins_code 
B 2 B3P 1   138 138 B3P B3P A . 
C 3 LSR 1   139 139 LSR LSR A . 
D 4 HOH 1   140 140 HOH HOH A . 
D 4 HOH 2   141 141 HOH HOH A . 
D 4 HOH 3   142 142 HOH HOH A . 
D 4 HOH 4   143 143 HOH HOH A . 
D 4 HOH 5   144 144 HOH HOH A . 
D 4 HOH 6   145 145 HOH HOH A . 
D 4 HOH 7   146 146 HOH HOH A . 
D 4 HOH 8   147 147 HOH HOH A . 
D 4 HOH 9   148 148 HOH HOH A . 
D 4 HOH 10  149 149 HOH HOH A . 
D 4 HOH 11  150 150 HOH HOH A . 
D 4 HOH 12  151 151 HOH HOH A . 
D 4 HOH 13  152 152 HOH HOH A . 
D 4 HOH 14  153 153 HOH HOH A . 
D 4 HOH 15  154 154 HOH HOH A . 
D 4 HOH 16  155 155 HOH HOH A . 
D 4 HOH 17  156 156 HOH HOH A . 
D 4 HOH 18  157 157 HOH HOH A . 
D 4 HOH 19  158 158 HOH HOH A . 
D 4 HOH 20  159 159 HOH HOH A . 
D 4 HOH 21  160 160 HOH HOH A . 
D 4 HOH 22  161 161 HOH HOH A . 
D 4 HOH 23  162 162 HOH HOH A . 
D 4 HOH 24  163 163 HOH HOH A . 
D 4 HOH 25  164 164 HOH HOH A . 
D 4 HOH 26  165 165 HOH HOH A . 
D 4 HOH 27  166 166 HOH HOH A . 
D 4 HOH 28  167 167 HOH HOH A . 
D 4 HOH 29  168 168 HOH HOH A . 
D 4 HOH 30  169 169 HOH HOH A . 
D 4 HOH 31  170 170 HOH HOH A . 
D 4 HOH 32  171 171 HOH HOH A . 
D 4 HOH 33  172 172 HOH HOH A . 
D 4 HOH 34  173 173 HOH HOH A . 
D 4 HOH 35  174 174 HOH HOH A . 
D 4 HOH 36  175 175 HOH HOH A . 
D 4 HOH 37  176 176 HOH HOH A . 
D 4 HOH 38  177 177 HOH HOH A . 
D 4 HOH 39  178 178 HOH HOH A . 
D 4 HOH 40  179 179 HOH HOH A . 
D 4 HOH 41  180 180 HOH HOH A . 
D 4 HOH 42  181 181 HOH HOH A . 
D 4 HOH 43  182 182 HOH HOH A . 
D 4 HOH 44  183 183 HOH HOH A . 
D 4 HOH 45  184 184 HOH HOH A . 
D 4 HOH 46  185 185 HOH HOH A . 
D 4 HOH 47  186 186 HOH HOH A . 
D 4 HOH 48  187 187 HOH HOH A . 
D 4 HOH 49  188 188 HOH HOH A . 
D 4 HOH 50  189 189 HOH HOH A . 
D 4 HOH 51  192 192 HOH HOH A . 
D 4 HOH 52  193 193 HOH HOH A . 
D 4 HOH 53  194 194 HOH HOH A . 
D 4 HOH 54  195 195 HOH HOH A . 
D 4 HOH 55  196 196 HOH HOH A . 
D 4 HOH 56  197 197 HOH HOH A . 
D 4 HOH 57  198 198 HOH HOH A . 
D 4 HOH 58  199 199 HOH HOH A . 
D 4 HOH 59  200 200 HOH HOH A . 
D 4 HOH 60  201 201 HOH HOH A . 
D 4 HOH 61  202 202 HOH HOH A . 
D 4 HOH 62  203 203 HOH HOH A . 
D 4 HOH 63  204 204 HOH HOH A . 
D 4 HOH 64  205 205 HOH HOH A . 
D 4 HOH 65  206 206 HOH HOH A . 
D 4 HOH 66  207 207 HOH HOH A . 
D 4 HOH 67  208 208 HOH HOH A . 
D 4 HOH 68  209 209 HOH HOH A . 
D 4 HOH 69  210 210 HOH HOH A . 
D 4 HOH 70  211 211 HOH HOH A . 
D 4 HOH 71  212 212 HOH HOH A . 
D 4 HOH 72  213 213 HOH HOH A . 
D 4 HOH 73  214 214 HOH HOH A . 
D 4 HOH 74  215 215 HOH HOH A . 
D 4 HOH 75  216 216 HOH HOH A . 
D 4 HOH 76  217 217 HOH HOH A . 
D 4 HOH 77  218 218 HOH HOH A . 
D 4 HOH 78  219 219 HOH HOH A . 
D 4 HOH 79  220 220 HOH HOH A . 
D 4 HOH 80  221 221 HOH HOH A . 
D 4 HOH 81  222 222 HOH HOH A . 
D 4 HOH 82  223 223 HOH HOH A . 
D 4 HOH 83  224 224 HOH HOH A . 
D 4 HOH 84  225 225 HOH HOH A . 
D 4 HOH 85  226 226 HOH HOH A . 
D 4 HOH 86  227 227 HOH HOH A . 
D 4 HOH 87  228 228 HOH HOH A . 
D 4 HOH 88  229 229 HOH HOH A . 
D 4 HOH 89  230 230 HOH HOH A . 
D 4 HOH 90  231 231 HOH HOH A . 
D 4 HOH 91  232 232 HOH HOH A . 
D 4 HOH 92  233 233 HOH HOH A . 
D 4 HOH 93  235 235 HOH HOH A . 
D 4 HOH 94  236 236 HOH HOH A . 
D 4 HOH 95  237 237 HOH HOH A . 
D 4 HOH 96  238 238 HOH HOH A . 
D 4 HOH 97  239 239 HOH HOH A . 
D 4 HOH 98  240 240 HOH HOH A . 
D 4 HOH 99  241 241 HOH HOH A . 
D 4 HOH 100 242 242 HOH HOH A . 
D 4 HOH 101 243 243 HOH HOH A . 
D 4 HOH 102 244 244 HOH HOH A . 
D 4 HOH 103 245 245 HOH HOH A . 
D 4 HOH 104 246 246 HOH HOH A . 
D 4 HOH 105 247 247 HOH HOH A . 
D 4 HOH 106 248 248 HOH HOH A . 
D 4 HOH 107 249 249 HOH HOH A . 
D 4 HOH 108 250 250 HOH HOH A . 
D 4 HOH 109 251 251 HOH HOH A . 
D 4 HOH 110 252 252 HOH HOH A . 
D 4 HOH 111 253 253 HOH HOH A . 
D 4 HOH 112 254 254 HOH HOH A . 
D 4 HOH 113 255 255 HOH HOH A . 
D 4 HOH 114 256 256 HOH HOH A . 
D 4 HOH 115 257 257 HOH HOH A . 
D 4 HOH 116 258 258 HOH HOH A . 
D 4 HOH 117 259 259 HOH HOH A . 
D 4 HOH 118 260 260 HOH HOH A . 
D 4 HOH 119 261 261 HOH HOH A . 
D 4 HOH 120 262 262 HOH HOH A . 
D 4 HOH 121 263 263 HOH HOH A . 
D 4 HOH 122 264 264 HOH HOH A . 
D 4 HOH 123 265 265 HOH HOH A . 
D 4 HOH 124 266 266 HOH HOH A . 
D 4 HOH 125 267 267 HOH HOH A . 
D 4 HOH 126 268 268 HOH HOH A . 
D 4 HOH 127 269 269 HOH HOH A . 
D 4 HOH 128 270 270 HOH HOH A . 
D 4 HOH 129 272 272 HOH HOH A . 
D 4 HOH 130 273 273 HOH HOH A . 
# 
loop_
_software.name 
_software.classification 
_software.version 
_software.citation_id 
_software.pdbx_ordinal 
HKL-2000 'data collection' .        ? 1 
MOLREP   phasing           .        ? 2 
REFMAC   refinement        5.2.0005 ? 3 
HKL-2000 'data reduction'  .        ? 4 
HKL-2000 'data scaling'    .        ? 5 
# 
_cell.entry_id           3F8A 
_cell.length_a           58.468 
_cell.length_b           58.468 
_cell.length_c           104.031 
_cell.angle_alpha        90.00 
_cell.angle_beta         90.00 
_cell.angle_gamma        120.00 
_cell.Z_PDB              6 
_cell.pdbx_unique_axis   ? 
_cell.length_a_esd       ? 
_cell.length_b_esd       ? 
_cell.length_c_esd       ? 
_cell.angle_alpha_esd    ? 
_cell.angle_beta_esd     ? 
_cell.angle_gamma_esd    ? 
# 
_symmetry.entry_id                         3F8A 
_symmetry.space_group_name_H-M             'P 31 2 1' 
_symmetry.pdbx_full_space_group_name_H-M   ? 
_symmetry.cell_setting                     ? 
_symmetry.Int_Tables_number                152 
_symmetry.space_group_name_Hall            ? 
# 
_exptl.entry_id          3F8A 
_exptl.method            'X-RAY DIFFRACTION' 
_exptl.crystals_number   1 
# 
_exptl_crystal.id                    1 
_exptl_crystal.density_meas          ? 
_exptl_crystal.density_Matthews      3.30 
_exptl_crystal.density_percent_sol   62.69 
_exptl_crystal.description           ? 
_exptl_crystal.F_000                 ? 
_exptl_crystal.preparation           ? 
# 
_exptl_crystal_grow.crystal_id      1 
_exptl_crystal_grow.method          'VAPOR DIFFUSION, HANGING DROP' 
_exptl_crystal_grow.temp            277 
_exptl_crystal_grow.temp_details    ? 
_exptl_crystal_grow.pH              7.5 
_exptl_crystal_grow.pdbx_pH_range   ? 
_exptl_crystal_grow.pdbx_details    '0.1M bis-tris-propane, 30% PEG400, pH 7.5, VAPOR DIFFUSION, HANGING DROP, temperature 277K' 
# 
_diffrn.id                     1 
_diffrn.ambient_temp           100 
_diffrn.ambient_temp_details   ? 
_diffrn.crystal_id             1 
# 
_diffrn_detector.diffrn_id              1 
_diffrn_detector.detector               CCD 
_diffrn_detector.type                   'MARMOSAIC 300 mm CCD' 
_diffrn_detector.pdbx_collection_date   2007-08-08 
_diffrn_detector.details                ? 
# 
_diffrn_radiation.diffrn_id                        1 
_diffrn_radiation.wavelength_id                    1 
_diffrn_radiation.pdbx_monochromatic_or_laue_m_l   M 
_diffrn_radiation.monochromator                    'C(111)' 
_diffrn_radiation.pdbx_diffrn_protocol             'SINGLE WAVELENGTH' 
_diffrn_radiation.pdbx_scattering_type             x-ray 
# 
_diffrn_radiation_wavelength.id           1 
_diffrn_radiation_wavelength.wavelength   0.97869 
_diffrn_radiation_wavelength.wt           1.0 
# 
_diffrn_source.diffrn_id                   1 
_diffrn_source.source                      SYNCHROTRON 
_diffrn_source.type                        'APS BEAMLINE 21-ID-D' 
_diffrn_source.pdbx_synchrotron_site       APS 
_diffrn_source.pdbx_synchrotron_beamline   21-ID-D 
_diffrn_source.pdbx_wavelength             ? 
_diffrn_source.pdbx_wavelength_list        0.97869 
# 
_reflns.entry_id                     3F8A 
_reflns.observed_criterion_sigma_I   1 
_reflns.observed_criterion_sigma_F   ? 
_reflns.d_resolution_low             50 
_reflns.d_resolution_high            1.95 
_reflns.number_obs                   14776 
_reflns.number_all                   ? 
_reflns.percent_possible_obs         94.9 
_reflns.pdbx_Rmerge_I_obs            0.056 
_reflns.pdbx_Rsym_value              ? 
_reflns.pdbx_netI_over_sigmaI        45.8 
_reflns.B_iso_Wilson_estimate        ? 
_reflns.pdbx_redundancy              6.7 
_reflns.R_free_details               ? 
_reflns.limit_h_max                  ? 
_reflns.limit_h_min                  ? 
_reflns.limit_k_max                  ? 
_reflns.limit_k_min                  ? 
_reflns.limit_l_max                  ? 
_reflns.limit_l_min                  ? 
_reflns.observed_criterion_F_max     ? 
_reflns.observed_criterion_F_min     ? 
_reflns.pdbx_chi_squared             ? 
_reflns.pdbx_scaling_rejects         ? 
_reflns.pdbx_ordinal                 1 
_reflns.pdbx_diffrn_id               1 
# 
_reflns_shell.d_res_high             1.95 
_reflns_shell.d_res_low              2.02 
_reflns_shell.percent_possible_all   78.8 
_reflns_shell.Rmerge_I_obs           0.372 
_reflns_shell.pdbx_Rsym_value        ? 
_reflns_shell.meanI_over_sigI_obs    2.6 
_reflns_shell.pdbx_redundancy        4.9 
_reflns_shell.percent_possible_obs   ? 
_reflns_shell.number_unique_all      ? 
_reflns_shell.number_measured_all    ? 
_reflns_shell.number_measured_obs    ? 
_reflns_shell.number_unique_obs      ? 
_reflns_shell.pdbx_chi_squared       ? 
_reflns_shell.pdbx_ordinal           1 
_reflns_shell.pdbx_diffrn_id         1 
# 
_refine.pdbx_refine_id                           'X-RAY DIFFRACTION' 
_refine.entry_id                                 3F8A 
_refine.ls_number_reflns_obs                     13996 
_refine.ls_number_reflns_all                     ? 
_refine.pdbx_ls_sigma_I                          ? 
_refine.pdbx_ls_sigma_F                          ? 
_refine.pdbx_data_cutoff_high_absF               ? 
_refine.pdbx_data_cutoff_low_absF                ? 
_refine.pdbx_data_cutoff_high_rms_absF           ? 
_refine.ls_d_res_low                             28.61 
_refine.ls_d_res_high                            1.95 
_refine.ls_percent_reflns_obs                    94.97 
_refine.ls_R_factor_obs                          0.20632 
_refine.ls_R_factor_all                          ? 
_refine.ls_R_factor_R_work                       0.20427 
_refine.ls_R_factor_R_free                       0.24567 
_refine.ls_R_factor_R_free_error                 ? 
_refine.ls_R_factor_R_free_error_details         ? 
_refine.ls_percent_reflns_R_free                 5.0 
_refine.ls_number_reflns_R_free                  741 
_refine.ls_number_parameters                     ? 
_refine.ls_number_restraints                     ? 
_refine.occupancy_min                            ? 
_refine.occupancy_max                            ? 
_refine.correlation_coeff_Fo_to_Fc               0.955 
_refine.correlation_coeff_Fo_to_Fc_free          0.933 
_refine.B_iso_mean                               27.887 
_refine.aniso_B[1][1]                            0.83 
_refine.aniso_B[2][2]                            0.83 
_refine.aniso_B[3][3]                            -1.25 
_refine.aniso_B[1][2]                            0.42 
_refine.aniso_B[1][3]                            0.00 
_refine.aniso_B[2][3]                            0.00 
_refine.solvent_model_details                    'BABINET MODEL WITH MASK' 
_refine.solvent_model_param_ksol                 ? 
_refine.solvent_model_param_bsol                 ? 
_refine.pdbx_solvent_vdw_probe_radii             1.20 
_refine.pdbx_solvent_ion_probe_radii             0.80 
_refine.pdbx_solvent_shrinkage_radii             0.80 
_refine.pdbx_ls_cross_valid_method               THROUGHOUT 
_refine.details                                  'HYDROGENS HAVE BEEN ADDED IN THE RIDING POSITIONS' 
_refine.pdbx_starting_model                      'PDB entry 2G7B' 
_refine.pdbx_method_to_determine_struct          'MOLECULAR REPLACEMENT' 
_refine.pdbx_isotropic_thermal_model             ? 
_refine.pdbx_stereochemistry_target_values       'MAXIMUM LIKELIHOOD' 
_refine.pdbx_stereochem_target_val_spec_case     ? 
_refine.pdbx_R_Free_selection_details            RANDOM 
_refine.pdbx_overall_ESU_R                       0.161 
_refine.pdbx_overall_ESU_R_Free                  0.152 
_refine.overall_SU_ML                            0.096 
_refine.pdbx_overall_phase_error                 ? 
_refine.overall_SU_B                             6.378 
_refine.ls_redundancy_reflns_obs                 ? 
_refine.B_iso_min                                ? 
_refine.B_iso_max                                ? 
_refine.overall_SU_R_Cruickshank_DPI             ? 
_refine.overall_SU_R_free                        ? 
_refine.ls_wR_factor_R_free                      ? 
_refine.ls_wR_factor_R_work                      ? 
_refine.overall_FOM_free_R_set                   ? 
_refine.overall_FOM_work_R_set                   ? 
_refine.pdbx_diffrn_id                           1 
_refine.pdbx_TLS_residual_ADP_flag               ? 
_refine.pdbx_overall_SU_R_free_Cruickshank_DPI   ? 
_refine.pdbx_overall_SU_R_Blow_DPI               ? 
_refine.pdbx_overall_SU_R_free_Blow_DPI          ? 
# 
_refine_hist.pdbx_refine_id                   'X-RAY DIFFRACTION' 
_refine_hist.cycle_id                         LAST 
_refine_hist.pdbx_number_atoms_protein        1090 
_refine_hist.pdbx_number_atoms_nucleic_acid   0 
_refine_hist.pdbx_number_atoms_ligand         34 
_refine_hist.number_atoms_solvent             130 
_refine_hist.number_atoms_total               1254 
_refine_hist.d_res_high                       1.95 
_refine_hist.d_res_low                        28.61 
# 
loop_
_refine_ls_restr.type 
_refine_ls_restr.dev_ideal 
_refine_ls_restr.dev_ideal_target 
_refine_ls_restr.weight 
_refine_ls_restr.number 
_refine_ls_restr.pdbx_refine_id 
_refine_ls_restr.pdbx_restraint_function 
r_bond_refined_d             0.012  0.022  ? 1218 'X-RAY DIFFRACTION' ? 
r_bond_other_d               ?      ?      ? ?    'X-RAY DIFFRACTION' ? 
r_angle_refined_deg          1.398  1.995  ? 1662 'X-RAY DIFFRACTION' ? 
r_angle_other_deg            ?      ?      ? ?    'X-RAY DIFFRACTION' ? 
r_dihedral_angle_1_deg       5.792  5.000  ? 157  'X-RAY DIFFRACTION' ? 
r_dihedral_angle_2_deg       34.878 26.038 ? 53   'X-RAY DIFFRACTION' ? 
r_dihedral_angle_3_deg       12.983 15.000 ? 232  'X-RAY DIFFRACTION' ? 
r_dihedral_angle_4_deg       19.974 15.000 ? 5    'X-RAY DIFFRACTION' ? 
r_chiral_restr               0.101  0.200  ? 193  'X-RAY DIFFRACTION' ? 
r_gen_planes_refined         0.005  0.020  ? 887  'X-RAY DIFFRACTION' ? 
r_gen_planes_other           ?      ?      ? ?    'X-RAY DIFFRACTION' ? 
r_nbd_refined                0.276  0.300  ? 526  'X-RAY DIFFRACTION' ? 
r_nbd_other                  ?      ?      ? ?    'X-RAY DIFFRACTION' ? 
r_nbtor_refined              0.323  0.500  ? 827  'X-RAY DIFFRACTION' ? 
r_nbtor_other                ?      ?      ? ?    'X-RAY DIFFRACTION' ? 
r_xyhbond_nbd_refined        0.225  0.500  ? 182  'X-RAY DIFFRACTION' ? 
r_xyhbond_nbd_other          ?      ?      ? ?    'X-RAY DIFFRACTION' ? 
r_metal_ion_refined          ?      ?      ? ?    'X-RAY DIFFRACTION' ? 
r_metal_ion_other            ?      ?      ? ?    'X-RAY DIFFRACTION' ? 
r_symmetry_vdw_refined       0.286  0.300  ? 27   'X-RAY DIFFRACTION' ? 
r_symmetry_vdw_other         ?      ?      ? ?    'X-RAY DIFFRACTION' ? 
r_symmetry_hbond_refined     0.208  0.500  ? 12   'X-RAY DIFFRACTION' ? 
r_symmetry_hbond_other       ?      ?      ? ?    'X-RAY DIFFRACTION' ? 
r_symmetry_metal_ion_refined ?      ?      ? ?    'X-RAY DIFFRACTION' ? 
r_symmetry_metal_ion_other   ?      ?      ? ?    'X-RAY DIFFRACTION' ? 
r_mcbond_it                  1.175  2.000  ? 753  'X-RAY DIFFRACTION' ? 
r_mcbond_other               ?      ?      ? ?    'X-RAY DIFFRACTION' ? 
r_mcangle_it                 1.643  3.000  ? 1186 'X-RAY DIFFRACTION' ? 
r_scbond_it                  1.070  2.000  ? 543  'X-RAY DIFFRACTION' ? 
r_scangle_it                 1.495  3.000  ? 465  'X-RAY DIFFRACTION' ? 
r_rigid_bond_restr           ?      ?      ? ?    'X-RAY DIFFRACTION' ? 
r_sphericity_free            ?      ?      ? ?    'X-RAY DIFFRACTION' ? 
r_sphericity_bonded          ?      ?      ? ?    'X-RAY DIFFRACTION' ? 
# 
_refine_ls_shell.pdbx_refine_id                   'X-RAY DIFFRACTION' 
_refine_ls_shell.pdbx_total_number_of_bins_used   20 
_refine_ls_shell.d_res_high                       1.95 
_refine_ls_shell.d_res_low                        2.003 
_refine_ls_shell.number_reflns_R_work             820 
_refine_ls_shell.R_factor_R_work                  0.233 
_refine_ls_shell.percent_reflns_obs               77.49 
_refine_ls_shell.R_factor_R_free                  0.288 
_refine_ls_shell.R_factor_R_free_error            ? 
_refine_ls_shell.percent_reflns_R_free            ? 
_refine_ls_shell.number_reflns_R_free             37 
_refine_ls_shell.number_reflns_all                ? 
_refine_ls_shell.R_factor_all                     ? 
_refine_ls_shell.redundancy_reflns_obs            ? 
_refine_ls_shell.number_reflns_obs                ? 
# 
_struct.entry_id                  3F8A 
_struct.title                     
;Crystal Structure of the R132K:R111L:L121E:R59W Mutant of Cellular Retinoic Acid-Binding Protein Type II Complexed with C15-aldehyde (a retinal analog) at 1.95 Angstrom resolution.
;
_struct.pdbx_model_details        ? 
_struct.pdbx_CASP_flag            ? 
_struct.pdbx_model_type_details   ? 
# 
_struct_keywords.entry_id        3F8A 
_struct_keywords.pdbx_keywords   'TRANSPORT PROTEIN' 
_struct_keywords.text            
;CRABPII, retinal, protonated schiff base, C15-aldehyde, retinoic acid, retinoid, Nucleus, Retinol-binding, Transport, Vitamin A, TRANSPORT PROTEIN
;
# 
loop_
_struct_asym.id 
_struct_asym.pdbx_blank_PDB_chainid_flag 
_struct_asym.pdbx_modified 
_struct_asym.entity_id 
_struct_asym.details 
A N N 1 ? 
B N N 2 ? 
C N N 3 ? 
D N N 4 ? 
# 
_struct_ref.id                         1 
_struct_ref.db_name                    UNP 
_struct_ref.db_code                    RABP2_HUMAN 
_struct_ref.pdbx_db_accession          P29373 
_struct_ref.entity_id                  1 
_struct_ref.pdbx_seq_one_letter_code   
;PNFSGNWKIIRSENFEELLKVLGVNVMLRKIAVAAASKPAVEIKQEGDTFYIKTSTTVRTTEINFKVGEEFEEQTVDGRP
CKSLVKWESENKMVCEQKLLKGEGPKTSWTRELTNDGELILTMTADDVVCTRVYVRE
;
_struct_ref.pdbx_align_begin           2 
_struct_ref.pdbx_db_isoform            ? 
# 
_struct_ref_seq.align_id                      1 
_struct_ref_seq.ref_id                        1 
_struct_ref_seq.pdbx_PDB_id_code              3F8A 
_struct_ref_seq.pdbx_strand_id                A 
_struct_ref_seq.seq_align_beg                 1 
_struct_ref_seq.pdbx_seq_align_beg_ins_code   ? 
_struct_ref_seq.seq_align_end                 137 
_struct_ref_seq.pdbx_seq_align_end_ins_code   ? 
_struct_ref_seq.pdbx_db_accession             P29373 
_struct_ref_seq.db_align_beg                  2 
_struct_ref_seq.pdbx_db_align_beg_ins_code    ? 
_struct_ref_seq.db_align_end                  138 
_struct_ref_seq.pdbx_db_align_end_ins_code    ? 
_struct_ref_seq.pdbx_auth_seq_align_beg       1 
_struct_ref_seq.pdbx_auth_seq_align_end       137 
# 
loop_
_struct_ref_seq_dif.align_id 
_struct_ref_seq_dif.pdbx_pdb_id_code 
_struct_ref_seq_dif.mon_id 
_struct_ref_seq_dif.pdbx_pdb_strand_id 
_struct_ref_seq_dif.seq_num 
_struct_ref_seq_dif.pdbx_pdb_ins_code 
_struct_ref_seq_dif.pdbx_seq_db_name 
_struct_ref_seq_dif.pdbx_seq_db_accession_code 
_struct_ref_seq_dif.db_mon_id 
_struct_ref_seq_dif.pdbx_seq_db_seq_num 
_struct_ref_seq_dif.details 
_struct_ref_seq_dif.pdbx_auth_seq_num 
_struct_ref_seq_dif.pdbx_ordinal 
1 3F8A TRP A 59  ? UNP P29373 ARG 60  'engineered mutation' 59  1 
1 3F8A LEU A 111 ? UNP P29373 ARG 112 'engineered mutation' 111 2 
1 3F8A GLU A 121 ? UNP P29373 LEU 122 'engineered mutation' 121 3 
1 3F8A LYS A 132 ? UNP P29373 ARG 133 'engineered mutation' 132 4 
# 
_pdbx_struct_assembly.id                   1 
_pdbx_struct_assembly.details              author_and_software_defined_assembly 
_pdbx_struct_assembly.method_details       PISA 
_pdbx_struct_assembly.oligomeric_details   monomeric 
_pdbx_struct_assembly.oligomeric_count     1 
# 
_pdbx_struct_assembly_gen.assembly_id       1 
_pdbx_struct_assembly_gen.oper_expression   1 
_pdbx_struct_assembly_gen.asym_id_list      A,B,C,D 
# 
_pdbx_struct_oper_list.id                   1 
_pdbx_struct_oper_list.type                 'identity operation' 
_pdbx_struct_oper_list.name                 1_555 
_pdbx_struct_oper_list.symmetry_operation   x,y,z 
_pdbx_struct_oper_list.matrix[1][1]         1.0000000000 
_pdbx_struct_oper_list.matrix[1][2]         0.0000000000 
_pdbx_struct_oper_list.matrix[1][3]         0.0000000000 
_pdbx_struct_oper_list.vector[1]            0.0000000000 
_pdbx_struct_oper_list.matrix[2][1]         0.0000000000 
_pdbx_struct_oper_list.matrix[2][2]         1.0000000000 
_pdbx_struct_oper_list.matrix[2][3]         0.0000000000 
_pdbx_struct_oper_list.vector[2]            0.0000000000 
_pdbx_struct_oper_list.matrix[3][1]         0.0000000000 
_pdbx_struct_oper_list.matrix[3][2]         0.0000000000 
_pdbx_struct_oper_list.matrix[3][3]         1.0000000000 
_pdbx_struct_oper_list.vector[3]            0.0000000000 
# 
_struct_biol.id        1 
_struct_biol.details   ? 
# 
loop_
_struct_conf.conf_type_id 
_struct_conf.id 
_struct_conf.pdbx_PDB_helix_id 
_struct_conf.beg_label_comp_id 
_struct_conf.beg_label_asym_id 
_struct_conf.beg_label_seq_id 
_struct_conf.pdbx_beg_PDB_ins_code 
_struct_conf.end_label_comp_id 
_struct_conf.end_label_asym_id 
_struct_conf.end_label_seq_id 
_struct_conf.pdbx_end_PDB_ins_code 
_struct_conf.beg_auth_comp_id 
_struct_conf.beg_auth_asym_id 
_struct_conf.beg_auth_seq_id 
_struct_conf.end_auth_comp_id 
_struct_conf.end_auth_asym_id 
_struct_conf.end_auth_seq_id 
_struct_conf.pdbx_PDB_helix_class 
_struct_conf.details 
_struct_conf.pdbx_PDB_helix_length 
HELX_P HELX_P1 1 ASN A 14 ? LEU A 22 ? ASN A 14 LEU A 22 1 ? 9 
HELX_P HELX_P2 2 ASN A 25 ? VAL A 33 ? ASN A 25 VAL A 33 1 ? 9 
HELX_P HELX_P3 3 ALA A 34 ? LYS A 38 ? ALA A 34 LYS A 38 5 ? 5 
# 
_struct_conf_type.id          HELX_P 
_struct_conf_type.criteria    ? 
_struct_conf_type.reference   ? 
# 
_struct_conn.id                            covale1 
_struct_conn.conn_type_id                  covale 
_struct_conn.pdbx_leaving_atom_flag        none 
_struct_conn.pdbx_PDB_id                   ? 
_struct_conn.ptnr1_label_asym_id           A 
_struct_conn.ptnr1_label_comp_id           LYS 
_struct_conn.ptnr1_label_seq_id            132 
_struct_conn.ptnr1_label_atom_id           NZ 
_struct_conn.pdbx_ptnr1_label_alt_id       ? 
_struct_conn.pdbx_ptnr1_PDB_ins_code       ? 
_struct_conn.pdbx_ptnr1_standard_comp_id   ? 
_struct_conn.ptnr1_symmetry                1_555 
_struct_conn.ptnr2_label_asym_id           C 
_struct_conn.ptnr2_label_comp_id           LSR 
_struct_conn.ptnr2_label_seq_id            . 
_struct_conn.ptnr2_label_atom_id           CAF 
_struct_conn.pdbx_ptnr2_label_alt_id       ? 
_struct_conn.pdbx_ptnr2_PDB_ins_code       ? 
_struct_conn.ptnr1_auth_asym_id            A 
_struct_conn.ptnr1_auth_comp_id            LYS 
_struct_conn.ptnr1_auth_seq_id             132 
_struct_conn.ptnr2_auth_asym_id            A 
_struct_conn.ptnr2_auth_comp_id            LSR 
_struct_conn.ptnr2_auth_seq_id             139 
_struct_conn.ptnr2_symmetry                1_555 
_struct_conn.pdbx_ptnr3_label_atom_id      ? 
_struct_conn.pdbx_ptnr3_label_seq_id       ? 
_struct_conn.pdbx_ptnr3_label_comp_id      ? 
_struct_conn.pdbx_ptnr3_label_asym_id      ? 
_struct_conn.pdbx_ptnr3_label_alt_id       ? 
_struct_conn.pdbx_ptnr3_PDB_ins_code       ? 
_struct_conn.details                       ? 
_struct_conn.pdbx_dist_value               1.263 
_struct_conn.pdbx_value_order              ? 
_struct_conn.pdbx_role                     ? 
# 
_struct_conn_type.id          covale 
_struct_conn_type.criteria    ? 
_struct_conn_type.reference   ? 
# 
_pdbx_modification_feature.ordinal                            1 
_pdbx_modification_feature.label_comp_id                      LSR 
_pdbx_modification_feature.label_asym_id                      C 
_pdbx_modification_feature.label_seq_id                       . 
_pdbx_modification_feature.label_alt_id                       ? 
_pdbx_modification_feature.modified_residue_label_comp_id     LYS 
_pdbx_modification_feature.modified_residue_label_asym_id     A 
_pdbx_modification_feature.modified_residue_label_seq_id      132 
_pdbx_modification_feature.modified_residue_label_alt_id      ? 
_pdbx_modification_feature.auth_comp_id                       LSR 
_pdbx_modification_feature.auth_asym_id                       A 
_pdbx_modification_feature.auth_seq_id                        139 
_pdbx_modification_feature.PDB_ins_code                       ? 
_pdbx_modification_feature.symmetry                           1_555 
_pdbx_modification_feature.modified_residue_auth_comp_id      LYS 
_pdbx_modification_feature.modified_residue_auth_asym_id      A 
_pdbx_modification_feature.modified_residue_auth_seq_id       132 
_pdbx_modification_feature.modified_residue_PDB_ins_code      ? 
_pdbx_modification_feature.modified_residue_symmetry          1_555 
_pdbx_modification_feature.comp_id_linking_atom               CAF 
_pdbx_modification_feature.modified_residue_id_linking_atom   NZ 
_pdbx_modification_feature.modified_residue_id                LYS 
_pdbx_modification_feature.ref_pcm_id                         1 
_pdbx_modification_feature.ref_comp_id                        LSR 
_pdbx_modification_feature.type                               None 
_pdbx_modification_feature.category                           Lipid/lipid-like 
# 
_struct_sheet.id               A 
_struct_sheet.type             ? 
_struct_sheet.number_strands   10 
_struct_sheet.details          ? 
# 
loop_
_struct_sheet_order.sheet_id 
_struct_sheet_order.range_id_1 
_struct_sheet_order.range_id_2 
_struct_sheet_order.offset 
_struct_sheet_order.sense 
A 1 2  ? anti-parallel 
A 2 3  ? anti-parallel 
A 3 4  ? anti-parallel 
A 4 5  ? anti-parallel 
A 5 6  ? anti-parallel 
A 6 7  ? anti-parallel 
A 7 8  ? anti-parallel 
A 8 9  ? anti-parallel 
A 9 10 ? anti-parallel 
# 
loop_
_struct_sheet_range.sheet_id 
_struct_sheet_range.id 
_struct_sheet_range.beg_label_comp_id 
_struct_sheet_range.beg_label_asym_id 
_struct_sheet_range.beg_label_seq_id 
_struct_sheet_range.pdbx_beg_PDB_ins_code 
_struct_sheet_range.end_label_comp_id 
_struct_sheet_range.end_label_asym_id 
_struct_sheet_range.end_label_seq_id 
_struct_sheet_range.pdbx_end_PDB_ins_code 
_struct_sheet_range.beg_auth_comp_id 
_struct_sheet_range.beg_auth_asym_id 
_struct_sheet_range.beg_auth_seq_id 
_struct_sheet_range.end_auth_comp_id 
_struct_sheet_range.end_auth_asym_id 
_struct_sheet_range.end_auth_seq_id 
A 1  THR A 60  ? LYS A 66  ? THR A 60  LYS A 66  
A 2  THR A 49  ? SER A 55  ? THR A 49  SER A 55  
A 3  ALA A 40  ? GLU A 46  ? ALA A 40  GLU A 46  
A 4  GLY A 5   ? GLU A 13  ? GLY A 5   GLU A 13  
A 5  VAL A 128 ? ARG A 136 ? VAL A 128 ARG A 136 
A 6  LEU A 119 ? ALA A 125 ? LEU A 119 ALA A 125 
A 7  THR A 107 ? LEU A 113 ? THR A 107 LEU A 113 
A 8  LYS A 92  ? LEU A 99  ? LYS A 92  LEU A 99  
A 9  PRO A 80  ? SER A 89  ? PRO A 80  SER A 89  
A 10 PHE A 71  ? GLN A 74  ? PHE A 71  GLN A 74  
# 
loop_
_pdbx_struct_sheet_hbond.sheet_id 
_pdbx_struct_sheet_hbond.range_id_1 
_pdbx_struct_sheet_hbond.range_id_2 
_pdbx_struct_sheet_hbond.range_1_label_atom_id 
_pdbx_struct_sheet_hbond.range_1_label_comp_id 
_pdbx_struct_sheet_hbond.range_1_label_asym_id 
_pdbx_struct_sheet_hbond.range_1_label_seq_id 
_pdbx_struct_sheet_hbond.range_1_PDB_ins_code 
_pdbx_struct_sheet_hbond.range_1_auth_atom_id 
_pdbx_struct_sheet_hbond.range_1_auth_comp_id 
_pdbx_struct_sheet_hbond.range_1_auth_asym_id 
_pdbx_struct_sheet_hbond.range_1_auth_seq_id 
_pdbx_struct_sheet_hbond.range_2_label_atom_id 
_pdbx_struct_sheet_hbond.range_2_label_comp_id 
_pdbx_struct_sheet_hbond.range_2_label_asym_id 
_pdbx_struct_sheet_hbond.range_2_label_seq_id 
_pdbx_struct_sheet_hbond.range_2_PDB_ins_code 
_pdbx_struct_sheet_hbond.range_2_auth_atom_id 
_pdbx_struct_sheet_hbond.range_2_auth_comp_id 
_pdbx_struct_sheet_hbond.range_2_auth_asym_id 
_pdbx_struct_sheet_hbond.range_2_auth_seq_id 
A 1 2  O PHE A 65  ? O PHE A 65  N PHE A 50  ? N PHE A 50  
A 2 3  O LYS A 53  ? O LYS A 53  N GLU A 42  ? N GLU A 42  
A 3 4  O VAL A 41  ? O VAL A 41  N TRP A 7   ? N TRP A 7   
A 4 5  N ILE A 10  ? N ILE A 10  O VAL A 133 ? O VAL A 133 
A 5 6  O CYS A 130 ? O CYS A 130 N MET A 123 ? N MET A 123 
A 6 7  O ILE A 120 ? O ILE A 120 N GLU A 112 ? N GLU A 112 
A 7 8  O TRP A 109 ? O TRP A 109 N CYS A 95  ? N CYS A 95  
A 8 9  O LYS A 92  ? O LYS A 92  N GLU A 88  ? N GLU A 88  
A 9 10 O SER A 83  ? O SER A 83  N PHE A 71  ? N PHE A 71  
# 
loop_
_struct_site.id 
_struct_site.pdbx_evidence_code 
_struct_site.pdbx_auth_asym_id 
_struct_site.pdbx_auth_comp_id 
_struct_site.pdbx_auth_seq_id 
_struct_site.pdbx_auth_ins_code 
_struct_site.pdbx_num_residues 
_struct_site.details 
AC1 Software A B3P 138 ? 10 'BINDING SITE FOR RESIDUE B3P A 138' 
AC2 Software A LSR 139 ? 5  'BINDING SITE FOR RESIDUE LSR A 139' 
# 
loop_
_struct_site_gen.id 
_struct_site_gen.site_id 
_struct_site_gen.pdbx_num_res 
_struct_site_gen.label_comp_id 
_struct_site_gen.label_asym_id 
_struct_site_gen.label_seq_id 
_struct_site_gen.pdbx_auth_ins_code 
_struct_site_gen.auth_comp_id 
_struct_site_gen.auth_asym_id 
_struct_site_gen.auth_seq_id 
_struct_site_gen.label_atom_id 
_struct_site_gen.label_alt_id 
_struct_site_gen.symmetry 
_struct_site_gen.details 
1  AC1 10 THR A 54  ? THR A 54  . ? 1_555 ? 
2  AC1 10 ILE A 63  ? ILE A 63  . ? 1_555 ? 
3  AC1 10 GLU A 73  ? GLU A 73  . ? 1_555 ? 
4  AC1 10 TRP A 109 ? TRP A 109 . ? 1_555 ? 
5  AC1 10 GLU A 121 ? GLU A 121 . ? 1_555 ? 
6  AC1 10 MET A 123 ? MET A 123 . ? 1_555 ? 
7  AC1 10 LYS A 132 ? LYS A 132 . ? 1_555 ? 
8  AC1 10 TYR A 134 ? TYR A 134 . ? 1_555 ? 
9  AC1 10 LSR C .   ? LSR A 139 . ? 1_555 ? 
10 AC1 10 HOH D .   ? HOH A 145 . ? 1_555 ? 
11 AC2 5  PHE A 15  ? PHE A 15  . ? 1_555 ? 
12 AC2 5  ALA A 32  ? ALA A 32  . ? 1_555 ? 
13 AC2 5  THR A 56  ? THR A 56  . ? 1_555 ? 
14 AC2 5  LYS A 132 ? LYS A 132 . ? 1_555 ? 
15 AC2 5  B3P B .   ? B3P A 138 . ? 1_555 ? 
# 
_pdbx_entry_details.entry_id                   3F8A 
_pdbx_entry_details.compound_details           ? 
_pdbx_entry_details.source_details             ? 
_pdbx_entry_details.nonpolymer_details         ? 
_pdbx_entry_details.sequence_details           ? 
_pdbx_entry_details.has_ligand_of_interest     ? 
_pdbx_entry_details.has_protein_modification   Y 
# 
loop_
_pdbx_validate_torsion.id 
_pdbx_validate_torsion.PDB_model_num 
_pdbx_validate_torsion.auth_comp_id 
_pdbx_validate_torsion.auth_asym_id 
_pdbx_validate_torsion.auth_seq_id 
_pdbx_validate_torsion.PDB_ins_code 
_pdbx_validate_torsion.label_alt_id 
_pdbx_validate_torsion.phi 
_pdbx_validate_torsion.psi 
1 1 THR A 56  ? ? -124.06 -161.28 
2 1 GLU A 73  ? ? -148.45 -155.85 
3 1 GLU A 73  ? ? -142.68 -155.85 
4 1 ASP A 126 ? ? 43.90   -112.95 
# 
loop_
_chem_comp_atom.comp_id 
_chem_comp_atom.atom_id 
_chem_comp_atom.type_symbol 
_chem_comp_atom.pdbx_aromatic_flag 
_chem_comp_atom.pdbx_stereo_config 
_chem_comp_atom.pdbx_ordinal 
ALA N    N N N 1   
ALA CA   C N S 2   
ALA C    C N N 3   
ALA O    O N N 4   
ALA CB   C N N 5   
ALA OXT  O N N 6   
ALA H    H N N 7   
ALA H2   H N N 8   
ALA HA   H N N 9   
ALA HB1  H N N 10  
ALA HB2  H N N 11  
ALA HB3  H N N 12  
ALA HXT  H N N 13  
ARG N    N N N 14  
ARG CA   C N S 15  
ARG C    C N N 16  
ARG O    O N N 17  
ARG CB   C N N 18  
ARG CG   C N N 19  
ARG CD   C N N 20  
ARG NE   N N N 21  
ARG CZ   C N N 22  
ARG NH1  N N N 23  
ARG NH2  N N N 24  
ARG OXT  O N N 25  
ARG H    H N N 26  
ARG H2   H N N 27  
ARG HA   H N N 28  
ARG HB2  H N N 29  
ARG HB3  H N N 30  
ARG HG2  H N N 31  
ARG HG3  H N N 32  
ARG HD2  H N N 33  
ARG HD3  H N N 34  
ARG HE   H N N 35  
ARG HH11 H N N 36  
ARG HH12 H N N 37  
ARG HH21 H N N 38  
ARG HH22 H N N 39  
ARG HXT  H N N 40  
ASN N    N N N 41  
ASN CA   C N S 42  
ASN C    C N N 43  
ASN O    O N N 44  
ASN CB   C N N 45  
ASN CG   C N N 46  
ASN OD1  O N N 47  
ASN ND2  N N N 48  
ASN OXT  O N N 49  
ASN H    H N N 50  
ASN H2   H N N 51  
ASN HA   H N N 52  
ASN HB2  H N N 53  
ASN HB3  H N N 54  
ASN HD21 H N N 55  
ASN HD22 H N N 56  
ASN HXT  H N N 57  
ASP N    N N N 58  
ASP CA   C N S 59  
ASP C    C N N 60  
ASP O    O N N 61  
ASP CB   C N N 62  
ASP CG   C N N 63  
ASP OD1  O N N 64  
ASP OD2  O N N 65  
ASP OXT  O N N 66  
ASP H    H N N 67  
ASP H2   H N N 68  
ASP HA   H N N 69  
ASP HB2  H N N 70  
ASP HB3  H N N 71  
ASP HD2  H N N 72  
ASP HXT  H N N 73  
B3P C1   C N N 74  
B3P C2   C N N 75  
B3P C3   C N N 76  
B3P N1   N N N 77  
B3P C4   C N N 78  
B3P C5   C N N 79  
B3P C6   C N N 80  
B3P C7   C N N 81  
B3P N2   N N N 82  
B3P C8   C N N 83  
B3P C9   C N N 84  
B3P C10  C N N 85  
B3P C11  C N N 86  
B3P O1   O N N 87  
B3P O2   O N N 88  
B3P O3   O N N 89  
B3P O4   O N N 90  
B3P O5   O N N 91  
B3P O6   O N N 92  
B3P H11  H N N 93  
B3P H12  H N N 94  
B3P H21  H N N 95  
B3P H22  H N N 96  
B3P H31  H N N 97  
B3P H32  H N N 98  
B3P HN1  H N N 99  
B3P H51  H N N 100 
B3P H52  H N N 101 
B3P H61  H N N 102 
B3P H62  H N N 103 
B3P H71  H N N 104 
B3P H72  H N N 105 
B3P HN2  H N N 106 
B3P H91  H N N 107 
B3P H92  H N N 108 
B3P H101 H N N 109 
B3P H102 H N N 110 
B3P H111 H N N 111 
B3P H112 H N N 112 
B3P HO1  H N N 113 
B3P HO2  H N N 114 
B3P HO3  H N N 115 
B3P HO4  H N N 116 
B3P HO5  H N N 117 
B3P HO6  H N N 118 
CYS N    N N N 119 
CYS CA   C N R 120 
CYS C    C N N 121 
CYS O    O N N 122 
CYS CB   C N N 123 
CYS SG   S N N 124 
CYS OXT  O N N 125 
CYS H    H N N 126 
CYS H2   H N N 127 
CYS HA   H N N 128 
CYS HB2  H N N 129 
CYS HB3  H N N 130 
CYS HG   H N N 131 
CYS HXT  H N N 132 
GLN N    N N N 133 
GLN CA   C N S 134 
GLN C    C N N 135 
GLN O    O N N 136 
GLN CB   C N N 137 
GLN CG   C N N 138 
GLN CD   C N N 139 
GLN OE1  O N N 140 
GLN NE2  N N N 141 
GLN OXT  O N N 142 
GLN H    H N N 143 
GLN H2   H N N 144 
GLN HA   H N N 145 
GLN HB2  H N N 146 
GLN HB3  H N N 147 
GLN HG2  H N N 148 
GLN HG3  H N N 149 
GLN HE21 H N N 150 
GLN HE22 H N N 151 
GLN HXT  H N N 152 
GLU N    N N N 153 
GLU CA   C N S 154 
GLU C    C N N 155 
GLU O    O N N 156 
GLU CB   C N N 157 
GLU CG   C N N 158 
GLU CD   C N N 159 
GLU OE1  O N N 160 
GLU OE2  O N N 161 
GLU OXT  O N N 162 
GLU H    H N N 163 
GLU H2   H N N 164 
GLU HA   H N N 165 
GLU HB2  H N N 166 
GLU HB3  H N N 167 
GLU HG2  H N N 168 
GLU HG3  H N N 169 
GLU HE2  H N N 170 
GLU HXT  H N N 171 
GLY N    N N N 172 
GLY CA   C N N 173 
GLY C    C N N 174 
GLY O    O N N 175 
GLY OXT  O N N 176 
GLY H    H N N 177 
GLY H2   H N N 178 
GLY HA2  H N N 179 
GLY HA3  H N N 180 
GLY HXT  H N N 181 
HOH O    O N N 182 
HOH H1   H N N 183 
HOH H2   H N N 184 
ILE N    N N N 185 
ILE CA   C N S 186 
ILE C    C N N 187 
ILE O    O N N 188 
ILE CB   C N S 189 
ILE CG1  C N N 190 
ILE CG2  C N N 191 
ILE CD1  C N N 192 
ILE OXT  O N N 193 
ILE H    H N N 194 
ILE H2   H N N 195 
ILE HA   H N N 196 
ILE HB   H N N 197 
ILE HG12 H N N 198 
ILE HG13 H N N 199 
ILE HG21 H N N 200 
ILE HG22 H N N 201 
ILE HG23 H N N 202 
ILE HD11 H N N 203 
ILE HD12 H N N 204 
ILE HD13 H N N 205 
ILE HXT  H N N 206 
LEU N    N N N 207 
LEU CA   C N S 208 
LEU C    C N N 209 
LEU O    O N N 210 
LEU CB   C N N 211 
LEU CG   C N N 212 
LEU CD1  C N N 213 
LEU CD2  C N N 214 
LEU OXT  O N N 215 
LEU H    H N N 216 
LEU H2   H N N 217 
LEU HA   H N N 218 
LEU HB2  H N N 219 
LEU HB3  H N N 220 
LEU HG   H N N 221 
LEU HD11 H N N 222 
LEU HD12 H N N 223 
LEU HD13 H N N 224 
LEU HD21 H N N 225 
LEU HD22 H N N 226 
LEU HD23 H N N 227 
LEU HXT  H N N 228 
LSR CAF  C N N 229 
LSR CAE  C N N 230 
LSR CAD  C N N 231 
LSR CAA  C N N 232 
LSR CAC  C N N 233 
LSR CAB  C N N 234 
LSR CAK  C N N 235 
LSR CAJ  C N N 236 
LSR CAI  C N N 237 
LSR CAN  C N N 238 
LSR CAO  C N N 239 
LSR CAP  C N N 240 
LSR CAL  C N N 241 
LSR CAH  C N N 242 
LSR CAM  C N N 243 
LSR HAE  H N N 244 
LSR HAA  H N N 245 
LSR HAAA H N N 246 
LSR HAAB H N N 247 
LSR HAC  H N N 248 
LSR HAB  H N N 249 
LSR HAI  H N N 250 
LSR HAIA H N N 251 
LSR HAIB H N N 252 
LSR HAN  H N N 253 
LSR HANA H N N 254 
LSR HAO  H N N 255 
LSR HAOA H N N 256 
LSR HAP  H N N 257 
LSR HAPA H N N 258 
LSR HAH  H N N 259 
LSR HAHA H N N 260 
LSR HAHB H N N 261 
LSR HAM  H N N 262 
LSR HAMA H N N 263 
LSR HAMB H N N 264 
LSR HAF  H N N 265 
LSR HAFA H N N 266 
LSR H24  H N N 267 
LYS N    N N N 268 
LYS CA   C N S 269 
LYS C    C N N 270 
LYS O    O N N 271 
LYS CB   C N N 272 
LYS CG   C N N 273 
LYS CD   C N N 274 
LYS CE   C N N 275 
LYS NZ   N N N 276 
LYS OXT  O N N 277 
LYS H    H N N 278 
LYS H2   H N N 279 
LYS HA   H N N 280 
LYS HB2  H N N 281 
LYS HB3  H N N 282 
LYS HG2  H N N 283 
LYS HG3  H N N 284 
LYS HD2  H N N 285 
LYS HD3  H N N 286 
LYS HE2  H N N 287 
LYS HE3  H N N 288 
LYS HZ1  H N N 289 
LYS HZ2  H N N 290 
LYS HZ3  H N N 291 
LYS HXT  H N N 292 
MET N    N N N 293 
MET CA   C N S 294 
MET C    C N N 295 
MET O    O N N 296 
MET CB   C N N 297 
MET CG   C N N 298 
MET SD   S N N 299 
MET CE   C N N 300 
MET OXT  O N N 301 
MET H    H N N 302 
MET H2   H N N 303 
MET HA   H N N 304 
MET HB2  H N N 305 
MET HB3  H N N 306 
MET HG2  H N N 307 
MET HG3  H N N 308 
MET HE1  H N N 309 
MET HE2  H N N 310 
MET HE3  H N N 311 
MET HXT  H N N 312 
PHE N    N N N 313 
PHE CA   C N S 314 
PHE C    C N N 315 
PHE O    O N N 316 
PHE CB   C N N 317 
PHE CG   C Y N 318 
PHE CD1  C Y N 319 
PHE CD2  C Y N 320 
PHE CE1  C Y N 321 
PHE CE2  C Y N 322 
PHE CZ   C Y N 323 
PHE OXT  O N N 324 
PHE H    H N N 325 
PHE H2   H N N 326 
PHE HA   H N N 327 
PHE HB2  H N N 328 
PHE HB3  H N N 329 
PHE HD1  H N N 330 
PHE HD2  H N N 331 
PHE HE1  H N N 332 
PHE HE2  H N N 333 
PHE HZ   H N N 334 
PHE HXT  H N N 335 
PRO N    N N N 336 
PRO CA   C N S 337 
PRO C    C N N 338 
PRO O    O N N 339 
PRO CB   C N N 340 
PRO CG   C N N 341 
PRO CD   C N N 342 
PRO OXT  O N N 343 
PRO H    H N N 344 
PRO HA   H N N 345 
PRO HB2  H N N 346 
PRO HB3  H N N 347 
PRO HG2  H N N 348 
PRO HG3  H N N 349 
PRO HD2  H N N 350 
PRO HD3  H N N 351 
PRO HXT  H N N 352 
SER N    N N N 353 
SER CA   C N S 354 
SER C    C N N 355 
SER O    O N N 356 
SER CB   C N N 357 
SER OG   O N N 358 
SER OXT  O N N 359 
SER H    H N N 360 
SER H2   H N N 361 
SER HA   H N N 362 
SER HB2  H N N 363 
SER HB3  H N N 364 
SER HG   H N N 365 
SER HXT  H N N 366 
THR N    N N N 367 
THR CA   C N S 368 
THR C    C N N 369 
THR O    O N N 370 
THR CB   C N R 371 
THR OG1  O N N 372 
THR CG2  C N N 373 
THR OXT  O N N 374 
THR H    H N N 375 
THR H2   H N N 376 
THR HA   H N N 377 
THR HB   H N N 378 
THR HG1  H N N 379 
THR HG21 H N N 380 
THR HG22 H N N 381 
THR HG23 H N N 382 
THR HXT  H N N 383 
TRP N    N N N 384 
TRP CA   C N S 385 
TRP C    C N N 386 
TRP O    O N N 387 
TRP CB   C N N 388 
TRP CG   C Y N 389 
TRP CD1  C Y N 390 
TRP CD2  C Y N 391 
TRP NE1  N Y N 392 
TRP CE2  C Y N 393 
TRP CE3  C Y N 394 
TRP CZ2  C Y N 395 
TRP CZ3  C Y N 396 
TRP CH2  C Y N 397 
TRP OXT  O N N 398 
TRP H    H N N 399 
TRP H2   H N N 400 
TRP HA   H N N 401 
TRP HB2  H N N 402 
TRP HB3  H N N 403 
TRP HD1  H N N 404 
TRP HE1  H N N 405 
TRP HE3  H N N 406 
TRP HZ2  H N N 407 
TRP HZ3  H N N 408 
TRP HH2  H N N 409 
TRP HXT  H N N 410 
TYR N    N N N 411 
TYR CA   C N S 412 
TYR C    C N N 413 
TYR O    O N N 414 
TYR CB   C N N 415 
TYR CG   C Y N 416 
TYR CD1  C Y N 417 
TYR CD2  C Y N 418 
TYR CE1  C Y N 419 
TYR CE2  C Y N 420 
TYR CZ   C Y N 421 
TYR OH   O N N 422 
TYR OXT  O N N 423 
TYR H    H N N 424 
TYR H2   H N N 425 
TYR HA   H N N 426 
TYR HB2  H N N 427 
TYR HB3  H N N 428 
TYR HD1  H N N 429 
TYR HD2  H N N 430 
TYR HE1  H N N 431 
TYR HE2  H N N 432 
TYR HH   H N N 433 
TYR HXT  H N N 434 
VAL N    N N N 435 
VAL CA   C N S 436 
VAL C    C N N 437 
VAL O    O N N 438 
VAL CB   C N N 439 
VAL CG1  C N N 440 
VAL CG2  C N N 441 
VAL OXT  O N N 442 
VAL H    H N N 443 
VAL H2   H N N 444 
VAL HA   H N N 445 
VAL HB   H N N 446 
VAL HG11 H N N 447 
VAL HG12 H N N 448 
VAL HG13 H N N 449 
VAL HG21 H N N 450 
VAL HG22 H N N 451 
VAL HG23 H N N 452 
VAL HXT  H N N 453 
# 
loop_
_chem_comp_bond.comp_id 
_chem_comp_bond.atom_id_1 
_chem_comp_bond.atom_id_2 
_chem_comp_bond.value_order 
_chem_comp_bond.pdbx_aromatic_flag 
_chem_comp_bond.pdbx_stereo_config 
_chem_comp_bond.pdbx_ordinal 
ALA N   CA   sing N N 1   
ALA N   H    sing N N 2   
ALA N   H2   sing N N 3   
ALA CA  C    sing N N 4   
ALA CA  CB   sing N N 5   
ALA CA  HA   sing N N 6   
ALA C   O    doub N N 7   
ALA C   OXT  sing N N 8   
ALA CB  HB1  sing N N 9   
ALA CB  HB2  sing N N 10  
ALA CB  HB3  sing N N 11  
ALA OXT HXT  sing N N 12  
ARG N   CA   sing N N 13  
ARG N   H    sing N N 14  
ARG N   H2   sing N N 15  
ARG CA  C    sing N N 16  
ARG CA  CB   sing N N 17  
ARG CA  HA   sing N N 18  
ARG C   O    doub N N 19  
ARG C   OXT  sing N N 20  
ARG CB  CG   sing N N 21  
ARG CB  HB2  sing N N 22  
ARG CB  HB3  sing N N 23  
ARG CG  CD   sing N N 24  
ARG CG  HG2  sing N N 25  
ARG CG  HG3  sing N N 26  
ARG CD  NE   sing N N 27  
ARG CD  HD2  sing N N 28  
ARG CD  HD3  sing N N 29  
ARG NE  CZ   sing N N 30  
ARG NE  HE   sing N N 31  
ARG CZ  NH1  sing N N 32  
ARG CZ  NH2  doub N N 33  
ARG NH1 HH11 sing N N 34  
ARG NH1 HH12 sing N N 35  
ARG NH2 HH21 sing N N 36  
ARG NH2 HH22 sing N N 37  
ARG OXT HXT  sing N N 38  
ASN N   CA   sing N N 39  
ASN N   H    sing N N 40  
ASN N   H2   sing N N 41  
ASN CA  C    sing N N 42  
ASN CA  CB   sing N N 43  
ASN CA  HA   sing N N 44  
ASN C   O    doub N N 45  
ASN C   OXT  sing N N 46  
ASN CB  CG   sing N N 47  
ASN CB  HB2  sing N N 48  
ASN CB  HB3  sing N N 49  
ASN CG  OD1  doub N N 50  
ASN CG  ND2  sing N N 51  
ASN ND2 HD21 sing N N 52  
ASN ND2 HD22 sing N N 53  
ASN OXT HXT  sing N N 54  
ASP N   CA   sing N N 55  
ASP N   H    sing N N 56  
ASP N   H2   sing N N 57  
ASP CA  C    sing N N 58  
ASP CA  CB   sing N N 59  
ASP CA  HA   sing N N 60  
ASP C   O    doub N N 61  
ASP C   OXT  sing N N 62  
ASP CB  CG   sing N N 63  
ASP CB  HB2  sing N N 64  
ASP CB  HB3  sing N N 65  
ASP CG  OD1  doub N N 66  
ASP CG  OD2  sing N N 67  
ASP OD2 HD2  sing N N 68  
ASP OXT HXT  sing N N 69  
B3P C1  C2   sing N N 70  
B3P C1  C3   sing N N 71  
B3P C1  H11  sing N N 72  
B3P C1  H12  sing N N 73  
B3P C2  N2   sing N N 74  
B3P C2  H21  sing N N 75  
B3P C2  H22  sing N N 76  
B3P C3  N1   sing N N 77  
B3P C3  H31  sing N N 78  
B3P C3  H32  sing N N 79  
B3P N1  C4   sing N N 80  
B3P N1  HN1  sing N N 81  
B3P C4  C5   sing N N 82  
B3P C4  C6   sing N N 83  
B3P C4  C7   sing N N 84  
B3P C5  O4   sing N N 85  
B3P C5  H51  sing N N 86  
B3P C5  H52  sing N N 87  
B3P C6  O5   sing N N 88  
B3P C6  H61  sing N N 89  
B3P C6  H62  sing N N 90  
B3P C7  O6   sing N N 91  
B3P C7  H71  sing N N 92  
B3P C7  H72  sing N N 93  
B3P N2  C8   sing N N 94  
B3P N2  HN2  sing N N 95  
B3P C8  C9   sing N N 96  
B3P C8  C10  sing N N 97  
B3P C8  C11  sing N N 98  
B3P C9  O1   sing N N 99  
B3P C9  H91  sing N N 100 
B3P C9  H92  sing N N 101 
B3P C10 O2   sing N N 102 
B3P C10 H101 sing N N 103 
B3P C10 H102 sing N N 104 
B3P C11 O3   sing N N 105 
B3P C11 H111 sing N N 106 
B3P C11 H112 sing N N 107 
B3P O1  HO1  sing N N 108 
B3P O2  HO2  sing N N 109 
B3P O3  HO3  sing N N 110 
B3P O4  HO4  sing N N 111 
B3P O5  HO5  sing N N 112 
B3P O6  HO6  sing N N 113 
CYS N   CA   sing N N 114 
CYS N   H    sing N N 115 
CYS N   H2   sing N N 116 
CYS CA  C    sing N N 117 
CYS CA  CB   sing N N 118 
CYS CA  HA   sing N N 119 
CYS C   O    doub N N 120 
CYS C   OXT  sing N N 121 
CYS CB  SG   sing N N 122 
CYS CB  HB2  sing N N 123 
CYS CB  HB3  sing N N 124 
CYS SG  HG   sing N N 125 
CYS OXT HXT  sing N N 126 
GLN N   CA   sing N N 127 
GLN N   H    sing N N 128 
GLN N   H2   sing N N 129 
GLN CA  C    sing N N 130 
GLN CA  CB   sing N N 131 
GLN CA  HA   sing N N 132 
GLN C   O    doub N N 133 
GLN C   OXT  sing N N 134 
GLN CB  CG   sing N N 135 
GLN CB  HB2  sing N N 136 
GLN CB  HB3  sing N N 137 
GLN CG  CD   sing N N 138 
GLN CG  HG2  sing N N 139 
GLN CG  HG3  sing N N 140 
GLN CD  OE1  doub N N 141 
GLN CD  NE2  sing N N 142 
GLN NE2 HE21 sing N N 143 
GLN NE2 HE22 sing N N 144 
GLN OXT HXT  sing N N 145 
GLU N   CA   sing N N 146 
GLU N   H    sing N N 147 
GLU N   H2   sing N N 148 
GLU CA  C    sing N N 149 
GLU CA  CB   sing N N 150 
GLU CA  HA   sing N N 151 
GLU C   O    doub N N 152 
GLU C   OXT  sing N N 153 
GLU CB  CG   sing N N 154 
GLU CB  HB2  sing N N 155 
GLU CB  HB3  sing N N 156 
GLU CG  CD   sing N N 157 
GLU CG  HG2  sing N N 158 
GLU CG  HG3  sing N N 159 
GLU CD  OE1  doub N N 160 
GLU CD  OE2  sing N N 161 
GLU OE2 HE2  sing N N 162 
GLU OXT HXT  sing N N 163 
GLY N   CA   sing N N 164 
GLY N   H    sing N N 165 
GLY N   H2   sing N N 166 
GLY CA  C    sing N N 167 
GLY CA  HA2  sing N N 168 
GLY CA  HA3  sing N N 169 
GLY C   O    doub N N 170 
GLY C   OXT  sing N N 171 
GLY OXT HXT  sing N N 172 
HOH O   H1   sing N N 173 
HOH O   H2   sing N N 174 
ILE N   CA   sing N N 175 
ILE N   H    sing N N 176 
ILE N   H2   sing N N 177 
ILE CA  C    sing N N 178 
ILE CA  CB   sing N N 179 
ILE CA  HA   sing N N 180 
ILE C   O    doub N N 181 
ILE C   OXT  sing N N 182 
ILE CB  CG1  sing N N 183 
ILE CB  CG2  sing N N 184 
ILE CB  HB   sing N N 185 
ILE CG1 CD1  sing N N 186 
ILE CG1 HG12 sing N N 187 
ILE CG1 HG13 sing N N 188 
ILE CG2 HG21 sing N N 189 
ILE CG2 HG22 sing N N 190 
ILE CG2 HG23 sing N N 191 
ILE CD1 HD11 sing N N 192 
ILE CD1 HD12 sing N N 193 
ILE CD1 HD13 sing N N 194 
ILE OXT HXT  sing N N 195 
LEU N   CA   sing N N 196 
LEU N   H    sing N N 197 
LEU N   H2   sing N N 198 
LEU CA  C    sing N N 199 
LEU CA  CB   sing N N 200 
LEU CA  HA   sing N N 201 
LEU C   O    doub N N 202 
LEU C   OXT  sing N N 203 
LEU CB  CG   sing N N 204 
LEU CB  HB2  sing N N 205 
LEU CB  HB3  sing N N 206 
LEU CG  CD1  sing N N 207 
LEU CG  CD2  sing N N 208 
LEU CG  HG   sing N N 209 
LEU CD1 HD11 sing N N 210 
LEU CD1 HD12 sing N N 211 
LEU CD1 HD13 sing N N 212 
LEU CD2 HD21 sing N N 213 
LEU CD2 HD22 sing N N 214 
LEU CD2 HD23 sing N N 215 
LEU OXT HXT  sing N N 216 
LSR CAF CAE  sing N N 217 
LSR CAE CAD  doub N N 218 
LSR CAE HAE  sing N N 219 
LSR CAD CAA  sing N N 220 
LSR CAD CAC  sing N E 221 
LSR CAA HAA  sing N N 222 
LSR CAA HAAA sing N N 223 
LSR CAA HAAB sing N N 224 
LSR CAC CAB  doub N N 225 
LSR CAC HAC  sing N N 226 
LSR CAB CAK  sing N N 227 
LSR CAB HAB  sing N E 228 
LSR CAK CAJ  doub N N 229 
LSR CAK CAL  sing N N 230 
LSR CAJ CAI  sing N N 231 
LSR CAJ CAN  sing N N 232 
LSR CAI HAI  sing N N 233 
LSR CAI HAIA sing N N 234 
LSR CAI HAIB sing N N 235 
LSR CAN CAO  sing N N 236 
LSR CAN HAN  sing N N 237 
LSR CAN HANA sing N N 238 
LSR CAO CAP  sing N N 239 
LSR CAO HAO  sing N N 240 
LSR CAO HAOA sing N N 241 
LSR CAP CAL  sing N N 242 
LSR CAP HAP  sing N N 243 
LSR CAP HAPA sing N N 244 
LSR CAL CAH  sing N N 245 
LSR CAL CAM  sing N N 246 
LSR CAH HAH  sing N N 247 
LSR CAH HAHA sing N N 248 
LSR CAH HAHB sing N N 249 
LSR CAM HAM  sing N N 250 
LSR CAM HAMA sing N N 251 
LSR CAM HAMB sing N N 252 
LSR CAF HAF  sing N N 253 
LSR CAF HAFA sing N N 254 
LSR CAF H24  sing N N 255 
LYS N   CA   sing N N 256 
LYS N   H    sing N N 257 
LYS N   H2   sing N N 258 
LYS CA  C    sing N N 259 
LYS CA  CB   sing N N 260 
LYS CA  HA   sing N N 261 
LYS C   O    doub N N 262 
LYS C   OXT  sing N N 263 
LYS CB  CG   sing N N 264 
LYS CB  HB2  sing N N 265 
LYS CB  HB3  sing N N 266 
LYS CG  CD   sing N N 267 
LYS CG  HG2  sing N N 268 
LYS CG  HG3  sing N N 269 
LYS CD  CE   sing N N 270 
LYS CD  HD2  sing N N 271 
LYS CD  HD3  sing N N 272 
LYS CE  NZ   sing N N 273 
LYS CE  HE2  sing N N 274 
LYS CE  HE3  sing N N 275 
LYS NZ  HZ1  sing N N 276 
LYS NZ  HZ2  sing N N 277 
LYS NZ  HZ3  sing N N 278 
LYS OXT HXT  sing N N 279 
MET N   CA   sing N N 280 
MET N   H    sing N N 281 
MET N   H2   sing N N 282 
MET CA  C    sing N N 283 
MET CA  CB   sing N N 284 
MET CA  HA   sing N N 285 
MET C   O    doub N N 286 
MET C   OXT  sing N N 287 
MET CB  CG   sing N N 288 
MET CB  HB2  sing N N 289 
MET CB  HB3  sing N N 290 
MET CG  SD   sing N N 291 
MET CG  HG2  sing N N 292 
MET CG  HG3  sing N N 293 
MET SD  CE   sing N N 294 
MET CE  HE1  sing N N 295 
MET CE  HE2  sing N N 296 
MET CE  HE3  sing N N 297 
MET OXT HXT  sing N N 298 
PHE N   CA   sing N N 299 
PHE N   H    sing N N 300 
PHE N   H2   sing N N 301 
PHE CA  C    sing N N 302 
PHE CA  CB   sing N N 303 
PHE CA  HA   sing N N 304 
PHE C   O    doub N N 305 
PHE C   OXT  sing N N 306 
PHE CB  CG   sing N N 307 
PHE CB  HB2  sing N N 308 
PHE CB  HB3  sing N N 309 
PHE CG  CD1  doub Y N 310 
PHE CG  CD2  sing Y N 311 
PHE CD1 CE1  sing Y N 312 
PHE CD1 HD1  sing N N 313 
PHE CD2 CE2  doub Y N 314 
PHE CD2 HD2  sing N N 315 
PHE CE1 CZ   doub Y N 316 
PHE CE1 HE1  sing N N 317 
PHE CE2 CZ   sing Y N 318 
PHE CE2 HE2  sing N N 319 
PHE CZ  HZ   sing N N 320 
PHE OXT HXT  sing N N 321 
PRO N   CA   sing N N 322 
PRO N   CD   sing N N 323 
PRO N   H    sing N N 324 
PRO CA  C    sing N N 325 
PRO CA  CB   sing N N 326 
PRO CA  HA   sing N N 327 
PRO C   O    doub N N 328 
PRO C   OXT  sing N N 329 
PRO CB  CG   sing N N 330 
PRO CB  HB2  sing N N 331 
PRO CB  HB3  sing N N 332 
PRO CG  CD   sing N N 333 
PRO CG  HG2  sing N N 334 
PRO CG  HG3  sing N N 335 
PRO CD  HD2  sing N N 336 
PRO CD  HD3  sing N N 337 
PRO OXT HXT  sing N N 338 
SER N   CA   sing N N 339 
SER N   H    sing N N 340 
SER N   H2   sing N N 341 
SER CA  C    sing N N 342 
SER CA  CB   sing N N 343 
SER CA  HA   sing N N 344 
SER C   O    doub N N 345 
SER C   OXT  sing N N 346 
SER CB  OG   sing N N 347 
SER CB  HB2  sing N N 348 
SER CB  HB3  sing N N 349 
SER OG  HG   sing N N 350 
SER OXT HXT  sing N N 351 
THR N   CA   sing N N 352 
THR N   H    sing N N 353 
THR N   H2   sing N N 354 
THR CA  C    sing N N 355 
THR CA  CB   sing N N 356 
THR CA  HA   sing N N 357 
THR C   O    doub N N 358 
THR C   OXT  sing N N 359 
THR CB  OG1  sing N N 360 
THR CB  CG2  sing N N 361 
THR CB  HB   sing N N 362 
THR OG1 HG1  sing N N 363 
THR CG2 HG21 sing N N 364 
THR CG2 HG22 sing N N 365 
THR CG2 HG23 sing N N 366 
THR OXT HXT  sing N N 367 
TRP N   CA   sing N N 368 
TRP N   H    sing N N 369 
TRP N   H2   sing N N 370 
TRP CA  C    sing N N 371 
TRP CA  CB   sing N N 372 
TRP CA  HA   sing N N 373 
TRP C   O    doub N N 374 
TRP C   OXT  sing N N 375 
TRP CB  CG   sing N N 376 
TRP CB  HB2  sing N N 377 
TRP CB  HB3  sing N N 378 
TRP CG  CD1  doub Y N 379 
TRP CG  CD2  sing Y N 380 
TRP CD1 NE1  sing Y N 381 
TRP CD1 HD1  sing N N 382 
TRP CD2 CE2  doub Y N 383 
TRP CD2 CE3  sing Y N 384 
TRP NE1 CE2  sing Y N 385 
TRP NE1 HE1  sing N N 386 
TRP CE2 CZ2  sing Y N 387 
TRP CE3 CZ3  doub Y N 388 
TRP CE3 HE3  sing N N 389 
TRP CZ2 CH2  doub Y N 390 
TRP CZ2 HZ2  sing N N 391 
TRP CZ3 CH2  sing Y N 392 
TRP CZ3 HZ3  sing N N 393 
TRP CH2 HH2  sing N N 394 
TRP OXT HXT  sing N N 395 
TYR N   CA   sing N N 396 
TYR N   H    sing N N 397 
TYR N   H2   sing N N 398 
TYR CA  C    sing N N 399 
TYR CA  CB   sing N N 400 
TYR CA  HA   sing N N 401 
TYR C   O    doub N N 402 
TYR C   OXT  sing N N 403 
TYR CB  CG   sing N N 404 
TYR CB  HB2  sing N N 405 
TYR CB  HB3  sing N N 406 
TYR CG  CD1  doub Y N 407 
TYR CG  CD2  sing Y N 408 
TYR CD1 CE1  sing Y N 409 
TYR CD1 HD1  sing N N 410 
TYR CD2 CE2  doub Y N 411 
TYR CD2 HD2  sing N N 412 
TYR CE1 CZ   doub Y N 413 
TYR CE1 HE1  sing N N 414 
TYR CE2 CZ   sing Y N 415 
TYR CE2 HE2  sing N N 416 
TYR CZ  OH   sing N N 417 
TYR OH  HH   sing N N 418 
TYR OXT HXT  sing N N 419 
VAL N   CA   sing N N 420 
VAL N   H    sing N N 421 
VAL N   H2   sing N N 422 
VAL CA  C    sing N N 423 
VAL CA  CB   sing N N 424 
VAL CA  HA   sing N N 425 
VAL C   O    doub N N 426 
VAL C   OXT  sing N N 427 
VAL CB  CG1  sing N N 428 
VAL CB  CG2  sing N N 429 
VAL CB  HB   sing N N 430 
VAL CG1 HG11 sing N N 431 
VAL CG1 HG12 sing N N 432 
VAL CG1 HG13 sing N N 433 
VAL CG2 HG21 sing N N 434 
VAL CG2 HG22 sing N N 435 
VAL CG2 HG23 sing N N 436 
VAL OXT HXT  sing N N 437 
# 
_pdbx_initial_refinement_model.id               1 
_pdbx_initial_refinement_model.entity_id_list   ? 
_pdbx_initial_refinement_model.type             'experimental model' 
_pdbx_initial_refinement_model.source_name      PDB 
_pdbx_initial_refinement_model.accession_code   2G7B 
_pdbx_initial_refinement_model.details          'PDB entry 2G7B' 
# 
_atom_sites.entry_id                    3F8A 
_atom_sites.fract_transf_matrix[1][1]   0.01167700 
_atom_sites.fract_transf_matrix[1][2]   -0.00058245 
_atom_sites.fract_transf_matrix[1][3]   -0.01591655 
_atom_sites.fract_transf_matrix[2][1]   -0.00794184 
_atom_sites.fract_transf_matrix[2][2]   -0.00138845 
_atom_sites.fract_transf_matrix[2][3]   -0.01802838 
_atom_sites.fract_transf_matrix[3][1]   -0.00033010 
_atom_sites.fract_transf_matrix[3][2]   0.00958901 
_atom_sites.fract_transf_matrix[3][3]   -0.00059308 
_atom_sites.fract_transf_vector[1]      -0.257070 
_atom_sites.fract_transf_vector[2]      0.265386 
_atom_sites.fract_transf_vector[3]      0.051465 
# 
loop_
_atom_type.symbol 
C 
N 
O 
S 
# 
loop_
_atom_site.group_PDB 
_atom_site.id 
_atom_site.type_symbol 
_atom_site.label_atom_id 
_atom_site.label_alt_id 
_atom_site.label_comp_id 
_atom_site.label_asym_id 
_atom_site.label_entity_id 
_atom_site.label_seq_id 
_atom_site.pdbx_PDB_ins_code 
_atom_site.Cartn_x 
_atom_site.Cartn_y 
_atom_site.Cartn_z 
_atom_site.occupancy 
_atom_site.B_iso_or_equiv 
_atom_site.pdbx_formal_charge 
_atom_site.auth_seq_id 
_atom_site.auth_comp_id 
_atom_site.auth_asym_id 
_atom_site.auth_atom_id 
_atom_site.pdbx_PDB_model_num 
ATOM   1    N N   . PRO A 1 1   ? -14.129 -12.289 5.432   0.60 30.85 ? 1   PRO A N   1 
ATOM   2    C CA  . PRO A 1 1   ? -12.695 -12.244 5.701   0.60 30.04 ? 1   PRO A CA  1 
ATOM   3    C C   . PRO A 1 1   ? -11.865 -12.776 4.541   0.60 29.71 ? 1   PRO A C   1 
ATOM   4    O O   . PRO A 1 1   ? -10.799 -13.368 4.756   0.60 30.44 ? 1   PRO A O   1 
ATOM   5    C CB  . PRO A 1 1   ? -12.547 -13.143 6.933   0.60 30.66 ? 1   PRO A CB  1 
ATOM   6    C CG  . PRO A 1 1   ? -13.838 -12.965 7.657   0.60 30.92 ? 1   PRO A CG  1 
ATOM   7    C CD  . PRO A 1 1   ? -14.889 -12.819 6.580   0.60 31.01 ? 1   PRO A CD  1 
ATOM   8    N N   . ASN A 1 2   ? -12.348 -12.583 3.316   1.00 28.07 ? 2   ASN A N   1 
ATOM   9    C CA  . ASN A 1 2   ? -11.505 -12.834 2.161   1.00 27.24 ? 2   ASN A CA  1 
ATOM   10   C C   . ASN A 1 2   ? -11.307 -11.566 1.325   1.00 26.11 ? 2   ASN A C   1 
ATOM   11   O O   . ASN A 1 2   ? -12.260 -10.969 0.829   1.00 26.03 ? 2   ASN A O   1 
ATOM   12   C CB  . ASN A 1 2   ? -11.987 -13.996 1.307   1.00 26.87 ? 2   ASN A CB  1 
ATOM   13   C CG  . ASN A 1 2   ? -10.946 -14.416 0.300   0.70 26.74 ? 2   ASN A CG  1 
ATOM   14   O OD1 . ASN A 1 2   ? -10.654 -13.677 -0.638  0.70 24.82 ? 2   ASN A OD1 1 
ATOM   15   N ND2 . ASN A 1 2   ? -10.353 -15.585 0.507   0.70 26.74 ? 2   ASN A ND2 1 
ATOM   16   N N   . PHE A 1 3   ? -10.051 -11.161 1.209   1.00 24.42 ? 3   PHE A N   1 
ATOM   17   C CA  . PHE A 1 3   ? -9.695  -9.860  0.619   1.00 22.81 ? 3   PHE A CA  1 
ATOM   18   C C   . PHE A 1 3   ? -9.744  -9.868  -0.910  1.00 22.66 ? 3   PHE A C   1 
ATOM   19   O O   . PHE A 1 3   ? -9.492  -8.847  -1.551  1.00 21.22 ? 3   PHE A O   1 
ATOM   20   C CB  . PHE A 1 3   ? -8.276  -9.465  1.053   1.00 21.58 ? 3   PHE A CB  1 
ATOM   21   C CG  . PHE A 1 3   ? -8.189  -8.888  2.454   1.00 21.37 ? 3   PHE A CG  1 
ATOM   22   C CD1 . PHE A 1 3   ? -8.327  -9.704  3.577   1.00 22.20 ? 3   PHE A CD1 1 
ATOM   23   C CD2 . PHE A 1 3   ? -7.942  -7.531  2.641   1.00 22.32 ? 3   PHE A CD2 1 
ATOM   24   C CE1 . PHE A 1 3   ? -8.228  -9.154  4.877   1.00 21.93 ? 3   PHE A CE1 1 
ATOM   25   C CE2 . PHE A 1 3   ? -7.853  -6.988  3.921   1.00 21.75 ? 3   PHE A CE2 1 
ATOM   26   C CZ  . PHE A 1 3   ? -7.985  -7.810  5.030   1.00 21.47 ? 3   PHE A CZ  1 
ATOM   27   N N   . SER A 1 4   ? -10.013 -11.026 -1.491  1.00 23.06 ? 4   SER A N   1 
ATOM   28   C CA  . SER A 1 4   ? -10.003 -11.181 -2.950  1.00 24.02 ? 4   SER A CA  1 
ATOM   29   C C   . SER A 1 4   ? -10.935 -10.192 -3.639  1.00 23.65 ? 4   SER A C   1 
ATOM   30   O O   . SER A 1 4   ? -12.050 -9.963  -3.174  1.00 24.73 ? 4   SER A O   1 
ATOM   31   C CB  . SER A 1 4   ? -10.372 -12.619 -3.321  1.00 23.47 ? 4   SER A CB  1 
ATOM   32   O OG  . SER A 1 4   ? -9.333  -13.506 -2.959  1.00 23.70 ? 4   SER A OG  1 
ATOM   33   N N   . GLY A 1 5   ? -10.483 -9.582  -4.737  1.00 23.72 ? 5   GLY A N   1 
ATOM   34   C CA  . GLY A 1 5   ? -11.362 -8.705  -5.507  1.00 23.67 ? 5   GLY A CA  1 
ATOM   35   C C   . GLY A 1 5   ? -10.638 -7.866  -6.561  1.00 24.88 ? 5   GLY A C   1 
ATOM   36   O O   . GLY A 1 5   ? -9.416  -7.883  -6.646  1.00 24.86 ? 5   GLY A O   1 
ATOM   37   N N   . ASN A 1 6   ? -11.404 -7.153  -7.370  1.00 25.03 ? 6   ASN A N   1 
ATOM   38   C CA  . ASN A 1 6   ? -10.858 -6.111  -8.218  1.00 26.28 ? 6   ASN A CA  1 
ATOM   39   C C   . ASN A 1 6   ? -11.346 -4.821  -7.631  1.00 24.59 ? 6   ASN A C   1 
ATOM   40   O O   . ASN A 1 6   ? -12.539 -4.530  -7.668  1.00 24.08 ? 6   ASN A O   1 
ATOM   41   C CB  . ASN A 1 6   ? -11.333 -6.266  -9.663  1.00 29.02 ? 6   ASN A CB  1 
ATOM   42   C CG  . ASN A 1 6   ? -10.682 -7.419  -10.343 1.00 30.76 ? 6   ASN A CG  1 
ATOM   43   O OD1 . ASN A 1 6   ? -9.466  -7.415  -10.579 1.00 33.56 ? 6   ASN A OD1 1 
ATOM   44   N ND2 . ASN A 1 6   ? -11.463 -8.440  -10.639 1.00 31.80 ? 6   ASN A ND2 1 
ATOM   45   N N   . TRP A 1 7   ? -10.418 -4.064  -7.052  1.00 22.45 ? 7   TRP A N   1 
ATOM   46   C CA  . TRP A 1 7   ? -10.777 -2.936  -6.217  1.00 22.25 ? 7   TRP A CA  1 
ATOM   47   C C   . TRP A 1 7   ? -10.512 -1.609  -6.925  1.00 22.92 ? 7   TRP A C   1 
ATOM   48   O O   . TRP A 1 7   ? -9.449  -1.422  -7.515  1.00 22.37 ? 7   TRP A O   1 
ATOM   49   C CB  . TRP A 1 7   ? -9.966  -2.986  -4.928  1.00 20.96 ? 7   TRP A CB  1 
ATOM   50   C CG  . TRP A 1 7   ? -10.259 -4.200  -4.067  1.00 20.77 ? 7   TRP A CG  1 
ATOM   51   C CD1 . TRP A 1 7   ? -9.578  -5.386  -4.046  1.00 20.30 ? 7   TRP A CD1 1 
ATOM   52   C CD2 . TRP A 1 7   ? -11.312 -4.321  -3.109  1.00 19.92 ? 7   TRP A CD2 1 
ATOM   53   N NE1 . TRP A 1 7   ? -10.143 -6.238  -3.111  1.00 20.85 ? 7   TRP A NE1 1 
ATOM   54   C CE2 . TRP A 1 7   ? -11.213 -5.600  -2.530  1.00 20.39 ? 7   TRP A CE2 1 
ATOM   55   C CE3 . TRP A 1 7   ? -12.322 -3.458  -2.673  1.00 21.10 ? 7   TRP A CE3 1 
ATOM   56   C CZ2 . TRP A 1 7   ? -12.097 -6.045  -1.530  1.00 20.70 ? 7   TRP A CZ2 1 
ATOM   57   C CZ3 . TRP A 1 7   ? -13.211 -3.909  -1.673  1.00 20.30 ? 7   TRP A CZ3 1 
ATOM   58   C CH2 . TRP A 1 7   ? -13.088 -5.183  -1.127  1.00 20.48 ? 7   TRP A CH2 1 
ATOM   59   N N   . LYS A 1 8   ? -11.492 -0.714  -6.822  0.90 23.22 ? 8   LYS A N   1 
ATOM   60   C CA  . LYS A 1 8   ? -11.509 0.592   -7.451  0.90 24.59 ? 8   LYS A CA  1 
ATOM   61   C C   . LYS A 1 8   ? -11.532 1.610   -6.321  0.90 23.72 ? 8   LYS A C   1 
ATOM   62   O O   . LYS A 1 8   ? -12.299 1.474   -5.375  0.90 24.23 ? 8   LYS A O   1 
ATOM   63   C CB  . LYS A 1 8   ? -12.788 0.722   -8.303  0.70 24.77 ? 8   LYS A CB  1 
ATOM   64   C CG  . LYS A 1 8   ? -12.996 2.063   -8.979  0.20 25.03 ? 8   LYS A CG  1 
ATOM   65   C CD  . LYS A 1 8   ? -14.326 2.082   -9.722  0.20 24.84 ? 8   LYS A CD  1 
ATOM   66   C CE  . LYS A 1 8   ? -14.607 3.445   -10.346 0.20 25.08 ? 8   LYS A CE  1 
ATOM   67   N NZ  . LYS A 1 8   ? -15.895 3.456   -11.096 0.20 25.15 ? 8   LYS A NZ  1 
ATOM   68   N N   . ILE A 1 9   ? -10.712 2.635   -6.429  1.00 23.91 ? 9   ILE A N   1 
ATOM   69   C CA  . ILE A 1 9   ? -10.559 3.612   -5.350  1.00 25.33 ? 9   ILE A CA  1 
ATOM   70   C C   . ILE A 1 9   ? -11.674 4.661   -5.388  1.00 25.51 ? 9   ILE A C   1 
ATOM   71   O O   . ILE A 1 9   ? -12.001 5.170   -6.446  1.00 26.49 ? 9   ILE A O   1 
ATOM   72   C CB  . ILE A 1 9   ? -9.159  4.258   -5.434  1.00 25.88 ? 9   ILE A CB  1 
ATOM   73   C CG1 . ILE A 1 9   ? -8.882  5.163   -4.244  1.00 26.13 ? 9   ILE A CG1 1 
ATOM   74   C CG2 . ILE A 1 9   ? -8.983  4.998   -6.767  1.00 27.30 ? 9   ILE A CG2 1 
ATOM   75   C CD1 . ILE A 1 9   ? -7.428  5.573   -4.151  1.00 26.98 ? 9   ILE A CD1 1 
ATOM   76   N N   . ILE A 1 10  ? -12.279 4.968   -4.249  1.00 25.50 ? 10  ILE A N   1 
ATOM   77   C CA  . ILE A 1 10  ? -13.329 5.985   -4.222  1.00 25.15 ? 10  ILE A CA  1 
ATOM   78   C C   . ILE A 1 10  ? -12.995 7.166   -3.340  1.00 25.94 ? 10  ILE A C   1 
ATOM   79   O O   . ILE A 1 10  ? -13.587 8.235   -3.468  1.00 26.52 ? 10  ILE A O   1 
ATOM   80   C CB  . ILE A 1 10  ? -14.692 5.385   -3.792  1.00 25.69 ? 10  ILE A CB  1 
ATOM   81   C CG1 . ILE A 1 10  ? -14.560 4.660   -2.447  1.00 25.16 ? 10  ILE A CG1 1 
ATOM   82   C CG2 . ILE A 1 10  ? -15.196 4.442   -4.882  1.00 25.41 ? 10  ILE A CG2 1 
ATOM   83   C CD1 . ILE A 1 10  ? -15.860 4.331   -1.776  1.00 26.52 ? 10  ILE A CD1 1 
ATOM   84   N N   . ARG A 1 11  ? -12.050 6.974   -2.427  0.80 23.76 ? 11  ARG A N   1 
ATOM   85   C CA  . ARG A 1 11  ? -11.674 8.022   -1.500  1.00 24.40 ? 11  ARG A CA  1 
ATOM   86   C C   . ARG A 1 11  ? -10.182 7.947   -1.277  0.80 24.57 ? 11  ARG A C   1 
ATOM   87   O O   . ARG A 1 11  ? -9.627  6.860   -1.138  0.80 23.07 ? 11  ARG A O   1 
ATOM   88   C CB  . ARG A 1 11  ? -12.391 7.862   -0.143  0.70 24.35 ? 11  ARG A CB  1 
ATOM   89   C CG  . ARG A 1 11  ? -13.570 8.786   0.085   0.50 25.85 ? 11  ARG A CG  1 
ATOM   90   C CD  . ARG A 1 11  ? -13.980 8.826   1.562   0.50 25.77 ? 11  ARG A CD  1 
ATOM   91   N NE  . ARG A 1 11  ? -14.708 7.631   1.983   0.30 26.73 ? 11  ARG A NE  1 
ATOM   92   C CZ  . ARG A 1 11  ? -14.853 7.250   3.248   0.30 27.43 ? 11  ARG A CZ  1 
ATOM   93   N NH1 . ARG A 1 11  ? -15.542 6.150   3.541   0.50 27.57 ? 11  ARG A NH1 1 
ATOM   94   N NH2 . ARG A 1 11  ? -14.308 7.968   4.225   0.50 28.09 ? 11  ARG A NH2 1 
ATOM   95   N N   . SER A 1 12  ? -9.543  9.106   -1.244  1.00 26.32 ? 12  SER A N   1 
ATOM   96   C CA  . SER A 1 12  ? -8.139  9.215   -0.854  1.00 27.47 ? 12  SER A CA  1 
ATOM   97   C C   . SER A 1 12  ? -7.939  10.443  0.049   1.00 28.62 ? 12  SER A C   1 
ATOM   98   O O   . SER A 1 12  ? -8.614  11.461  -0.137  1.00 29.01 ? 12  SER A O   1 
ATOM   99   C CB  . SER A 1 12  ? -7.273  9.327   -2.098  1.00 28.09 ? 12  SER A CB  1 
ATOM   100  O OG  . SER A 1 12  ? -5.913  9.253   -1.742  1.00 29.26 ? 12  SER A OG  1 
ATOM   101  N N   . GLU A 1 13  ? -7.053  10.351  1.040   1.00 27.00 ? 13  GLU A N   1 
ATOM   102  C CA  . GLU A 1 13  ? -6.703  11.519  1.851   1.00 27.82 ? 13  GLU A CA  1 
ATOM   103  C C   . GLU A 1 13  ? -5.233  11.520  2.262   1.00 26.74 ? 13  GLU A C   1 
ATOM   104  O O   . GLU A 1 13  ? -4.693  10.480  2.656   1.00 26.45 ? 13  GLU A O   1 
ATOM   105  C CB  . GLU A 1 13  ? -7.615  11.658  3.095   1.00 29.40 ? 13  GLU A CB  1 
ATOM   106  C CG  . GLU A 1 13  ? -7.229  10.779  4.279   1.00 30.82 ? 13  GLU A CG  1 
ATOM   107  C CD  . GLU A 1 13  ? -8.017  11.101  5.538   0.80 31.59 ? 13  GLU A CD  1 
ATOM   108  O OE1 . GLU A 1 13  ? -9.180  11.555  5.409   0.80 32.87 ? 13  GLU A OE1 1 
ATOM   109  O OE2 . GLU A 1 13  ? -7.466  10.908  6.652   0.80 32.92 ? 13  GLU A OE2 1 
ATOM   110  N N   . ASN A 1 14  ? -4.587  12.684  2.132   1.00 25.21 ? 14  ASN A N   1 
ATOM   111  C CA  A ASN A 1 14  ? -3.200  12.891  2.572   0.50 24.39 ? 14  ASN A CA  1 
ATOM   112  C CA  B ASN A 1 14  ? -3.211  12.858  2.604   0.50 24.89 ? 14  ASN A CA  1 
ATOM   113  C C   . ASN A 1 14  ? -2.137  12.196  1.721   1.00 23.21 ? 14  ASN A C   1 
ATOM   114  O O   . ASN A 1 14  ? -0.979  12.093  2.117   1.00 24.04 ? 14  ASN A O   1 
ATOM   115  C CB  A ASN A 1 14  ? -3.022  12.514  4.052   0.50 23.22 ? 14  ASN A CB  1 
ATOM   116  C CB  B ASN A 1 14  ? -3.096  12.341  4.049   0.50 24.65 ? 14  ASN A CB  1 
ATOM   117  C CG  A ASN A 1 14  ? -3.719  13.477  4.993   0.50 23.58 ? 14  ASN A CG  1 
ATOM   118  C CG  B ASN A 1 14  ? -2.519  13.363  4.999   0.50 25.51 ? 14  ASN A CG  1 
ATOM   119  O OD1 A ASN A 1 14  ? -4.095  14.591  4.610   0.50 22.98 ? 14  ASN A OD1 1 
ATOM   120  O OD1 B ASN A 1 14  ? -1.940  13.012  6.033   0.50 25.93 ? 14  ASN A OD1 1 
ATOM   121  N ND2 A ASN A 1 14  ? -3.892  13.056  6.237   0.50 22.26 ? 14  ASN A ND2 1 
ATOM   122  N ND2 B ASN A 1 14  ? -2.685  14.639  4.669   0.50 25.27 ? 14  ASN A ND2 1 
ATOM   123  N N   . PHE A 1 15  ? -2.500  11.750  0.524   1.00 23.09 ? 15  PHE A N   1 
ATOM   124  C CA  . PHE A 1 15  ? -1.500  11.126  -0.340  1.00 20.93 ? 15  PHE A CA  1 
ATOM   125  C C   . PHE A 1 15  ? -0.363  12.056  -0.808  1.00 21.79 ? 15  PHE A C   1 
ATOM   126  O O   . PHE A 1 15  ? 0.804   11.692  -0.744  1.00 19.13 ? 15  PHE A O   1 
ATOM   127  C CB  . PHE A 1 15  ? -2.133  10.423  -1.554  1.00 22.06 ? 15  PHE A CB  1 
ATOM   128  C CG  . PHE A 1 15  ? -1.164  9.590   -2.319  1.00 21.93 ? 15  PHE A CG  1 
ATOM   129  C CD1 . PHE A 1 15  ? -0.436  8.596   -1.681  1.00 22.12 ? 15  PHE A CD1 1 
ATOM   130  C CD2 . PHE A 1 15  ? -0.980  9.784   -3.676  1.00 23.11 ? 15  PHE A CD2 1 
ATOM   131  C CE1 . PHE A 1 15  ? 0.462   7.815   -2.381  1.00 23.31 ? 15  PHE A CE1 1 
ATOM   132  C CE2 . PHE A 1 15  ? -0.070  9.036   -4.368  1.00 23.19 ? 15  PHE A CE2 1 
ATOM   133  C CZ  . PHE A 1 15  ? 0.649   8.043   -3.734  1.00 23.44 ? 15  PHE A CZ  1 
ATOM   134  N N   . GLU A 1 16  ? -0.687  13.265  -1.272  1.00 21.55 ? 16  GLU A N   1 
ATOM   135  C CA  . GLU A 1 16  ? 0.375   14.169  -1.702  1.00 22.17 ? 16  GLU A CA  1 
ATOM   136  C C   . GLU A 1 16  ? 1.316   14.445  -0.536  1.00 21.89 ? 16  GLU A C   1 
ATOM   137  O O   . GLU A 1 16  ? 2.530   14.503  -0.700  1.00 21.95 ? 16  GLU A O   1 
ATOM   138  C CB  . GLU A 1 16  ? -0.219  15.500  -2.202  1.00 23.29 ? 16  GLU A CB  1 
ATOM   139  C CG  . GLU A 1 16  ? 0.831   16.424  -2.794  1.00 22.17 ? 16  GLU A CG  1 
ATOM   140  C CD  . GLU A 1 16  ? 0.211   17.626  -3.505  1.00 23.97 ? 16  GLU A CD  1 
ATOM   141  O OE1 . GLU A 1 16  ? -1.038  17.727  -3.587  0.90 22.92 ? 16  GLU A OE1 1 
ATOM   142  O OE2 . GLU A 1 16  ? 0.992   18.483  -3.960  0.90 25.60 ? 16  GLU A OE2 1 
ATOM   143  N N   . GLU A 1 17  ? 0.741   14.610  0.654   1.00 22.00 ? 17  GLU A N   1 
ATOM   144  C CA  . GLU A 1 17  ? 1.514   14.908  1.852   1.00 21.78 ? 17  GLU A CA  1 
ATOM   145  C C   . GLU A 1 17  ? 2.454   13.752  2.223   1.00 21.34 ? 17  GLU A C   1 
ATOM   146  O O   . GLU A 1 17  ? 3.612   13.944  2.680   1.00 19.36 ? 17  GLU A O   1 
ATOM   147  C CB  . GLU A 1 17  ? 0.532   15.203  2.985   1.00 24.11 ? 17  GLU A CB  1 
ATOM   148  C CG  . GLU A 1 17  ? -0.176  16.594  2.814   1.00 26.85 ? 17  GLU A CG  1 
ATOM   149  C CD  . GLU A 1 17  ? -1.491  16.594  2.004   0.70 27.85 ? 17  GLU A CD  1 
ATOM   150  O OE1 . GLU A 1 17  ? -1.885  15.567  1.375   0.80 27.75 ? 17  GLU A OE1 1 
ATOM   151  O OE2 . GLU A 1 17  ? -2.141  17.674  1.995   0.70 27.71 ? 17  GLU A OE2 1 
ATOM   152  N N   . LEU A 1 18  ? 1.969   12.530  2.007   1.00 19.69 ? 18  LEU A N   1 
ATOM   153  C CA  . LEU A 1 18  ? 2.818   11.348  2.231   1.00 19.06 ? 18  LEU A CA  1 
ATOM   154  C C   . LEU A 1 18  ? 4.011   11.369  1.277   1.00 18.71 ? 18  LEU A C   1 
ATOM   155  O O   . LEU A 1 18  ? 5.154   11.156  1.683   1.00 21.10 ? 18  LEU A O   1 
ATOM   156  C CB  . LEU A 1 18  ? 1.994   10.067  1.993   1.00 18.01 ? 18  LEU A CB  1 
ATOM   157  C CG  . LEU A 1 18  ? 2.721   8.731   2.249   1.00 18.05 ? 18  LEU A CG  1 
ATOM   158  C CD1 . LEU A 1 18  ? 2.611   8.401   3.719   1.00 19.87 ? 18  LEU A CD1 1 
ATOM   159  C CD2 . LEU A 1 18  ? 2.058   7.596   1.440   1.00 18.92 ? 18  LEU A CD2 1 
ATOM   160  N N   . LEU A 1 19  ? 3.758   11.591  -0.008  1.00 19.66 ? 19  LEU A N   1 
ATOM   161  C CA  . LEU A 1 19  ? 4.863   11.634  -0.979  1.00 19.83 ? 19  LEU A CA  1 
ATOM   162  C C   . LEU A 1 19  ? 5.852   12.754  -0.646  1.00 20.32 ? 19  LEU A C   1 
ATOM   163  O O   . LEU A 1 19  ? 7.036   12.638  -0.918  1.00 20.26 ? 19  LEU A O   1 
ATOM   164  C CB  . LEU A 1 19  ? 4.351   11.845  -2.410  1.00 19.52 ? 19  LEU A CB  1 
ATOM   165  C CG  . LEU A 1 19  ? 3.422   10.743  -2.945  1.00 19.75 ? 19  LEU A CG  1 
ATOM   166  C CD1 . LEU A 1 19  ? 2.884   11.132  -4.322  1.00 18.65 ? 19  LEU A CD1 1 
ATOM   167  C CD2 . LEU A 1 19  ? 4.134   9.372   -2.932  1.00 19.07 ? 19  LEU A CD2 1 
ATOM   168  N N   . LYS A 1 20  ? 5.363   13.851  -0.080  1.00 21.57 ? 20  LYS A N   1 
ATOM   169  C CA  . LYS A 1 20  ? 6.286   14.940  0.272   1.00 23.05 ? 20  LYS A CA  1 
ATOM   170  C C   . LYS A 1 20  ? 7.225   14.519  1.414   1.00 24.33 ? 20  LYS A C   1 
ATOM   171  O O   . LYS A 1 20  ? 8.445   14.698  1.327   1.00 25.27 ? 20  LYS A O   1 
ATOM   172  C CB  . LYS A 1 20  ? 5.539   16.249  0.567   1.00 23.83 ? 20  LYS A CB  1 
ATOM   173  C CG  . LYS A 1 20  ? 6.479   17.407  0.925   1.00 24.83 ? 20  LYS A CG  1 
ATOM   174  C CD  . LYS A 1 20  ? 5.671   18.649  1.259   1.00 27.00 ? 20  LYS A CD  1 
ATOM   175  C CE  . LYS A 1 20  ? 6.610   19.865  1.444   1.00 27.92 ? 20  LYS A CE  1 
ATOM   176  N NZ  . LYS A 1 20  ? 5.839   21.143  1.392   1.00 27.78 ? 20  LYS A NZ  1 
ATOM   177  N N   . VAL A 1 21  ? 6.677   13.935  2.472   1.00 24.67 ? 21  VAL A N   1 
ATOM   178  C CA  . VAL A 1 21  ? 7.515   13.372  3.533   1.00 26.08 ? 21  VAL A CA  1 
ATOM   179  C C   . VAL A 1 21  ? 8.571   12.405  2.986   1.00 25.29 ? 21  VAL A C   1 
ATOM   180  O O   . VAL A 1 21  ? 9.701   12.334  3.492   1.00 24.81 ? 21  VAL A O   1 
ATOM   181  C CB  . VAL A 1 21  ? 6.655   12.610  4.559   1.00 27.99 ? 21  VAL A CB  1 
ATOM   182  C CG1 . VAL A 1 21  ? 7.487   11.523  5.265   1.00 28.02 ? 21  VAL A CG1 1 
ATOM   183  C CG2 . VAL A 1 21  ? 6.078   13.590  5.553   1.00 29.71 ? 21  VAL A CG2 1 
ATOM   184  N N   . LEU A 1 22  ? 8.192   11.643  1.955   1.00 24.77 ? 22  LEU A N   1 
ATOM   185  C CA  . LEU A 1 22  ? 9.102   10.705  1.323   1.00 24.53 ? 22  LEU A CA  1 
ATOM   186  C C   . LEU A 1 22  ? 10.117  11.347  0.391   1.00 24.52 ? 22  LEU A C   1 
ATOM   187  O O   . LEU A 1 22  ? 10.969  10.662  -0.163  1.00 25.85 ? 22  LEU A O   1 
ATOM   188  C CB  . LEU A 1 22  ? 8.337   9.596   0.604   1.00 24.64 ? 22  LEU A CB  1 
ATOM   189  C CG  . LEU A 1 22  ? 7.487   8.753   1.561   1.00 24.65 ? 22  LEU A CG  1 
ATOM   190  C CD1 . LEU A 1 22  ? 6.562   7.856   0.749   1.00 25.58 ? 22  LEU A CD1 1 
ATOM   191  C CD2 . LEU A 1 22  ? 8.367   7.905   2.493   1.00 27.09 ? 22  LEU A CD2 1 
ATOM   192  N N   . GLY A 1 23  ? 10.026  12.655  0.200   1.00 23.62 ? 23  GLY A N   1 
ATOM   193  C CA  . GLY A 1 23  ? 11.005  13.340  -0.629  1.00 24.07 ? 23  GLY A CA  1 
ATOM   194  C C   . GLY A 1 23  ? 10.742  13.220  -2.119  1.00 23.71 ? 23  GLY A C   1 
ATOM   195  O O   . GLY A 1 23  ? 11.641  13.460  -2.931  1.00 22.94 ? 23  GLY A O   1 
ATOM   196  N N   . VAL A 1 24  ? 9.512   12.862  -2.496  1.00 21.63 ? 24  VAL A N   1 
ATOM   197  C CA  . VAL A 1 24  ? 9.217   12.651  -3.916  1.00 22.35 ? 24  VAL A CA  1 
ATOM   198  C C   . VAL A 1 24  ? 9.194   14.009  -4.619  1.00 22.82 ? 24  VAL A C   1 
ATOM   199  O O   . VAL A 1 24  ? 8.670   14.977  -4.054  1.00 22.91 ? 24  VAL A O   1 
ATOM   200  C CB  . VAL A 1 24  ? 7.880   11.907  -4.099  1.00 22.17 ? 24  VAL A CB  1 
ATOM   201  C CG1 . VAL A 1 24  ? 7.474   11.843  -5.566  1.00 21.76 ? 24  VAL A CG1 1 
ATOM   202  C CG2 . VAL A 1 24  ? 8.006   10.445  -3.495  1.00 22.61 ? 24  VAL A CG2 1 
ATOM   203  N N   . ASN A 1 25  ? 9.758   14.063  -5.827  1.00 22.87 ? 25  ASN A N   1 
ATOM   204  C CA  . ASN A 1 25  ? 9.793   15.280  -6.663  0.80 23.13 ? 25  ASN A CA  1 
ATOM   205  C C   . ASN A 1 25  ? 8.379   15.863  -6.823  0.90 22.20 ? 25  ASN A C   1 
ATOM   206  O O   . ASN A 1 25  ? 7.438   15.138  -7.178  1.00 22.13 ? 25  ASN A O   1 
ATOM   207  C CB  . ASN A 1 25  ? 10.398  14.937  -8.047  0.80 25.02 ? 25  ASN A CB  1 
ATOM   208  C CG  . ASN A 1 25  ? 10.840  16.184  -8.850  0.90 27.86 ? 25  ASN A CG  1 
ATOM   209  O OD1 . ASN A 1 25  ? 11.960  16.227  -9.383  1.00 30.80 ? 25  ASN A OD1 1 
ATOM   210  N ND2 . ASN A 1 25  ? 9.968   17.179  -8.951  1.00 26.16 ? 25  ASN A ND2 1 
ATOM   211  N N   . VAL A 1 26  ? 8.220   17.152  -6.548  1.00 22.19 ? 26  VAL A N   1 
ATOM   212  C CA  . VAL A 1 26  ? 6.899   17.795  -6.665  1.00 23.11 ? 26  VAL A CA  1 
ATOM   213  C C   . VAL A 1 26  ? 6.246   17.537  -8.028  1.00 24.23 ? 26  VAL A C   1 
ATOM   214  O O   . VAL A 1 26  ? 5.001   17.460  -8.154  1.00 22.70 ? 26  VAL A O   1 
ATOM   215  C CB  . VAL A 1 26  ? 6.916   19.321  -6.292  1.00 24.00 ? 26  VAL A CB  1 
ATOM   216  C CG1 . VAL A 1 26  ? 7.814   20.128  -7.239  1.00 25.33 ? 26  VAL A CG1 1 
ATOM   217  C CG2 . VAL A 1 26  ? 5.452   19.900  -6.324  1.00 24.42 ? 26  VAL A CG2 1 
ATOM   218  N N   . MET A 1 27  ? 7.082   17.366  -9.055  1.00 24.05 ? 27  MET A N   1 
ATOM   219  C CA  . MET A 1 27  ? 6.571   17.135  -10.408 1.00 24.93 ? 27  MET A CA  1 
ATOM   220  C C   . MET A 1 27  ? 5.754   15.866  -10.397 1.00 24.67 ? 27  MET A C   1 
ATOM   221  O O   . MET A 1 27  ? 4.639   15.822  -10.953 1.00 22.74 ? 27  MET A O   1 
ATOM   222  C CB  . MET A 1 27  ? 7.723   16.978  -11.415 0.90 26.29 ? 27  MET A CB  1 
ATOM   223  C CG  . MET A 1 27  ? 8.465   18.280  -11.798 0.80 26.43 ? 27  MET A CG  1 
ATOM   224  S SD  . MET A 1 27  ? 9.940   17.909  -12.829 0.70 27.48 ? 27  MET A SD  1 
ATOM   225  C CE  . MET A 1 27  ? 10.378  19.556  -13.351 0.80 27.77 ? 27  MET A CE  1 
ATOM   226  N N   . LEU A 1 28  ? 6.306   14.833  -9.750  1.00 22.17 ? 28  LEU A N   1 
ATOM   227  C CA  . LEU A 1 28  ? 5.618   13.532  -9.658  1.00 21.94 ? 28  LEU A CA  1 
ATOM   228  C C   . LEU A 1 28  ? 4.486   13.625  -8.648  1.00 21.73 ? 28  LEU A C   1 
ATOM   229  O O   . LEU A 1 28  ? 3.450   12.935  -8.769  1.00 24.07 ? 28  LEU A O   1 
ATOM   230  C CB  . LEU A 1 28  ? 6.621   12.427  -9.241  1.00 22.07 ? 28  LEU A CB  1 
ATOM   231  C CG  . LEU A 1 28  ? 6.058   11.001  -9.058  1.00 22.12 ? 28  LEU A CG  1 
ATOM   232  C CD1 . LEU A 1 28  ? 5.299   10.575  -10.303 1.00 21.80 ? 28  LEU A CD1 1 
ATOM   233  C CD2 . LEU A 1 28  ? 7.201   9.984   -8.737  1.00 22.64 ? 28  LEU A CD2 1 
ATOM   234  N N   . ARG A 1 29  ? 4.648   14.470  -7.634  1.00 19.96 ? 29  ARG A N   1 
ATOM   235  C CA  . ARG A 1 29  ? 3.626   14.502  -6.604  1.00 20.57 ? 29  ARG A CA  1 
ATOM   236  C C   . ARG A 1 29  ? 2.297   14.958  -7.229  1.00 21.83 ? 29  ARG A C   1 
ATOM   237  O O   . ARG A 1 29  ? 1.237   14.412  -6.911  1.00 20.67 ? 29  ARG A O   1 
ATOM   238  C CB  . ARG A 1 29  ? 4.020   15.401  -5.423  1.00 20.22 ? 29  ARG A CB  1 
ATOM   239  C CG  . ARG A 1 29  ? 5.181   14.869  -4.612  1.00 20.50 ? 29  ARG A CG  1 
ATOM   240  C CD  . ARG A 1 29  ? 5.260   15.455  -3.199  1.00 22.72 ? 29  ARG A CD  1 
ATOM   241  N NE  . ARG A 1 29  ? 5.233   16.918  -3.057  1.00 23.22 ? 29  ARG A NE  1 
ATOM   242  C CZ  . ARG A 1 29  ? 6.302   17.699  -2.853  1.00 25.07 ? 29  ARG A CZ  1 
ATOM   243  N NH1 . ARG A 1 29  ? 7.542   17.211  -2.884  1.00 24.57 ? 29  ARG A NH1 1 
ATOM   244  N NH2 . ARG A 1 29  ? 6.144   19.002  -2.662  1.00 23.55 ? 29  ARG A NH2 1 
ATOM   245  N N   . LYS A 1 30  ? 2.351   15.968  -8.108  1.00 19.65 ? 30  LYS A N   1 
ATOM   246  C CA  . LYS A 1 30  ? 1.127   16.497  -8.721  1.00 20.29 ? 30  LYS A CA  1 
ATOM   247  C C   . LYS A 1 30  ? 0.516   15.512  -9.719  1.00 20.66 ? 30  LYS A C   1 
ATOM   248  O O   . LYS A 1 30  ? -0.695  15.395  -9.857  1.00 23.00 ? 30  LYS A O   1 
ATOM   249  C CB  . LYS A 1 30  ? 1.395   17.843  -9.400  1.00 19.79 ? 30  LYS A CB  1 
ATOM   250  C CG  . LYS A 1 30  ? 1.891   18.901  -8.393  1.00 19.84 ? 30  LYS A CG  1 
ATOM   251  C CD  . LYS A 1 30  ? 0.876   19.133  -7.255  1.00 20.93 ? 30  LYS A CD  1 
ATOM   252  C CE  . LYS A 1 30  ? 1.268   20.346  -6.394  1.00 21.02 ? 30  LYS A CE  1 
ATOM   253  N NZ  . LYS A 1 30  ? 0.270   20.543  -5.296  1.00 24.64 ? 30  LYS A NZ  1 
ATOM   254  N N   . ILE A 1 31  ? 1.363   14.825  -10.441 1.00 19.88 ? 31  ILE A N   1 
ATOM   255  C CA  A ILE A 1 31  ? 0.960   13.767  -11.369 0.50 21.01 ? 31  ILE A CA  1 
ATOM   256  C CA  B ILE A 1 31  ? 0.863   13.817  -11.370 0.50 20.96 ? 31  ILE A CA  1 
ATOM   257  C C   . ILE A 1 31  ? 0.301   12.610  -10.624 1.00 21.25 ? 31  ILE A C   1 
ATOM   258  O O   . ILE A 1 31  ? -0.698  12.028  -11.064 1.00 21.31 ? 31  ILE A O   1 
ATOM   259  C CB  A ILE A 1 31  ? 2.228   13.230  -12.072 0.50 20.83 ? 31  ILE A CB  1 
ATOM   260  C CB  B ILE A 1 31  ? 1.950   13.365  -12.356 0.50 21.31 ? 31  ILE A CB  1 
ATOM   261  C CG1 A ILE A 1 31  ? 2.809   14.319  -12.987 0.50 21.45 ? 31  ILE A CG1 1 
ATOM   262  C CG1 B ILE A 1 31  ? 2.221   14.480  -13.374 0.50 20.89 ? 31  ILE A CG1 1 
ATOM   263  C CG2 A ILE A 1 31  ? 1.944   11.909  -12.820 0.50 21.09 ? 31  ILE A CG2 1 
ATOM   264  C CG2 B ILE A 1 31  ? 1.535   12.068  -13.068 0.50 21.25 ? 31  ILE A CG2 1 
ATOM   265  C CD1 A ILE A 1 31  ? 4.144   13.946  -13.606 0.50 20.27 ? 31  ILE A CD1 1 
ATOM   266  C CD1 B ILE A 1 31  ? 3.503   14.260  -14.157 0.50 21.56 ? 31  ILE A CD1 1 
ATOM   267  N N   . ALA A 1 32  ? 0.893   12.268  -9.483  1.00 20.42 ? 32  ALA A N   1 
ATOM   268  C CA  . ALA A 1 32  ? 0.447   11.104  -8.723  1.00 20.91 ? 32  ALA A CA  1 
ATOM   269  C C   . ALA A 1 32  ? -0.957  11.263  -8.170  1.00 22.56 ? 32  ALA A C   1 
ATOM   270  O O   . ALA A 1 32  ? -1.691  10.264  -8.060  1.00 24.87 ? 32  ALA A O   1 
ATOM   271  C CB  . ALA A 1 32  ? 1.434   10.796  -7.620  1.00 20.79 ? 32  ALA A CB  1 
ATOM   272  N N   . VAL A 1 33  ? -1.340  12.496  -7.820  1.00 19.32 ? 33  VAL A N   1 
ATOM   273  C CA  . VAL A 1 33  ? -2.670  12.757  -7.263  1.00 20.80 ? 33  VAL A CA  1 
ATOM   274  C C   . VAL A 1 33  ? -3.732  12.978  -8.340  1.00 22.05 ? 33  VAL A C   1 
ATOM   275  O O   . VAL A 1 33  ? -4.920  13.076  -8.036  1.00 22.77 ? 33  VAL A O   1 
ATOM   276  C CB  . VAL A 1 33  ? -2.681  13.956  -6.262  1.00 20.41 ? 33  VAL A CB  1 
ATOM   277  C CG1 . VAL A 1 33  ? -1.750  13.673  -5.083  1.00 19.91 ? 33  VAL A CG1 1 
ATOM   278  C CG2 . VAL A 1 33  ? -2.255  15.261  -6.963  1.00 18.12 ? 33  VAL A CG2 1 
ATOM   279  N N   . ALA A 1 34  ? -3.307  13.065  -9.598  1.00 22.16 ? 34  ALA A N   1 
ATOM   280  C CA  . ALA A 1 34  ? -4.247  13.229  -10.696 1.00 23.13 ? 34  ALA A CA  1 
ATOM   281  C C   . ALA A 1 34  ? -5.175  12.014  -10.851 1.00 24.90 ? 34  ALA A C   1 
ATOM   282  O O   . ALA A 1 34  ? -4.757  10.859  -10.694 1.00 23.30 ? 34  ALA A O   1 
ATOM   283  C CB  . ALA A 1 34  ? -3.498  13.487  -11.989 1.00 23.64 ? 34  ALA A CB  1 
ATOM   284  N N   . ALA A 1 35  ? -6.440  12.293  -11.163 0.80 25.61 ? 35  ALA A N   1 
ATOM   285  C CA  . ALA A 1 35  ? -7.455  11.260  -11.290 0.80 26.72 ? 35  ALA A CA  1 
ATOM   286  C C   . ALA A 1 35  ? -7.002  10.211  -12.284 0.80 27.06 ? 35  ALA A C   1 
ATOM   287  O O   . ALA A 1 35  ? -7.369  9.045   -12.172 0.70 27.18 ? 35  ALA A O   1 
ATOM   288  C CB  . ALA A 1 35  ? -8.792  11.874  -11.730 0.80 27.01 ? 35  ALA A CB  1 
ATOM   289  N N   . ALA A 1 36  ? -6.198  10.642  -13.251 1.00 27.39 ? 36  ALA A N   1 
ATOM   290  C CA  . ALA A 1 36  ? -5.634  9.755   -14.261 1.00 27.92 ? 36  ALA A CA  1 
ATOM   291  C C   . ALA A 1 36  ? -4.777  8.648   -13.673 1.00 27.71 ? 36  ALA A C   1 
ATOM   292  O O   . ALA A 1 36  ? -4.710  7.540   -14.227 1.00 27.50 ? 36  ALA A O   1 
ATOM   293  C CB  . ALA A 1 36  ? -4.791  10.562  -15.249 1.00 28.45 ? 36  ALA A CB  1 
ATOM   294  N N   . SER A 1 37  ? -4.082  8.954   -12.578 1.00 27.21 ? 37  SER A N   1 
ATOM   295  C CA  . SER A 1 37  ? -3.079  8.025   -12.046 1.00 25.24 ? 37  SER A CA  1 
ATOM   296  C C   . SER A 1 37  ? -3.659  7.049   -11.013 1.00 24.61 ? 37  SER A C   1 
ATOM   297  O O   . SER A 1 37  ? -2.904  6.331   -10.344 1.00 23.57 ? 37  SER A O   1 
ATOM   298  C CB  . SER A 1 37  ? -1.885  8.785   -11.451 1.00 25.16 ? 37  SER A CB  1 
ATOM   299  O OG  . SER A 1 37  ? -1.335  9.693   -12.380 1.00 24.61 ? 37  SER A OG  1 
ATOM   300  N N   . LYS A 1 38  ? -4.991  7.003   -10.908 1.00 24.61 ? 38  LYS A N   1 
ATOM   301  C CA  . LYS A 1 38  ? -5.675  6.157   -9.919  1.00 23.63 ? 38  LYS A CA  1 
ATOM   302  C C   . LYS A 1 38  ? -5.265  4.703   -10.094 1.00 23.10 ? 38  LYS A C   1 
ATOM   303  O O   . LYS A 1 38  ? -5.234  4.206   -11.216 1.00 23.17 ? 38  LYS A O   1 
ATOM   304  C CB  . LYS A 1 38  ? -7.203  6.270   -10.066 0.90 24.47 ? 38  LYS A CB  1 
ATOM   305  C CG  . LYS A 1 38  ? -7.854  7.445   -9.320  0.80 24.77 ? 38  LYS A CG  1 
ATOM   306  C CD  . LYS A 1 38  ? -9.353  7.511   -9.678  0.70 24.98 ? 38  LYS A CD  1 
ATOM   307  C CE  . LYS A 1 38  ? -10.009 8.839   -9.295  0.60 24.86 ? 38  LYS A CE  1 
ATOM   308  N NZ  . LYS A 1 38  ? -11.504 8.788   -9.473  0.60 23.59 ? 38  LYS A NZ  1 
ATOM   309  N N   . PRO A 1 39  ? -4.910  4.024   -8.996  1.00 22.17 ? 39  PRO A N   1 
ATOM   310  C CA  . PRO A 1 39  ? -4.507  2.622   -9.133  1.00 21.80 ? 39  PRO A CA  1 
ATOM   311  C C   . PRO A 1 39  ? -5.666  1.639   -9.117  1.00 22.30 ? 39  PRO A C   1 
ATOM   312  O O   . PRO A 1 39  ? -6.555  1.732   -8.278  1.00 22.73 ? 39  PRO A O   1 
ATOM   313  C CB  . PRO A 1 39  ? -3.593  2.402   -7.930  1.00 23.35 ? 39  PRO A CB  1 
ATOM   314  C CG  . PRO A 1 39  ? -4.115  3.352   -6.892  1.00 22.92 ? 39  PRO A CG  1 
ATOM   315  C CD  . PRO A 1 39  ? -4.750  4.523   -7.619  1.00 22.87 ? 39  PRO A CD  1 
ATOM   316  N N   . ALA A 1 40  ? -5.672  0.721   -10.072 1.00 21.27 ? 40  ALA A N   1 
ATOM   317  C CA  . ALA A 1 40  ? -6.516  -0.446  -9.968  1.00 21.48 ? 40  ALA A CA  1 
ATOM   318  C C   . ALA A 1 40  ? -5.788  -1.497  -9.146  1.00 20.24 ? 40  ALA A C   1 
ATOM   319  O O   . ALA A 1 40  ? -4.631  -1.790  -9.402  1.00 19.85 ? 40  ALA A O   1 
ATOM   320  C CB  . ALA A 1 40  ? -6.811  -1.000  -11.349 1.00 22.98 ? 40  ALA A CB  1 
ATOM   321  N N   . VAL A 1 41  ? -6.475  -2.082  -8.179  1.00 18.62 ? 41  VAL A N   1 
ATOM   322  C CA  . VAL A 1 41  ? -5.854  -3.040  -7.310  1.00 19.75 ? 41  VAL A CA  1 
ATOM   323  C C   . VAL A 1 41  ? -6.542  -4.422  -7.411  1.00 20.09 ? 41  VAL A C   1 
ATOM   324  O O   . VAL A 1 41  ? -7.734  -4.545  -7.201  1.00 22.24 ? 41  VAL A O   1 
ATOM   325  C CB  . VAL A 1 41  ? -5.821  -2.526  -5.835  1.00 19.88 ? 41  VAL A CB  1 
ATOM   326  C CG1 . VAL A 1 41  ? -5.278  -3.602  -4.949  1.00 18.65 ? 41  VAL A CG1 1 
ATOM   327  C CG2 . VAL A 1 41  ? -4.929  -1.235  -5.708  1.00 19.43 ? 41  VAL A CG2 1 
ATOM   328  N N   . GLU A 1 42  ? -5.787  -5.446  -7.771  1.00 20.27 ? 42  GLU A N   1 
ATOM   329  C CA  . GLU A 1 42  ? -6.342  -6.794  -7.821  1.00 21.52 ? 42  GLU A CA  1 
ATOM   330  C C   . GLU A 1 42  ? -5.717  -7.634  -6.725  1.00 19.58 ? 42  GLU A C   1 
ATOM   331  O O   . GLU A 1 42  ? -4.492  -7.790  -6.674  1.00 19.42 ? 42  GLU A O   1 
ATOM   332  C CB  . GLU A 1 42  ? -6.029  -7.467  -9.178  1.00 22.47 ? 42  GLU A CB  1 
ATOM   333  C CG  . GLU A 1 42  ? -6.556  -8.914  -9.275  0.90 24.32 ? 42  GLU A CG  1 
ATOM   334  C CD  . GLU A 1 42  ? -6.448  -9.499  -10.694 0.90 25.72 ? 42  GLU A CD  1 
ATOM   335  O OE1 . GLU A 1 42  ? -5.327  -9.642  -11.209 0.80 27.85 ? 42  GLU A OE1 1 
ATOM   336  O OE2 . GLU A 1 42  ? -7.493  -9.810  -11.293 0.70 28.05 ? 42  GLU A OE2 1 
ATOM   337  N N   . ILE A 1 43  ? -6.553  -8.202  -5.868  1.00 19.52 ? 43  ILE A N   1 
ATOM   338  C CA  . ILE A 1 43  ? -6.067  -9.054  -4.798  1.00 20.43 ? 43  ILE A CA  1 
ATOM   339  C C   . ILE A 1 43  ? -6.606  -10.485 -4.994  1.00 21.23 ? 43  ILE A C   1 
ATOM   340  O O   . ILE A 1 43  ? -7.795  -10.660 -5.233  1.00 21.23 ? 43  ILE A O   1 
ATOM   341  C CB  . ILE A 1 43  ? -6.539  -8.538  -3.427  1.00 20.94 ? 43  ILE A CB  1 
ATOM   342  C CG1 . ILE A 1 43  ? -6.027  -7.106  -3.197  1.00 20.90 ? 43  ILE A CG1 1 
ATOM   343  C CG2 . ILE A 1 43  ? -6.027  -9.466  -2.305  1.00 19.45 ? 43  ILE A CG2 1 
ATOM   344  C CD1 . ILE A 1 43  ? -6.492  -6.500  -1.888  1.00 22.23 ? 43  ILE A CD1 1 
ATOM   345  N N   . LYS A 1 44  ? -5.732  -11.472 -4.884  1.00 21.86 ? 44  LYS A N   1 
ATOM   346  C CA  . LYS A 1 44  ? -6.146  -12.870 -4.770  1.00 24.03 ? 44  LYS A CA  1 
ATOM   347  C C   . LYS A 1 44  ? -5.617  -13.416 -3.441  1.00 23.77 ? 44  LYS A C   1 
ATOM   348  O O   . LYS A 1 44  ? -4.403  -13.462 -3.206  1.00 23.03 ? 44  LYS A O   1 
ATOM   349  C CB  . LYS A 1 44  ? -5.600  -13.691 -5.948  0.80 24.29 ? 44  LYS A CB  1 
ATOM   350  C CG  . LYS A 1 44  ? -6.145  -13.262 -7.306  0.70 25.71 ? 44  LYS A CG  1 
ATOM   351  C CD  . LYS A 1 44  ? -5.411  -13.933 -8.478  0.70 26.36 ? 44  LYS A CD  1 
ATOM   352  C CE  . LYS A 1 44  ? -5.925  -13.430 -9.823  0.70 27.95 ? 44  LYS A CE  1 
ATOM   353  N NZ  . LYS A 1 44  ? -5.002  -13.775 -10.974 0.70 29.21 ? 44  LYS A NZ  1 
ATOM   354  N N   . GLN A 1 45  ? -6.527  -13.815 -2.562  1.00 24.23 ? 45  GLN A N   1 
ATOM   355  C CA  . GLN A 1 45  ? -6.121  -14.338 -1.261  1.00 24.64 ? 45  GLN A CA  1 
ATOM   356  C C   . GLN A 1 45  ? -6.515  -15.799 -1.130  1.00 24.11 ? 45  GLN A C   1 
ATOM   357  O O   . GLN A 1 45  ? -7.659  -16.123 -1.344  1.00 23.95 ? 45  GLN A O   1 
ATOM   358  C CB  . GLN A 1 45  ? -6.808  -13.589 -0.115  1.00 24.73 ? 45  GLN A CB  1 
ATOM   359  C CG  . GLN A 1 45  ? -6.523  -14.272 1.260   1.00 24.99 ? 45  GLN A CG  1 
ATOM   360  C CD  . GLN A 1 45  ? -7.303  -13.677 2.398   1.00 25.54 ? 45  GLN A CD  1 
ATOM   361  O OE1 . GLN A 1 45  ? -8.132  -12.789 2.200   1.00 25.55 ? 45  GLN A OE1 1 
ATOM   362  N NE2 . GLN A 1 45  ? -7.066  -14.192 3.619   1.00 26.56 ? 45  GLN A NE2 1 
ATOM   363  N N   . GLU A 1 46  ? -5.572  -16.655 -0.769  0.90 23.89 ? 46  GLU A N   1 
ATOM   364  C CA  . GLU A 1 46  ? -5.921  -18.001 -0.337  0.80 25.51 ? 46  GLU A CA  1 
ATOM   365  C C   . GLU A 1 46  ? -5.178  -18.296 0.958   0.80 25.43 ? 46  GLU A C   1 
ATOM   366  O O   . GLU A 1 46  ? -3.959  -18.476 0.968   0.80 24.93 ? 46  GLU A O   1 
ATOM   367  C CB  . GLU A 1 46  ? -5.535  -19.034 -1.388  0.80 25.83 ? 46  GLU A CB  1 
ATOM   368  C CG  . GLU A 1 46  ? -6.139  -20.408 -1.135  0.60 26.66 ? 46  GLU A CG  1 
ATOM   369  C CD  . GLU A 1 46  ? -7.477  -20.587 -1.816  0.40 26.68 ? 46  GLU A CD  1 
ATOM   370  O OE1 . GLU A 1 46  ? -8.485  -20.048 -1.310  0.30 27.07 ? 46  GLU A OE1 1 
ATOM   371  O OE2 . GLU A 1 46  ? -7.518  -21.277 -2.858  0.30 26.74 ? 46  GLU A OE2 1 
ATOM   372  N N   . GLY A 1 47  ? -5.913  -18.348 2.054   1.00 26.31 ? 47  GLY A N   1 
ATOM   373  C CA  . GLY A 1 47  ? -5.298  -18.730 3.329   1.00 26.71 ? 47  GLY A CA  1 
ATOM   374  C C   . GLY A 1 47  ? -4.505  -17.569 3.895   1.00 25.56 ? 47  GLY A C   1 
ATOM   375  O O   . GLY A 1 47  ? -5.052  -16.474 4.069   1.00 25.38 ? 47  GLY A O   1 
ATOM   376  N N   . ASP A 1 48  ? -3.216  -17.802 4.150   1.00 24.31 ? 48  ASP A N   1 
ATOM   377  C CA  . ASP A 1 48  ? -2.313  -16.758 4.643   0.90 24.72 ? 48  ASP A CA  1 
ATOM   378  C C   . ASP A 1 48  ? -1.510  -16.131 3.500   0.90 25.34 ? 48  ASP A C   1 
ATOM   379  O O   . ASP A 1 48  ? -0.624  -15.322 3.750   1.00 25.36 ? 48  ASP A O   1 
ATOM   380  C CB  . ASP A 1 48  ? -1.318  -17.321 5.670   0.90 24.62 ? 48  ASP A CB  1 
ATOM   381  C CG  . ASP A 1 48  ? -0.271  -18.251 5.043   0.70 24.92 ? 48  ASP A CG  1 
ATOM   382  O OD1 . ASP A 1 48  ? -0.540  -18.877 3.984   0.70 24.53 ? 48  ASP A OD1 1 
ATOM   383  O OD2 . ASP A 1 48  ? 0.826   -18.369 5.626   0.70 25.26 ? 48  ASP A OD2 1 
ATOM   384  N N   . THR A 1 49  ? -1.818  -16.539 2.265   1.00 25.46 ? 49  THR A N   1 
ATOM   385  C CA  . THR A 1 49  ? -1.056  -16.166 1.068   0.90 25.81 ? 49  THR A CA  1 
ATOM   386  C C   . THR A 1 49  ? -1.789  -15.120 0.216   0.90 24.82 ? 49  THR A C   1 
ATOM   387  O O   . THR A 1 49  ? -2.994  -15.234 -0.035  1.00 24.85 ? 49  THR A O   1 
ATOM   388  C CB  . THR A 1 49  ? -0.732  -17.439 0.244   1.00 27.25 ? 49  THR A CB  1 
ATOM   389  O OG1 . THR A 1 49  ? -0.101  -18.400 1.104   0.90 27.08 ? 49  THR A OG1 1 
ATOM   390  C CG2 . THR A 1 49  ? 0.214   -17.136 -0.917  1.00 27.50 ? 49  THR A CG2 1 
ATOM   391  N N   . PHE A 1 50  ? -1.068  -14.081 -0.213  0.90 23.57 ? 50  PHE A N   1 
ATOM   392  C CA  . PHE A 1 50  ? -1.713  -12.980 -0.903  1.00 22.13 ? 50  PHE A CA  1 
ATOM   393  C C   . PHE A 1 50  ? -0.981  -12.673 -2.197  1.00 21.51 ? 50  PHE A C   1 
ATOM   394  O O   . PHE A 1 50  ? 0.238   -12.741 -2.253  1.00 21.29 ? 50  PHE A O   1 
ATOM   395  C CB  . PHE A 1 50  ? -1.705  -11.702 -0.046  1.00 22.60 ? 50  PHE A CB  1 
ATOM   396  C CG  . PHE A 1 50  ? -2.688  -11.737 1.080   1.00 23.05 ? 50  PHE A CG  1 
ATOM   397  C CD1 . PHE A 1 50  ? -2.384  -12.415 2.259   1.00 22.61 ? 50  PHE A CD1 1 
ATOM   398  C CD2 . PHE A 1 50  ? -3.925  -11.135 0.949   1.00 22.94 ? 50  PHE A CD2 1 
ATOM   399  C CE1 . PHE A 1 50  ? -3.310  -12.458 3.292   1.00 23.03 ? 50  PHE A CE1 1 
ATOM   400  C CE2 . PHE A 1 50  ? -4.855  -11.191 1.974   1.00 23.46 ? 50  PHE A CE2 1 
ATOM   401  C CZ  . PHE A 1 50  ? -4.540  -11.843 3.141   1.00 22.68 ? 50  PHE A CZ  1 
ATOM   402  N N   . TYR A 1 51  ? -1.747  -12.346 -3.226  1.00 22.14 ? 51  TYR A N   1 
ATOM   403  C CA  . TYR A 1 51  ? -1.183  -11.867 -4.481  1.00 22.03 ? 51  TYR A CA  1 
ATOM   404  C C   . TYR A 1 51  ? -1.821  -10.530 -4.686  1.00 20.24 ? 51  TYR A C   1 
ATOM   405  O O   . TYR A 1 51  ? -3.023  -10.411 -4.617  1.00 20.16 ? 51  TYR A O   1 
ATOM   406  C CB  . TYR A 1 51  ? -1.503  -12.835 -5.643  1.00 25.71 ? 51  TYR A CB  1 
ATOM   407  C CG  . TYR A 1 51  ? -1.371  -12.209 -7.024  1.00 26.44 ? 51  TYR A CG  1 
ATOM   408  C CD1 . TYR A 1 51  ? -0.135  -12.079 -7.641  1.00 26.91 ? 51  TYR A CD1 1 
ATOM   409  C CD2 . TYR A 1 51  ? -2.496  -11.728 -7.703  1.00 27.60 ? 51  TYR A CD2 1 
ATOM   410  C CE1 . TYR A 1 51  ? -0.021  -11.497 -8.930  1.00 27.28 ? 51  TYR A CE1 1 
ATOM   411  C CE2 . TYR A 1 51  ? -2.380  -11.137 -8.986  1.00 26.69 ? 51  TYR A CE2 1 
ATOM   412  C CZ  . TYR A 1 51  ? -1.150  -11.031 -9.576  1.00 26.52 ? 51  TYR A CZ  1 
ATOM   413  O OH  . TYR A 1 51  ? -1.046  -10.458 -10.847 1.00 27.86 ? 51  TYR A OH  1 
ATOM   414  N N   . ILE A 1 52  ? -1.018  -9.488  -4.912  1.00 20.50 ? 52  ILE A N   1 
ATOM   415  C CA  . ILE A 1 52  ? -1.616  -8.192  -5.127  1.00 19.24 ? 52  ILE A CA  1 
ATOM   416  C C   . ILE A 1 52  ? -0.975  -7.546  -6.355  0.90 19.22 ? 52  ILE A C   1 
ATOM   417  O O   . ILE A 1 52  ? 0.246   -7.381  -6.391  0.90 17.71 ? 52  ILE A O   1 
ATOM   418  C CB  . ILE A 1 52  ? -1.469  -7.251  -3.885  1.00 19.33 ? 52  ILE A CB  1 
ATOM   419  C CG1 . ILE A 1 52  ? -2.083  -7.911  -2.626  1.00 19.85 ? 52  ILE A CG1 1 
ATOM   420  C CG2 . ILE A 1 52  ? -2.153  -5.861  -4.153  1.00 16.87 ? 52  ILE A CG2 1 
ATOM   421  C CD1 . ILE A 1 52  ? -2.123  -6.958  -1.368  1.00 19.57 ? 52  ILE A CD1 1 
ATOM   422  N N   . LYS A 1 53  ? -1.807  -7.197  -7.332  1.00 19.18 ? 53  LYS A N   1 
ATOM   423  C CA  . LYS A 1 53  ? -1.361  -6.492  -8.546  1.00 21.72 ? 53  LYS A CA  1 
ATOM   424  C C   . LYS A 1 53  ? -1.884  -5.061  -8.564  1.00 21.34 ? 53  LYS A C   1 
ATOM   425  O O   . LYS A 1 53  ? -3.081  -4.824  -8.373  1.00 20.49 ? 53  LYS A O   1 
ATOM   426  C CB  . LYS A 1 53  ? -1.858  -7.216  -9.806  1.00 23.08 ? 53  LYS A CB  1 
ATOM   427  C CG  . LYS A 1 53  ? -1.450  -6.509  -11.127 1.00 24.62 ? 53  LYS A CG  1 
ATOM   428  C CD  . LYS A 1 53  ? -2.312  -6.978  -12.322 1.00 27.33 ? 53  LYS A CD  1 
ATOM   429  C CE  . LYS A 1 53  ? -1.912  -8.332  -12.791 1.00 30.24 ? 53  LYS A CE  1 
ATOM   430  N NZ  . LYS A 1 53  ? -2.822  -8.817  -13.902 1.00 33.46 ? 53  LYS A NZ  1 
ATOM   431  N N   . THR A 1 54  ? -0.984  -4.097  -8.774  1.00 22.05 ? 54  THR A N   1 
ATOM   432  C CA  . THR A 1 54  ? -1.406  -2.706  -8.843  1.00 22.86 ? 54  THR A CA  1 
ATOM   433  C C   . THR A 1 54  ? -1.083  -2.184  -10.246 1.00 22.78 ? 54  THR A C   1 
ATOM   434  O O   . THR A 1 54  ? 0.033   -2.367  -10.735 1.00 23.01 ? 54  THR A O   1 
ATOM   435  C CB  . THR A 1 54  ? -0.654  -1.839  -7.804  1.00 24.28 ? 54  THR A CB  1 
ATOM   436  O OG1 . THR A 1 54  ? -0.806  -2.398  -6.505  1.00 24.34 ? 54  THR A OG1 1 
ATOM   437  C CG2 . THR A 1 54  ? -1.199  -0.405  -7.790  1.00 25.06 ? 54  THR A CG2 1 
ATOM   438  N N   . SER A 1 55  ? -2.061  -1.554  -10.874 1.00 22.30 ? 55  SER A N   1 
ATOM   439  C CA  . SER A 1 55  ? -1.899  -1.026  -12.211 1.00 24.15 ? 55  SER A CA  1 
ATOM   440  C C   . SER A 1 55  ? -2.310  0.422   -12.291 1.00 23.77 ? 55  SER A C   1 
ATOM   441  O O   . SER A 1 55  ? -3.378  0.802   -11.815 1.00 23.16 ? 55  SER A O   1 
ATOM   442  C CB  . SER A 1 55  ? -2.772  -1.821  -13.177 1.00 25.86 ? 55  SER A CB  1 
ATOM   443  O OG  . SER A 1 55  ? -2.412  -3.180  -13.080 0.90 31.05 ? 55  SER A OG  1 
ATOM   444  N N   . THR A 1 56  ? -1.463  1.225   -12.925 1.00 23.84 ? 56  THR A N   1 
ATOM   445  C CA  . THR A 1 56  ? -1.827  2.583   -13.254 1.00 24.21 ? 56  THR A CA  1 
ATOM   446  C C   . THR A 1 56  ? -1.649  2.752   -14.769 1.00 25.25 ? 56  THR A C   1 
ATOM   447  O O   . THR A 1 56  ? -1.594  1.752   -15.495 1.00 24.05 ? 56  THR A O   1 
ATOM   448  C CB  . THR A 1 56  ? -0.981  3.568   -12.447 1.00 24.53 ? 56  THR A CB  1 
ATOM   449  O OG1 . THR A 1 56  ? 0.403   3.258   -12.626 1.00 25.84 ? 56  THR A OG1 1 
ATOM   450  C CG2 . THR A 1 56  ? -1.297  3.415   -10.955 1.00 23.96 ? 56  THR A CG2 1 
ATOM   451  N N   . THR A 1 57  ? -1.556  3.992   -15.239 1.00 25.00 ? 57  THR A N   1 
ATOM   452  C CA  . THR A 1 57  ? -1.517  4.264   -16.680 1.00 25.93 ? 57  THR A CA  1 
ATOM   453  C C   . THR A 1 57  ? -0.382  3.557   -17.400 1.00 23.39 ? 57  THR A C   1 
ATOM   454  O O   . THR A 1 57  ? -0.596  2.941   -18.452 1.00 24.69 ? 57  THR A O   1 
ATOM   455  C CB  . THR A 1 57  ? -1.403  5.766   -16.964 1.00 26.99 ? 57  THR A CB  1 
ATOM   456  O OG1 . THR A 1 57  ? -0.273  6.298   -16.255 0.70 28.03 ? 57  THR A OG1 1 
ATOM   457  C CG2 . THR A 1 57  ? -2.642  6.450   -16.490 1.00 27.69 ? 57  THR A CG2 1 
ATOM   458  N N   . VAL A 1 58  ? 0.817   3.618   -16.840 1.00 21.84 ? 58  VAL A N   1 
ATOM   459  C CA  . VAL A 1 58  ? 1.966   3.012   -17.511 1.00 21.45 ? 58  VAL A CA  1 
ATOM   460  C C   . VAL A 1 58  ? 2.746   2.017   -16.675 1.00 21.03 ? 58  VAL A C   1 
ATOM   461  O O   . VAL A 1 58  ? 3.813   1.553   -17.093 1.00 18.93 ? 58  VAL A O   1 
ATOM   462  C CB  . VAL A 1 58  ? 2.958   4.081   -18.059 1.00 22.40 ? 58  VAL A CB  1 
ATOM   463  C CG1 . VAL A 1 58  ? 2.224   5.067   -18.976 1.00 23.60 ? 58  VAL A CG1 1 
ATOM   464  C CG2 . VAL A 1 58  ? 3.686   4.808   -16.889 1.00 23.44 ? 58  VAL A CG2 1 
ATOM   465  N N   . TRP A 1 59  ? 2.239   1.698   -15.480 1.00 20.33 ? 59  TRP A N   1 
ATOM   466  C CA  . TRP A 1 59  ? 2.971   0.844   -14.558 1.00 20.66 ? 59  TRP A CA  1 
ATOM   467  C C   . TRP A 1 59  ? 2.058   -0.268  -14.053 1.00 21.10 ? 59  TRP A C   1 
ATOM   468  O O   . TRP A 1 59  ? 0.889   -0.022  -13.791 1.00 18.81 ? 59  TRP A O   1 
ATOM   469  C CB  . TRP A 1 59  ? 3.378   1.652   -13.315 1.00 22.13 ? 59  TRP A CB  1 
ATOM   470  C CG  . TRP A 1 59  ? 4.605   2.468   -13.475 1.00 22.64 ? 59  TRP A CG  1 
ATOM   471  C CD1 . TRP A 1 59  ? 4.676   3.830   -13.634 1.00 23.11 ? 59  TRP A CD1 1 
ATOM   472  C CD2 . TRP A 1 59  ? 5.961   1.992   -13.443 1.00 22.66 ? 59  TRP A CD2 1 
ATOM   473  N NE1 . TRP A 1 59  ? 5.996   4.223   -13.714 1.00 23.30 ? 59  TRP A NE1 1 
ATOM   474  C CE2 . TRP A 1 59  ? 6.801   3.112   -13.617 1.00 22.38 ? 59  TRP A CE2 1 
ATOM   475  C CE3 . TRP A 1 59  ? 6.538   0.730   -13.297 1.00 21.31 ? 59  TRP A CE3 1 
ATOM   476  C CZ2 . TRP A 1 59  ? 8.189   3.003   -13.637 1.00 22.88 ? 59  TRP A CZ2 1 
ATOM   477  C CZ3 . TRP A 1 59  ? 7.914   0.614   -13.338 1.00 22.75 ? 59  TRP A CZ3 1 
ATOM   478  C CH2 . TRP A 1 59  ? 8.731   1.744   -13.515 1.00 22.67 ? 59  TRP A CH2 1 
ATOM   479  N N   . THR A 1 60  ? 2.586   -1.485  -13.963 1.00 23.59 ? 60  THR A N   1 
ATOM   480  C CA  A THR A 1 60  ? 1.877   -2.611  -13.342 0.50 23.55 ? 60  THR A CA  1 
ATOM   481  C CA  B THR A 1 60  ? 1.861   -2.578  -13.311 0.50 22.69 ? 60  THR A CA  1 
ATOM   482  C C   . THR A 1 60  ? 2.883   -3.316  -12.496 1.00 24.49 ? 60  THR A C   1 
ATOM   483  O O   . THR A 1 60  ? 3.935   -3.732  -13.033 1.00 26.03 ? 60  THR A O   1 
ATOM   484  C CB  A THR A 1 60  ? 1.584   -3.714  -14.324 0.50 24.21 ? 60  THR A CB  1 
ATOM   485  C CB  B THR A 1 60  ? 1.234   -3.601  -14.291 0.50 22.49 ? 60  THR A CB  1 
ATOM   486  O OG1 A THR A 1 60  ? 2.825   -4.366  -14.636 0.50 24.41 ? 60  THR A OG1 1 
ATOM   487  O OG1 B THR A 1 60  ? 0.236   -2.975  -15.110 0.50 22.52 ? 60  THR A OG1 1 
ATOM   488  C CG2 A THR A 1 60  ? 0.945   -3.194  -15.579 0.50 24.71 ? 60  THR A CG2 1 
ATOM   489  C CG2 B THR A 1 60  ? 0.574   -4.742  -13.509 0.50 20.53 ? 60  THR A CG2 1 
ATOM   490  N N   . THR A 1 61  ? 2.582   -3.502  -11.208 1.00 23.88 ? 61  THR A N   1 
ATOM   491  C CA  . THR A 1 61  ? 3.472   -4.275  -10.355 1.00 24.04 ? 61  THR A CA  1 
ATOM   492  C C   . THR A 1 61  ? 2.682   -5.343  -9.576  1.00 24.41 ? 61  THR A C   1 
ATOM   493  O O   . THR A 1 61  ? 1.455   -5.248  -9.426  1.00 22.60 ? 61  THR A O   1 
ATOM   494  C CB  . THR A 1 61  ? 4.281   -3.361  -9.434  1.00 25.80 ? 61  THR A CB  1 
ATOM   495  O OG1 . THR A 1 61  ? 3.388   -2.454  -8.823  1.00 27.14 ? 61  THR A OG1 1 
ATOM   496  C CG2 . THR A 1 61  ? 5.271   -2.503  -10.284 1.00 28.92 ? 61  THR A CG2 1 
ATOM   497  N N   . GLU A 1 62  ? 3.396   -6.378  -9.159  1.00 24.34 ? 62  GLU A N   1 
ATOM   498  C CA  . GLU A 1 62  ? 2.811   -7.549  -8.512  1.00 25.23 ? 62  GLU A CA  1 
ATOM   499  C C   . GLU A 1 62  ? 3.617   -7.808  -7.273  1.00 24.73 ? 62  GLU A C   1 
ATOM   500  O O   . GLU A 1 62  ? 4.843   -7.647  -7.272  1.00 25.17 ? 62  GLU A O   1 
ATOM   501  C CB  . GLU A 1 62  ? 2.984   -8.784  -9.409  1.00 27.18 ? 62  GLU A CB  1 
ATOM   502  C CG  . GLU A 1 62  ? 1.880   -8.942  -10.404 1.00 30.39 ? 62  GLU A CG  1 
ATOM   503  C CD  . GLU A 1 62  ? 2.134   -10.025 -11.447 1.00 31.79 ? 62  GLU A CD  1 
ATOM   504  O OE1 . GLU A 1 62  ? 1.150   -10.354 -12.117 0.90 32.07 ? 62  GLU A OE1 1 
ATOM   505  O OE2 . GLU A 1 62  ? 3.282   -10.519 -11.596 1.00 32.05 ? 62  GLU A OE2 1 
ATOM   506  N N   . ILE A 1 63  ? 2.947   -8.190  -6.197  1.00 24.10 ? 63  ILE A N   1 
ATOM   507  C CA  A ILE A 1 63  ? 3.666   -8.671  -5.026  0.50 23.02 ? 63  ILE A CA  1 
ATOM   508  C CA  B ILE A 1 63  ? 3.641   -8.638  -4.998  0.50 23.56 ? 63  ILE A CA  1 
ATOM   509  C C   . ILE A 1 63  ? 2.964   -9.930  -4.546  1.00 23.03 ? 63  ILE A C   1 
ATOM   510  O O   . ILE A 1 63  ? 1.749   -10.098 -4.750  1.00 20.54 ? 63  ILE A O   1 
ATOM   511  C CB  A ILE A 1 63  ? 3.728   -7.646  -3.858  0.50 23.30 ? 63  ILE A CB  1 
ATOM   512  C CB  B ILE A 1 63  ? 3.588   -7.565  -3.869  0.50 24.42 ? 63  ILE A CB  1 
ATOM   513  C CG1 A ILE A 1 63  ? 2.347   -7.086  -3.538  0.50 22.68 ? 63  ILE A CG1 1 
ATOM   514  C CG1 B ILE A 1 63  ? 4.871   -7.591  -3.038  0.50 24.39 ? 63  ILE A CG1 1 
ATOM   515  C CG2 A ILE A 1 63  ? 4.707   -6.514  -4.141  0.50 23.27 ? 63  ILE A CG2 1 
ATOM   516  C CG2 B ILE A 1 63  ? 2.348   -7.739  -2.990  0.50 25.02 ? 63  ILE A CG2 1 
ATOM   517  C CD1 A ILE A 1 63  ? 2.187   -6.822  -2.046  0.50 22.84 ? 63  ILE A CD1 1 
ATOM   518  C CD1 B ILE A 1 63  ? 6.133   -7.365  -3.855  0.50 24.73 ? 63  ILE A CD1 1 
ATOM   519  N N   . ASN A 1 64  ? 3.749   -10.825 -3.962  1.00 23.05 ? 64  ASN A N   1 
ATOM   520  C CA  . ASN A 1 64  ? 3.217   -12.040 -3.373  1.00 24.59 ? 64  ASN A CA  1 
ATOM   521  C C   . ASN A 1 64  ? 3.724   -12.122 -1.951  1.00 23.96 ? 64  ASN A C   1 
ATOM   522  O O   . ASN A 1 64  ? 4.910   -11.897 -1.692  1.00 24.55 ? 64  ASN A O   1 
ATOM   523  C CB  . ASN A 1 64  ? 3.720   -13.270 -4.133  1.00 28.20 ? 64  ASN A CB  1 
ATOM   524  C CG  . ASN A 1 64  ? 3.123   -13.366 -5.500  1.00 30.15 ? 64  ASN A CG  1 
ATOM   525  O OD1 . ASN A 1 64  ? 1.981   -13.805 -5.653  1.00 31.10 ? 64  ASN A OD1 1 
ATOM   526  N ND2 . ASN A 1 64  ? 3.856   -12.886 -6.502  1.00 30.04 ? 64  ASN A ND2 1 
ATOM   527  N N   . PHE A 1 65  ? 2.849   -12.451 -1.015  1.00 22.76 ? 65  PHE A N   1 
ATOM   528  C CA  . PHE A 1 65  ? 3.349   -12.618 0.341   1.00 22.21 ? 65  PHE A CA  1 
ATOM   529  C C   . PHE A 1 65  ? 2.500   -13.577 1.138   1.00 20.59 ? 65  PHE A C   1 
ATOM   530  O O   . PHE A 1 65  ? 1.350   -13.820 0.810   1.00 20.89 ? 65  PHE A O   1 
ATOM   531  C CB  . PHE A 1 65  ? 3.482   -11.278 1.086   1.00 21.62 ? 65  PHE A CB  1 
ATOM   532  C CG  . PHE A 1 65  ? 2.167   -10.568 1.337   1.00 21.92 ? 65  PHE A CG  1 
ATOM   533  C CD1 . PHE A 1 65  ? 1.346   -10.929 2.411   1.00 23.76 ? 65  PHE A CD1 1 
ATOM   534  C CD2 . PHE A 1 65  ? 1.766   -9.520  0.521   1.00 22.45 ? 65  PHE A CD2 1 
ATOM   535  C CE1 . PHE A 1 65  ? 0.127   -10.273 2.640   1.00 23.13 ? 65  PHE A CE1 1 
ATOM   536  C CE2 . PHE A 1 65  ? 0.553   -8.854  0.746   1.00 22.89 ? 65  PHE A CE2 1 
ATOM   537  C CZ  . PHE A 1 65  ? -0.265  -9.230  1.813   1.00 22.49 ? 65  PHE A CZ  1 
ATOM   538  N N   . LYS A 1 66  ? 3.100   -14.092 2.197   1.00 22.03 ? 66  LYS A N   1 
ATOM   539  C CA  . LYS A 1 66  ? 2.367   -14.890 3.180   1.00 24.18 ? 66  LYS A CA  1 
ATOM   540  C C   . LYS A 1 66  ? 2.432   -14.168 4.527   1.00 22.82 ? 66  LYS A C   1 
ATOM   541  O O   . LYS A 1 66  ? 3.480   -13.686 4.932   1.00 21.03 ? 66  LYS A O   1 
ATOM   542  C CB  . LYS A 1 66  ? 3.014   -16.263 3.328   1.00 24.75 ? 66  LYS A CB  1 
ATOM   543  C CG  . LYS A 1 66  ? 2.958   -17.126 2.066   1.00 27.06 ? 66  LYS A CG  1 
ATOM   544  C CD  . LYS A 1 66  ? 3.460   -18.563 2.384   0.70 26.69 ? 66  LYS A CD  1 
ATOM   545  C CE  . LYS A 1 66  ? 3.125   -19.545 1.274   0.60 27.91 ? 66  LYS A CE  1 
ATOM   546  N NZ  . LYS A 1 66  ? 4.241   -19.708 0.317   0.60 29.03 ? 66  LYS A NZ  1 
ATOM   547  N N   . VAL A 1 67  ? 1.320   -14.090 5.231   1.00 22.99 ? 67  VAL A N   1 
ATOM   548  C CA  . VAL A 1 67  ? 1.397   -13.519 6.572   1.00 25.15 ? 67  VAL A CA  1 
ATOM   549  C C   . VAL A 1 67  ? 2.457   -14.237 7.405   1.00 25.16 ? 67  VAL A C   1 
ATOM   550  O O   . VAL A 1 67  ? 2.504   -15.466 7.458   1.00 24.51 ? 67  VAL A O   1 
ATOM   551  C CB  . VAL A 1 67  ? 0.040   -13.552 7.286   1.00 25.87 ? 67  VAL A CB  1 
ATOM   552  C CG1 . VAL A 1 67  ? 0.154   -12.906 8.661   1.00 25.60 ? 67  VAL A CG1 1 
ATOM   553  C CG2 . VAL A 1 67  ? -1.019  -12.834 6.428   1.00 24.93 ? 67  VAL A CG2 1 
ATOM   554  N N   . GLY A 1 68  ? 3.329   -13.462 8.032   1.00 24.67 ? 68  GLY A N   1 
ATOM   555  C CA  . GLY A 1 68  ? 4.290   -14.028 8.977   1.00 23.13 ? 68  GLY A CA  1 
ATOM   556  C C   . GLY A 1 68  ? 5.657   -14.263 8.366   1.00 23.35 ? 68  GLY A C   1 
ATOM   557  O O   . GLY A 1 68  ? 6.618   -14.492 9.088   1.00 22.09 ? 68  GLY A O   1 
ATOM   558  N N   . GLU A 1 69  ? 5.759   -14.235 7.030   1.00 22.44 ? 69  GLU A N   1 
ATOM   559  C CA  . GLU A 1 69  ? 7.060   -14.532 6.383   1.00 22.82 ? 69  GLU A CA  1 
ATOM   560  C C   . GLU A 1 69  ? 7.618   -13.300 5.701   1.00 23.23 ? 69  GLU A C   1 
ATOM   561  O O   . GLU A 1 69  ? 6.919   -12.634 4.932   0.90 22.88 ? 69  GLU A O   1 
ATOM   562  C CB  . GLU A 1 69  ? 6.921   -15.659 5.352   1.00 22.55 ? 69  GLU A CB  1 
ATOM   563  C CG  . GLU A 1 69  ? 6.370   -16.974 5.924   0.60 23.53 ? 69  GLU A CG  1 
ATOM   564  C CD  . GLU A 1 69  ? 6.149   -18.049 4.839   0.50 24.00 ? 69  GLU A CD  1 
ATOM   565  O OE1 . GLU A 1 69  ? 6.655   -17.886 3.702   0.50 24.44 ? 69  GLU A OE1 1 
ATOM   566  O OE2 . GLU A 1 69  ? 5.471   -19.058 5.133   0.50 24.68 ? 69  GLU A OE2 1 
ATOM   567  N N   . GLU A 1 70  ? 8.865   -12.975 5.996   1.00 23.24 ? 70  GLU A N   1 
ATOM   568  C CA  . GLU A 1 70  ? 9.435   -11.771 5.451   1.00 25.39 ? 70  GLU A CA  1 
ATOM   569  C C   . GLU A 1 70  ? 9.492   -11.862 3.926   1.00 25.60 ? 70  GLU A C   1 
ATOM   570  O O   . GLU A 1 70  ? 9.703   -12.931 3.374   1.00 23.54 ? 70  GLU A O   1 
ATOM   571  C CB  . GLU A 1 70  ? 10.806  -11.542 6.045   1.00 27.20 ? 70  GLU A CB  1 
ATOM   572  C CG  . GLU A 1 70  ? 11.430  -10.240 5.664   0.80 29.35 ? 70  GLU A CG  1 
ATOM   573  C CD  . GLU A 1 70  ? 12.765  -10.060 6.331   0.70 31.12 ? 70  GLU A CD  1 
ATOM   574  O OE1 . GLU A 1 70  ? 12.795  -9.389  7.387   0.70 32.28 ? 70  GLU A OE1 1 
ATOM   575  O OE2 . GLU A 1 70  ? 13.770  -10.608 5.818   0.60 31.41 ? 70  GLU A OE2 1 
ATOM   576  N N   . PHE A 1 71  ? 9.237   -10.742 3.249   1.00 26.50 ? 71  PHE A N   1 
ATOM   577  C CA  . PHE A 1 71  ? 9.396   -10.669 1.797   1.00 26.14 ? 71  PHE A CA  1 
ATOM   578  C C   . PHE A 1 71  ? 9.996   -9.320  1.423   1.00 27.06 ? 71  PHE A C   1 
ATOM   579  O O   . PHE A 1 71  ? 10.106  -8.415  2.269   1.00 26.22 ? 71  PHE A O   1 
ATOM   580  C CB  . PHE A 1 71  ? 8.072   -10.894 1.064   1.00 25.49 ? 71  PHE A CB  1 
ATOM   581  C CG  . PHE A 1 71  ? 7.011   -9.850  1.358   1.00 25.49 ? 71  PHE A CG  1 
ATOM   582  C CD1 . PHE A 1 71  ? 6.346   -9.828  2.585   1.00 25.27 ? 71  PHE A CD1 1 
ATOM   583  C CD2 . PHE A 1 71  ? 6.661   -8.905  0.397   1.00 25.18 ? 71  PHE A CD2 1 
ATOM   584  C CE1 . PHE A 1 71  ? 5.353   -8.858  2.853   1.00 25.14 ? 71  PHE A CE1 1 
ATOM   585  C CE2 . PHE A 1 71  ? 5.682   -7.945  0.658   1.00 24.53 ? 71  PHE A CE2 1 
ATOM   586  C CZ  . PHE A 1 71  ? 5.024   -7.930  1.891   1.00 25.41 ? 71  PHE A CZ  1 
ATOM   587  N N   A GLU A 1 72  ? 10.387  -9.203  0.158   0.40 26.56 ? 72  GLU A N   1 
ATOM   588  N N   B GLU A 1 72  ? 10.413  -9.190  0.166   0.50 26.28 ? 72  GLU A N   1 
ATOM   589  C CA  A GLU A 1 72  ? 10.945  -7.970  -0.366  0.50 26.81 ? 72  GLU A CA  1 
ATOM   590  C CA  B GLU A 1 72  ? 10.977  -7.934  -0.319  0.50 26.41 ? 72  GLU A CA  1 
ATOM   591  C C   A GLU A 1 72  ? 9.908   -7.282  -1.239  0.50 26.12 ? 72  GLU A C   1 
ATOM   592  C C   B GLU A 1 72  ? 10.013  -7.265  -1.285  0.50 25.81 ? 72  GLU A C   1 
ATOM   593  O O   A GLU A 1 72  ? 9.198   -7.933  -2.016  0.50 26.00 ? 72  GLU A O   1 
ATOM   594  O O   B GLU A 1 72  ? 9.446   -7.923  -2.163  0.50 25.82 ? 72  GLU A O   1 
ATOM   595  C CB  A GLU A 1 72  ? 12.211  -8.252  -1.173  0.50 27.33 ? 72  GLU A CB  1 
ATOM   596  C CB  B GLU A 1 72  ? 12.358  -8.145  -0.953  0.50 26.39 ? 72  GLU A CB  1 
ATOM   597  C CG  A GLU A 1 72  ? 12.891  -7.002  -1.691  0.50 27.60 ? 72  GLU A CG  1 
ATOM   598  C CG  B GLU A 1 72  ? 13.447  -8.342  0.084   0.50 26.41 ? 72  GLU A CG  1 
ATOM   599  C CD  A GLU A 1 72  ? 13.973  -7.301  -2.707  0.50 28.74 ? 72  GLU A CD  1 
ATOM   600  C CD  B GLU A 1 72  ? 14.849  -8.499  -0.491  0.50 26.61 ? 72  GLU A CD  1 
ATOM   601  O OE1 A GLU A 1 72  ? 14.359  -8.489  -2.828  0.50 29.26 ? 72  GLU A OE1 1 
ATOM   602  O OE1 B GLU A 1 72  ? 15.126  -7.999  -1.601  0.50 26.07 ? 72  GLU A OE1 1 
ATOM   603  O OE2 A GLU A 1 72  ? 14.439  -6.347  -3.368  0.50 28.15 ? 72  GLU A OE2 1 
ATOM   604  O OE2 B GLU A 1 72  ? 15.685  -9.120  0.201   0.50 26.44 ? 72  GLU A OE2 1 
ATOM   605  N N   . GLU A 1 73  ? 9.797   -5.965  -1.080  1.00 25.94 ? 73  GLU A N   1 
ATOM   606  C CA  . GLU A 1 73  ? 8.986   -5.154  -1.977  1.00 23.91 ? 73  GLU A CA  1 
ATOM   607  C C   . GLU A 1 73  ? 9.640   -3.779  -2.066  1.00 22.09 ? 73  GLU A C   1 
ATOM   608  O O   . GLU A 1 73  ? 10.835  -3.641  -1.817  1.00 20.57 ? 73  GLU A O   1 
ATOM   609  C CB  . GLU A 1 73  ? 7.525   -5.071  -1.508  1.00 24.93 ? 73  GLU A CB  1 
ATOM   610  C CG  . GLU A 1 73  ? 7.310   -4.518  -0.077  1.00 25.53 ? 73  GLU A CG  1 
ATOM   611  C CD  . GLU A 1 73  ? 5.841   -4.237  0.282   1.00 26.09 ? 73  GLU A CD  1 
ATOM   612  O OE1 . GLU A 1 73  ? 4.964   -4.179  -0.603  1.00 27.72 ? 73  GLU A OE1 1 
ATOM   613  O OE2 . GLU A 1 73  ? 5.559   -4.030  1.477   1.00 28.08 ? 73  GLU A OE2 1 
ATOM   614  N N   . GLN A 1 74  ? 8.864   -2.752  -2.402  1.00 21.31 ? 74  GLN A N   1 
ATOM   615  C CA  . GLN A 1 74  ? 9.391   -1.374  -2.376  1.00 20.87 ? 74  GLN A CA  1 
ATOM   616  C C   . GLN A 1 74  ? 8.517   -0.489  -1.500  1.00 20.36 ? 74  GLN A C   1 
ATOM   617  O O   . GLN A 1 74  ? 7.317   -0.738  -1.349  1.00 18.75 ? 74  GLN A O   1 
ATOM   618  C CB  . GLN A 1 74  ? 9.423   -0.767  -3.793  1.00 21.00 ? 74  GLN A CB  1 
ATOM   619  C CG  . GLN A 1 74  ? 10.256  -1.534  -4.800  1.00 23.13 ? 74  GLN A CG  1 
ATOM   620  C CD  . GLN A 1 74  ? 10.325  -0.844  -6.171  0.70 23.00 ? 74  GLN A CD  1 
ATOM   621  O OE1 . GLN A 1 74  ? 9.487   -0.005  -6.500  0.70 23.35 ? 74  GLN A OE1 1 
ATOM   622  N NE2 . GLN A 1 74  ? 11.324  -1.207  -6.968  0.70 23.85 ? 74  GLN A NE2 1 
ATOM   623  N N   . THR A 1 75  ? 9.110   0.559   -0.943  1.00 18.81 ? 75  THR A N   1 
ATOM   624  C CA  . THR A 1 75  ? 8.321   1.608   -0.308  1.00 20.87 ? 75  THR A CA  1 
ATOM   625  C C   . THR A 1 75  ? 7.504   2.338   -1.374  1.00 21.83 ? 75  THR A C   1 
ATOM   626  O O   . THR A 1 75  ? 7.702   2.155   -2.587  1.00 21.25 ? 75  THR A O   1 
ATOM   627  C CB  . THR A 1 75  ? 9.223   2.618   0.395   1.00 20.50 ? 75  THR A CB  1 
ATOM   628  O OG1 . THR A 1 75  ? 10.046  3.248   -0.592  1.00 20.32 ? 75  THR A OG1 1 
ATOM   629  C CG2 . THR A 1 75  ? 10.129  1.893   1.371   1.00 20.67 ? 75  THR A CG2 1 
ATOM   630  N N   . VAL A 1 76  ? 6.573   3.163   -0.930  1.00 23.19 ? 76  VAL A N   1 
ATOM   631  C CA  A VAL A 1 76  ? 5.704   3.857   -1.859  0.50 24.21 ? 76  VAL A CA  1 
ATOM   632  C CA  B VAL A 1 76  ? 5.702   3.862   -1.860  0.50 24.63 ? 76  VAL A CA  1 
ATOM   633  C C   . VAL A 1 76  ? 6.501   4.702   -2.862  1.00 25.60 ? 76  VAL A C   1 
ATOM   634  O O   . VAL A 1 76  ? 6.104   4.837   -4.005  1.00 28.58 ? 76  VAL A O   1 
ATOM   635  C CB  A VAL A 1 76  ? 4.633   4.691   -1.140  0.50 23.89 ? 76  VAL A CB  1 
ATOM   636  C CB  B VAL A 1 76  ? 4.606   4.684   -1.139  0.50 24.77 ? 76  VAL A CB  1 
ATOM   637  C CG1 A VAL A 1 76  ? 3.993   3.884   -0.020  0.50 22.32 ? 76  VAL A CG1 1 
ATOM   638  C CG1 B VAL A 1 76  ? 5.190   5.454   0.010   0.50 24.24 ? 76  VAL A CG1 1 
ATOM   639  C CG2 A VAL A 1 76  ? 5.228   5.955   -0.609  0.50 23.49 ? 76  VAL A CG2 1 
ATOM   640  C CG2 B VAL A 1 76  ? 3.873   5.615   -2.122  0.50 24.57 ? 76  VAL A CG2 1 
ATOM   641  N N   . ASP A 1 77  ? 7.641   5.243   -2.441  1.00 27.01 ? 77  ASP A N   1 
ATOM   642  C CA  . ASP A 1 77  ? 8.488   6.029   -3.351  1.00 28.33 ? 77  ASP A CA  1 
ATOM   643  C C   . ASP A 1 77  ? 9.519   5.187   -4.111  1.00 28.12 ? 77  ASP A C   1 
ATOM   644  O O   . ASP A 1 77  ? 10.350  5.734   -4.819  1.00 29.74 ? 77  ASP A O   1 
ATOM   645  C CB  . ASP A 1 77  ? 9.213   7.154   -2.603  1.00 28.48 ? 77  ASP A CB  1 
ATOM   646  C CG  . ASP A 1 77  ? 10.120  6.629   -1.485  1.00 29.32 ? 77  ASP A CG  1 
ATOM   647  O OD1 . ASP A 1 77  ? 9.637   5.851   -0.635  1.00 29.12 ? 77  ASP A OD1 1 
ATOM   648  O OD2 . ASP A 1 77  ? 11.302  7.011   -1.445  1.00 29.72 ? 77  ASP A OD2 1 
ATOM   649  N N   . GLY A 1 78  ? 9.475   3.865   -3.947  1.00 28.54 ? 78  GLY A N   1 
ATOM   650  C CA  . GLY A 1 78  ? 10.256  2.952   -4.782  1.00 26.81 ? 78  GLY A CA  1 
ATOM   651  C C   . GLY A 1 78  ? 11.565  2.418   -4.233  1.00 28.42 ? 78  GLY A C   1 
ATOM   652  O O   . GLY A 1 78  ? 12.323  1.780   -4.954  1.00 28.87 ? 78  GLY A O   1 
ATOM   653  N N   . ARG A 1 79  ? 11.855  2.654   -2.958  1.00 27.55 ? 79  ARG A N   1 
ATOM   654  C CA  A ARG A 1 79  ? 13.083  2.139   -2.355  0.50 27.24 ? 79  ARG A CA  1 
ATOM   655  C CA  B ARG A 1 79  ? 13.085  2.144   -2.370  0.50 27.54 ? 79  ARG A CA  1 
ATOM   656  C C   . ARG A 1 79  ? 12.880  0.702   -1.885  1.00 27.77 ? 79  ARG A C   1 
ATOM   657  O O   . ARG A 1 79  ? 11.936  0.413   -1.157  1.00 27.23 ? 79  ARG A O   1 
ATOM   658  C CB  A ARG A 1 79  ? 13.511  3.010   -1.171  0.50 27.24 ? 79  ARG A CB  1 
ATOM   659  C CB  B ARG A 1 79  ? 13.548  3.062   -1.233  0.50 28.03 ? 79  ARG A CB  1 
ATOM   660  C CG  A ARG A 1 79  ? 14.227  4.286   -1.566  0.50 26.91 ? 79  ARG A CG  1 
ATOM   661  C CG  B ARG A 1 79  ? 14.007  4.446   -1.710  0.50 28.39 ? 79  ARG A CG  1 
ATOM   662  C CD  A ARG A 1 79  ? 14.361  5.232   -0.393  0.50 26.71 ? 79  ARG A CD  1 
ATOM   663  C CD  B ARG A 1 79  ? 14.045  5.465   -0.579  0.50 28.57 ? 79  ARG A CD  1 
ATOM   664  N NE  A ARG A 1 79  ? 15.618  5.065   0.332   0.50 26.07 ? 79  ARG A NE  1 
ATOM   665  N NE  B ARG A 1 79  ? 12.721  5.671   -0.006  0.50 28.76 ? 79  ARG A NE  1 
ATOM   666  C CZ  A ARG A 1 79  ? 15.969  5.811   1.373   0.50 25.86 ? 79  ARG A CZ  1 
ATOM   667  C CZ  B ARG A 1 79  ? 12.490  5.876   1.289   0.50 28.89 ? 79  ARG A CZ  1 
ATOM   668  N NH1 A ARG A 1 79  ? 15.150  6.761   1.808   0.50 26.12 ? 79  ARG A NH1 1 
ATOM   669  N NH1 B ARG A 1 79  ? 13.501  5.904   2.147   0.50 28.47 ? 79  ARG A NH1 1 
ATOM   670  N NH2 A ARG A 1 79  ? 17.128  5.613   1.980   0.50 25.32 ? 79  ARG A NH2 1 
ATOM   671  N NH2 B ARG A 1 79  ? 11.247  6.042   1.727   0.50 27.94 ? 79  ARG A NH2 1 
ATOM   672  N N   . PRO A 1 80  ? 13.772  -0.217  -2.296  1.00 27.42 ? 80  PRO A N   1 
ATOM   673  C CA  . PRO A 1 80  ? 13.542  -1.594  -1.890  1.00 25.96 ? 80  PRO A CA  1 
ATOM   674  C C   . PRO A 1 80  ? 13.460  -1.740  -0.364  1.00 25.36 ? 80  PRO A C   1 
ATOM   675  O O   . PRO A 1 80  ? 14.231  -1.115  0.361   1.00 24.93 ? 80  PRO A O   1 
ATOM   676  C CB  . PRO A 1 80  ? 14.774  -2.343  -2.445  1.00 27.07 ? 80  PRO A CB  1 
ATOM   677  C CG  . PRO A 1 80  ? 15.283  -1.479  -3.578  1.00 27.69 ? 80  PRO A CG  1 
ATOM   678  C CD  . PRO A 1 80  ? 14.998  -0.061  -3.105  1.00 27.82 ? 80  PRO A CD  1 
ATOM   679  N N   . CYS A 1 81  ? 12.528  -2.557  0.127   1.00 24.59 ? 81  CYS A N   1 
ATOM   680  C CA  . CYS A 1 81  ? 12.487  -2.836  1.563   1.00 24.22 ? 81  CYS A CA  1 
ATOM   681  C C   . CYS A 1 81  ? 12.195  -4.306  1.843   1.00 24.71 ? 81  CYS A C   1 
ATOM   682  O O   . CYS A 1 81  ? 11.800  -5.070  0.948   1.00 26.66 ? 81  CYS A O   1 
ATOM   683  C CB  . CYS A 1 81  ? 11.454  -1.949  2.263   1.00 25.50 ? 81  CYS A CB  1 
ATOM   684  S SG  . CYS A 1 81  ? 9.787   -2.177  1.615   1.00 26.27 ? 81  CYS A SG  1 
ATOM   685  N N   . LYS A 1 82  ? 12.417  -4.691  3.091   1.00 24.59 ? 82  LYS A N   1 
ATOM   686  C CA  . LYS A 1 82  ? 11.983  -5.977  3.610   1.00 24.40 ? 82  LYS A CA  1 
ATOM   687  C C   . LYS A 1 82  ? 10.714  -5.700  4.394   1.00 23.50 ? 82  LYS A C   1 
ATOM   688  O O   . LYS A 1 82  ? 10.690  -4.785  5.197   1.00 24.44 ? 82  LYS A O   1 
ATOM   689  C CB  . LYS A 1 82  ? 13.041  -6.540  4.560   1.00 24.99 ? 82  LYS A CB  1 
ATOM   690  C CG  . LYS A 1 82  ? 14.268  -7.094  3.868   0.50 25.10 ? 82  LYS A CG  1 
ATOM   691  C CD  . LYS A 1 82  ? 15.358  -7.448  4.859   0.20 25.05 ? 82  LYS A CD  1 
ATOM   692  C CE  . LYS A 1 82  ? 16.596  -7.975  4.149   0.20 24.94 ? 82  LYS A CE  1 
ATOM   693  N NZ  . LYS A 1 82  ? 17.784  -7.971  5.045   0.20 25.01 ? 82  LYS A NZ  1 
ATOM   694  N N   . SER A 1 83  ? 9.677   -6.489  4.139   1.00 22.53 ? 83  SER A N   1 
ATOM   695  C CA  . SER A 1 83  ? 8.372   -6.321  4.734   1.00 22.70 ? 83  SER A CA  1 
ATOM   696  C C   . SER A 1 83  ? 7.895   -7.570  5.510   1.00 22.69 ? 83  SER A C   1 
ATOM   697  O O   . SER A 1 83  ? 8.243   -8.704  5.167   1.00 23.68 ? 83  SER A O   1 
ATOM   698  C CB  . SER A 1 83  ? 7.358   -5.998  3.643   1.00 23.44 ? 83  SER A CB  1 
ATOM   699  O OG  . SER A 1 83  ? 7.578   -4.691  3.139   1.00 24.87 ? 83  SER A OG  1 
ATOM   700  N N   . LEU A 1 84  ? 7.077   -7.344  6.531   1.00 21.17 ? 84  LEU A N   1 
ATOM   701  C CA  . LEU A 1 84  ? 6.531   -8.441  7.358   1.00 20.14 ? 84  LEU A CA  1 
ATOM   702  C C   . LEU A 1 84  ? 5.117   -8.053  7.737   1.00 18.45 ? 84  LEU A C   1 
ATOM   703  O O   . LEU A 1 84  ? 4.907   -7.046  8.398   1.00 17.94 ? 84  LEU A O   1 
ATOM   704  C CB  . LEU A 1 84  ? 7.394   -8.638  8.614   1.00 20.81 ? 84  LEU A CB  1 
ATOM   705  C CG  . LEU A 1 84  ? 7.014   -9.757  9.609   1.00 20.64 ? 84  LEU A CG  1 
ATOM   706  C CD1 . LEU A 1 84  ? 6.776   -11.070 8.888   1.00 20.21 ? 84  LEU A CD1 1 
ATOM   707  C CD2 . LEU A 1 84  ? 8.134   -9.870  10.664  1.00 20.83 ? 84  LEU A CD2 1 
ATOM   708  N N   . VAL A 1 85  ? 4.151   -8.844  7.273   1.00 17.79 ? 85  VAL A N   1 
ATOM   709  C CA  . VAL A 1 85  ? 2.727   -8.598  7.509   1.00 16.91 ? 85  VAL A CA  1 
ATOM   710  C C   . VAL A 1 85  ? 2.252   -9.506  8.651   1.00 18.59 ? 85  VAL A C   1 
ATOM   711  O O   . VAL A 1 85  ? 2.629   -10.692 8.709   1.00 17.92 ? 85  VAL A O   1 
ATOM   712  C CB  . VAL A 1 85  ? 1.907   -8.952  6.250   1.00 16.50 ? 85  VAL A CB  1 
ATOM   713  C CG1 . VAL A 1 85  ? 0.406   -8.779  6.490   1.00 17.12 ? 85  VAL A CG1 1 
ATOM   714  C CG2 . VAL A 1 85  ? 2.353   -8.076  5.039   1.00 17.73 ? 85  VAL A CG2 1 
ATOM   715  N N   . LYS A 1 86  ? 1.433   -8.949  9.536   1.00 17.63 ? 86  LYS A N   1 
ATOM   716  C CA  . LYS A 1 86  ? 0.805   -9.732  10.585  1.00 19.42 ? 86  LYS A CA  1 
ATOM   717  C C   . LYS A 1 86  ? -0.626  -9.270  10.717  1.00 18.71 ? 86  LYS A C   1 
ATOM   718  O O   . LYS A 1 86  ? -0.944  -8.150  10.335  1.00 19.89 ? 86  LYS A O   1 
ATOM   719  C CB  . LYS A 1 86  ? 1.578   -9.548  11.902  1.00 19.91 ? 86  LYS A CB  1 
ATOM   720  C CG  . LYS A 1 86  ? 2.966   -10.205 11.816  1.00 21.65 ? 86  LYS A CG  1 
ATOM   721  C CD  . LYS A 1 86  ? 3.744   -10.060 13.104  1.00 24.22 ? 86  LYS A CD  1 
ATOM   722  C CE  . LYS A 1 86  ? 5.132   -10.641 12.945  1.00 23.98 ? 86  LYS A CE  1 
ATOM   723  N NZ  . LYS A 1 86  ? 5.864   -10.502 14.226  1.00 23.74 ? 86  LYS A NZ  1 
ATOM   724  N N   . TRP A 1 87  ? -1.499  -10.126 11.245  1.00 16.89 ? 87  TRP A N   1 
ATOM   725  C CA  . TRP A 1 87  ? -2.875  -9.718  11.508  1.00 16.36 ? 87  TRP A CA  1 
ATOM   726  C C   . TRP A 1 87  ? -2.955  -8.868  12.743  1.00 17.17 ? 87  TRP A C   1 
ATOM   727  O O   . TRP A 1 87  ? -2.296  -9.181  13.734  1.00 17.58 ? 87  TRP A O   1 
ATOM   728  C CB  . TRP A 1 87  ? -3.745  -10.953 11.796  1.00 17.27 ? 87  TRP A CB  1 
ATOM   729  C CG  . TRP A 1 87  ? -3.844  -11.838 10.567  1.00 17.38 ? 87  TRP A CG  1 
ATOM   730  C CD1 . TRP A 1 87  ? -3.166  -13.000 10.320  1.00 18.03 ? 87  TRP A CD1 1 
ATOM   731  C CD2 . TRP A 1 87  ? -4.651  -11.580 9.418   1.00 17.91 ? 87  TRP A CD2 1 
ATOM   732  N NE1 . TRP A 1 87  ? -3.527  -13.498 9.065   1.00 17.38 ? 87  TRP A NE1 1 
ATOM   733  C CE2 . TRP A 1 87  ? -4.426  -12.629 8.496   1.00 18.73 ? 87  TRP A CE2 1 
ATOM   734  C CE3 . TRP A 1 87  ? -5.539  -10.553 9.074   1.00 18.61 ? 87  TRP A CE3 1 
ATOM   735  C CZ2 . TRP A 1 87  ? -5.068  -12.682 7.256   1.00 19.32 ? 87  TRP A CZ2 1 
ATOM   736  C CZ3 . TRP A 1 87  ? -6.170  -10.607 7.835   1.00 18.96 ? 87  TRP A CZ3 1 
ATOM   737  C CH2 . TRP A 1 87  ? -5.941  -11.673 6.957   1.00 18.47 ? 87  TRP A CH2 1 
ATOM   738  N N   . GLU A 1 88  ? -3.808  -7.845  12.710  1.00 18.75 ? 88  GLU A N   1 
ATOM   739  C CA  . GLU A 1 88  ? -4.135  -7.056  13.889  1.00 23.10 ? 88  GLU A CA  1 
ATOM   740  C C   . GLU A 1 88  ? -5.494  -7.508  14.448  1.00 24.12 ? 88  GLU A C   1 
ATOM   741  O O   . GLU A 1 88  ? -5.739  -7.458  15.649  1.00 21.98 ? 88  GLU A O   1 
ATOM   742  C CB  . GLU A 1 88  ? -4.168  -5.557  13.548  1.00 24.69 ? 88  GLU A CB  1 
ATOM   743  C CG  . GLU A 1 88  ? -4.937  -4.698  14.527  1.00 27.62 ? 88  GLU A CG  1 
ATOM   744  C CD  . GLU A 1 88  ? -4.896  -3.195  14.183  1.00 27.52 ? 88  GLU A CD  1 
ATOM   745  O OE1 . GLU A 1 88  ? -3.783  -2.634  14.107  0.90 29.09 ? 88  GLU A OE1 1 
ATOM   746  O OE2 . GLU A 1 88  ? -5.980  -2.576  14.037  0.90 29.08 ? 88  GLU A OE2 1 
ATOM   747  N N   . SER A 1 89  ? -6.372  -7.964  13.560  1.00 24.13 ? 89  SER A N   1 
ATOM   748  C CA  . SER A 1 89  ? -7.693  -8.428  13.951  1.00 23.60 ? 89  SER A CA  1 
ATOM   749  C C   . SER A 1 89  ? -8.169  -9.361  12.850  1.00 22.84 ? 89  SER A C   1 
ATOM   750  O O   . SER A 1 89  ? -7.399  -9.677  11.926  1.00 20.98 ? 89  SER A O   1 
ATOM   751  C CB  . SER A 1 89  ? -8.664  -7.256  14.116  1.00 24.16 ? 89  SER A CB  1 
ATOM   752  O OG  . SER A 1 89  ? -8.776  -6.532  12.905  1.00 26.02 ? 89  SER A OG  1 
ATOM   753  N N   . GLU A 1 90  ? -9.424  -9.798  12.930  1.00 21.70 ? 90  GLU A N   1 
ATOM   754  C CA  . GLU A 1 90  ? -9.924  -10.784 11.954  1.00 22.90 ? 90  GLU A CA  1 
ATOM   755  C C   . GLU A 1 90  ? -9.786  -10.246 10.533  1.00 22.95 ? 90  GLU A C   1 
ATOM   756  O O   . GLU A 1 90  ? -9.427  -10.970 9.606   1.00 23.36 ? 90  GLU A O   1 
ATOM   757  C CB  . GLU A 1 90  ? -11.397 -11.094 12.210  1.00 23.67 ? 90  GLU A CB  1 
ATOM   758  C CG  . GLU A 1 90  ? -11.951 -12.096 11.229  1.00 25.03 ? 90  GLU A CG  1 
ATOM   759  C CD  . GLU A 1 90  ? -13.337 -12.592 11.594  1.00 26.59 ? 90  GLU A CD  1 
ATOM   760  O OE1 . GLU A 1 90  ? -13.824 -12.286 12.702  1.00 28.28 ? 90  GLU A OE1 1 
ATOM   761  O OE2 . GLU A 1 90  ? -13.929 -13.313 10.762  0.90 27.43 ? 90  GLU A OE2 1 
ATOM   762  N N   . ASN A 1 91  ? -10.086 -8.962  10.393  1.00 21.96 ? 91  ASN A N   1 
ATOM   763  C CA  . ASN A 1 91  ? -10.201 -8.334  9.080   0.70 22.41 ? 91  ASN A CA  1 
ATOM   764  C C   . ASN A 1 91  ? -9.173  -7.260  8.735   1.00 21.78 ? 91  ASN A C   1 
ATOM   765  O O   . ASN A 1 91  ? -9.381  -6.511  7.755   1.00 22.97 ? 91  ASN A O   1 
ATOM   766  C CB  . ASN A 1 91  ? -11.588 -7.724  8.945   0.70 23.47 ? 91  ASN A CB  1 
ATOM   767  C CG  . ASN A 1 91  ? -12.677 -8.766  9.020   0.70 25.55 ? 91  ASN A CG  1 
ATOM   768  O OD1 . ASN A 1 91  ? -12.710 -9.698  8.221   0.70 26.21 ? 91  ASN A OD1 1 
ATOM   769  N ND2 . ASN A 1 91  ? -13.566 -8.622  9.989   0.70 26.25 ? 91  ASN A ND2 1 
ATOM   770  N N   . LYS A 1 92  ? -8.095  -7.162  9.509   1.00 20.01 ? 92  LYS A N   1 
ATOM   771  C CA  . LYS A 1 92  ? -7.079  -6.105  9.247   1.00 18.85 ? 92  LYS A CA  1 
ATOM   772  C C   . LYS A 1 92  ? -5.683  -6.627  9.418   1.00 19.44 ? 92  LYS A C   1 
ATOM   773  O O   . LYS A 1 92  ? -5.368  -7.268  10.441  1.00 19.05 ? 92  LYS A O   1 
ATOM   774  C CB  . LYS A 1 92  ? -7.288  -4.904  10.167  1.00 20.62 ? 92  LYS A CB  1 
ATOM   775  C CG  . LYS A 1 92  ? -6.265  -3.722  9.961   1.00 19.42 ? 92  LYS A CG  1 
ATOM   776  C CD  . LYS A 1 92  ? -6.692  -2.483  10.737  1.00 20.19 ? 92  LYS A CD  1 
ATOM   777  C CE  . LYS A 1 92  ? -5.786  -1.303  10.370  1.00 21.58 ? 92  LYS A CE  1 
ATOM   778  N NZ  . LYS A 1 92  ? -6.190  0.003   10.993  1.00 23.00 ? 92  LYS A NZ  1 
ATOM   779  N N   . MET A 1 93  ? -4.817  -6.339  8.447   1.00 18.68 ? 93  MET A N   1 
ATOM   780  C CA  A MET A 1 93  ? -3.425  -6.730  8.569   0.50 19.13 ? 93  MET A CA  1 
ATOM   781  C CA  B MET A 1 93  ? -3.420  -6.738  8.511   0.50 19.67 ? 93  MET A CA  1 
ATOM   782  C C   . MET A 1 93  ? -2.540  -5.492  8.571   1.00 19.07 ? 93  MET A C   1 
ATOM   783  O O   . MET A 1 93  ? -2.937  -4.430  8.090   1.00 19.67 ? 93  MET A O   1 
ATOM   784  C CB  A MET A 1 93  ? -3.021  -7.702  7.457   0.50 19.25 ? 93  MET A CB  1 
ATOM   785  C CB  B MET A 1 93  ? -3.063  -7.547  7.269   0.50 20.23 ? 93  MET A CB  1 
ATOM   786  C CG  A MET A 1 93  ? -2.692  -7.044  6.117   0.50 20.04 ? 93  MET A CG  1 
ATOM   787  C CG  B MET A 1 93  ? -3.474  -6.833  5.977   0.50 21.43 ? 93  MET A CG  1 
ATOM   788  S SD  A MET A 1 93  ? -2.733  -8.223  4.752   0.50 21.95 ? 93  MET A SD  1 
ATOM   789  S SD  B MET A 1 93  ? -2.983  -7.659  4.460   0.50 23.38 ? 93  MET A SD  1 
ATOM   790  C CE  A MET A 1 93  ? -4.505  -8.310  4.480   0.50 20.36 ? 93  MET A CE  1 
ATOM   791  C CE  B MET A 1 93  ? -3.421  -9.354  4.850   0.50 23.16 ? 93  MET A CE  1 
ATOM   792  N N   . VAL A 1 94  ? -1.336  -5.640  9.106   1.00 17.86 ? 94  VAL A N   1 
ATOM   793  C CA  A VAL A 1 94  ? -0.431  -4.524  9.254   0.50 18.65 ? 94  VAL A CA  1 
ATOM   794  C CA  B VAL A 1 94  ? -0.429  -4.524  9.276   0.50 19.07 ? 94  VAL A CA  1 
ATOM   795  C C   . VAL A 1 94  ? 0.966   -4.930  8.806   1.00 20.26 ? 94  VAL A C   1 
ATOM   796  O O   . VAL A 1 94  ? 1.431   -6.037  9.089   1.00 18.98 ? 94  VAL A O   1 
ATOM   797  C CB  A VAL A 1 94  ? -0.395  -4.018  10.719  0.50 18.49 ? 94  VAL A CB  1 
ATOM   798  C CB  B VAL A 1 94  ? -0.392  -4.069  10.761  0.50 19.33 ? 94  VAL A CB  1 
ATOM   799  C CG1 A VAL A 1 94  ? -1.748  -3.435  11.127  0.50 19.15 ? 94  VAL A CG1 1 
ATOM   800  C CG1 B VAL A 1 94  ? 0.585   -2.903  10.954  0.50 19.63 ? 94  VAL A CG1 1 
ATOM   801  C CG2 A VAL A 1 94  ? 0.036   -5.131  11.667  0.50 17.77 ? 94  VAL A CG2 1 
ATOM   802  C CG2 B VAL A 1 94  ? -1.788  -3.689  11.242  0.50 20.15 ? 94  VAL A CG2 1 
ATOM   803  N N   . CYS A 1 95  ? 1.642   -4.041  8.089   1.00 20.59 ? 95  CYS A N   1 
ATOM   804  C CA  . CYS A 1 95  ? 2.953   -4.385  7.560   1.00 20.25 ? 95  CYS A CA  1 
ATOM   805  C C   . CYS A 1 95  ? 4.003   -3.377  8.029   1.00 22.54 ? 95  CYS A C   1 
ATOM   806  O O   . CYS A 1 95  ? 3.825   -2.154  7.870   1.00 20.56 ? 95  CYS A O   1 
ATOM   807  C CB  . CYS A 1 95  ? 2.902   -4.413  6.018   1.00 21.62 ? 95  CYS A CB  1 
ATOM   808  S SG  . CYS A 1 95  ? 4.468   -4.842  5.233   1.00 23.04 ? 95  CYS A SG  1 
ATOM   809  N N   . GLU A 1 96  ? 5.082   -3.892  8.628   1.00 23.06 ? 96  GLU A N   1 
ATOM   810  C CA  A GLU A 1 96  ? 6.200   -3.038  8.962   0.50 24.01 ? 96  GLU A CA  1 
ATOM   811  C CA  B GLU A 1 96  ? 6.253   -3.116  9.032   0.50 23.30 ? 96  GLU A CA  1 
ATOM   812  C C   . GLU A 1 96  ? 7.290   -3.261  7.933   1.00 24.38 ? 96  GLU A C   1 
ATOM   813  O O   . GLU A 1 96  ? 7.460   -4.357  7.416   1.00 23.88 ? 96  GLU A O   1 
ATOM   814  C CB  A GLU A 1 96  ? 6.701   -3.299  10.383  0.50 25.24 ? 96  GLU A CB  1 
ATOM   815  C CB  B GLU A 1 96  ? 6.855   -3.684  10.329  0.50 23.40 ? 96  GLU A CB  1 
ATOM   816  C CG  A GLU A 1 96  ? 5.647   -3.039  11.474  0.50 25.83 ? 96  GLU A CG  1 
ATOM   817  C CG  B GLU A 1 96  ? 5.864   -3.900  11.474  0.50 23.05 ? 96  GLU A CG  1 
ATOM   818  C CD  A GLU A 1 96  ? 5.074   -1.624  11.460  0.50 26.04 ? 96  GLU A CD  1 
ATOM   819  C CD  B GLU A 1 96  ? 6.519   -3.878  12.864  0.30 22.89 ? 96  GLU A CD  1 
ATOM   820  O OE1 A GLU A 1 96  ? 5.841   -0.643  11.311  0.50 27.12 ? 96  GLU A OE1 1 
ATOM   821  O OE1 B GLU A 1 96  ? 7.763   -3.997  12.968  0.30 21.30 ? 96  GLU A OE1 1 
ATOM   822  O OE2 A GLU A 1 96  ? 3.844   -1.493  11.626  0.50 25.95 ? 96  GLU A OE2 1 
ATOM   823  O OE2 B GLU A 1 96  ? 5.772   -3.748  13.861  0.30 23.07 ? 96  GLU A OE2 1 
ATOM   824  N N   . GLN A 1 97  ? 7.996   -2.181  7.597   1.00 25.61 ? 97  GLN A N   1 
ATOM   825  C CA  . GLN A 1 97  ? 9.011   -2.214  6.539   1.00 26.50 ? 97  GLN A CA  1 
ATOM   826  C C   . GLN A 1 97  ? 10.383  -1.771  7.025   1.00 25.77 ? 97  GLN A C   1 
ATOM   827  O O   . GLN A 1 97  ? 10.490  -0.876  7.842   1.00 26.13 ? 97  GLN A O   1 
ATOM   828  C CB  . GLN A 1 97  ? 8.586   -1.323  5.367   1.00 26.16 ? 97  GLN A CB  1 
ATOM   829  C CG  . GLN A 1 97  ? 7.246   -1.748  4.762   1.00 26.82 ? 97  GLN A CG  1 
ATOM   830  C CD  . GLN A 1 97  ? 6.774   -0.811  3.677   1.00 27.07 ? 97  GLN A CD  1 
ATOM   831  O OE1 . GLN A 1 97  ? 6.935   0.413   3.777   1.00 25.64 ? 97  GLN A OE1 1 
ATOM   832  N NE2 . GLN A 1 97  ? 6.201   -1.380  2.615   1.00 28.22 ? 97  GLN A NE2 1 
ATOM   833  N N   . LYS A 1 98  ? 11.430  -2.388  6.484   0.90 26.31 ? 98  LYS A N   1 
ATOM   834  C CA  . LYS A 1 98  ? 12.806  -2.012  6.817   0.80 25.91 ? 98  LYS A CA  1 
ATOM   835  C C   . LYS A 1 98  ? 13.529  -1.766  5.505   0.80 24.94 ? 98  LYS A C   1 
ATOM   836  O O   . LYS A 1 98  ? 13.522  -2.634  4.639   0.80 25.07 ? 98  LYS A O   1 
ATOM   837  C CB  . LYS A 1 98  ? 13.468  -3.176  7.560   0.80 26.54 ? 98  LYS A CB  1 
ATOM   838  C CG  . LYS A 1 98  ? 14.891  -2.947  8.060   0.50 27.73 ? 98  LYS A CG  1 
ATOM   839  C CD  . LYS A 1 98  ? 15.343  -4.167  8.876   0.40 27.68 ? 98  LYS A CD  1 
ATOM   840  C CE  . LYS A 1 98  ? 14.154  -4.767  9.643   0.40 28.45 ? 98  LYS A CE  1 
ATOM   841  N NZ  . LYS A 1 98  ? 14.469  -6.009  10.424  0.40 29.38 ? 98  LYS A NZ  1 
ATOM   842  N N   . LEU A 1 99  ? 14.138  -0.590  5.348   0.80 24.37 ? 99  LEU A N   1 
ATOM   843  C CA  . LEU A 1 99  ? 14.947  -0.318  4.152   0.80 24.75 ? 99  LEU A CA  1 
ATOM   844  C C   . LEU A 1 99  ? 16.069  -1.342  4.021   0.70 25.42 ? 99  LEU A C   1 
ATOM   845  O O   . LEU A 1 99  ? 16.585  -1.825  5.018   0.70 26.11 ? 99  LEU A O   1 
ATOM   846  C CB  . LEU A 1 99  ? 15.512  1.105   4.177   0.80 23.04 ? 99  LEU A CB  1 
ATOM   847  C CG  . LEU A 1 99  ? 14.479  2.212   3.942   0.80 22.80 ? 99  LEU A CG  1 
ATOM   848  C CD1 . LEU A 1 99  ? 15.057  3.581   4.243   0.80 22.50 ? 99  LEU A CD1 1 
ATOM   849  C CD2 . LEU A 1 99  ? 13.934  2.146   2.516   0.80 21.94 ? 99  LEU A CD2 1 
ATOM   850  N N   . LEU A 1 100 ? 16.432  -1.682  2.792   0.70 27.04 ? 100 LEU A N   1 
ATOM   851  C CA  . LEU A 1 100 ? 17.559  -2.584  2.557   0.80 29.24 ? 100 LEU A CA  1 
ATOM   852  C C   . LEU A 1 100 ? 18.888  -1.836  2.559   0.80 30.45 ? 100 LEU A C   1 
ATOM   853  O O   . LEU A 1 100 ? 19.938  -2.427  2.794   0.80 30.80 ? 100 LEU A O   1 
ATOM   854  C CB  . LEU A 1 100 ? 17.388  -3.330  1.238   0.70 29.85 ? 100 LEU A CB  1 
ATOM   855  C CG  . LEU A 1 100 ? 16.318  -4.420  1.210   0.70 30.83 ? 100 LEU A CG  1 
ATOM   856  C CD1 . LEU A 1 100 ? 16.167  -4.969  -0.201  0.70 30.63 ? 100 LEU A CD1 1 
ATOM   857  C CD2 . LEU A 1 100 ? 16.695  -5.518  2.190   0.70 31.27 ? 100 LEU A CD2 1 
ATOM   858  N N   . LYS A 1 101 ? 18.836  -0.537  2.276   0.80 30.74 ? 101 LYS A N   1 
ATOM   859  C CA  . LYS A 1 101 ? 20.031  0.290   2.225   0.80 31.32 ? 101 LYS A CA  1 
ATOM   860  C C   . LYS A 1 101 ? 19.678  1.703   2.642   0.80 31.64 ? 101 LYS A C   1 
ATOM   861  O O   . LYS A 1 101 ? 18.601  2.207   2.311   0.80 32.28 ? 101 LYS A O   1 
ATOM   862  C CB  . LYS A 1 101 ? 20.611  0.334   0.804   0.50 31.28 ? 101 LYS A CB  1 
ATOM   863  C CG  . LYS A 1 101 ? 21.283  -0.940  0.320   0.40 31.50 ? 101 LYS A CG  1 
ATOM   864  C CD  . LYS A 1 101 ? 21.610  -0.819  -1.164  0.40 31.82 ? 101 LYS A CD  1 
ATOM   865  C CE  . LYS A 1 101 ? 22.506  -1.949  -1.655  0.40 31.95 ? 101 LYS A CE  1 
ATOM   866  N NZ  . LYS A 1 101 ? 22.788  -1.818  -3.111  0.40 31.53 ? 101 LYS A NZ  1 
ATOM   867  N N   . GLY A 1 102 ? 20.584  2.342   3.369   0.80 31.15 ? 102 GLY A N   1 
ATOM   868  C CA  . GLY A 1 102 ? 20.434  3.749   3.697   0.80 30.98 ? 102 GLY A CA  1 
ATOM   869  C C   . GLY A 1 102 ? 19.378  3.949   4.755   0.80 30.85 ? 102 GLY A C   1 
ATOM   870  O O   . GLY A 1 102 ? 18.988  3.002   5.437   0.80 31.56 ? 102 GLY A O   1 
ATOM   871  N N   . GLU A 1 103 ? 18.904  5.182   4.872   0.80 30.31 ? 103 GLU A N   1 
ATOM   872  C CA  . GLU A 1 103 ? 17.935  5.562   5.888   0.80 30.36 ? 103 GLU A CA  1 
ATOM   873  C C   . GLU A 1 103 ? 16.849  6.452   5.289   0.60 29.49 ? 103 GLU A C   1 
ATOM   874  O O   . GLU A 1 103 ? 16.993  6.987   4.191   0.60 28.66 ? 103 GLU A O   1 
ATOM   875  C CB  . GLU A 1 103 ? 18.639  6.299   7.028   0.70 31.31 ? 103 GLU A CB  1 
ATOM   876  C CG  . GLU A 1 103 ? 19.632  5.431   7.793   0.50 31.94 ? 103 GLU A CG  1 
ATOM   877  C CD  . GLU A 1 103 ? 20.870  6.194   8.196   0.40 32.51 ? 103 GLU A CD  1 
ATOM   878  O OE1 . GLU A 1 103 ? 21.351  7.004   7.378   0.40 32.82 ? 103 GLU A OE1 1 
ATOM   879  O OE2 . GLU A 1 103 ? 21.365  5.984   9.324   0.40 33.09 ? 103 GLU A OE2 1 
ATOM   880  N N   . GLY A 1 104 ? 15.759  6.607   6.025   1.00 29.10 ? 104 GLY A N   1 
ATOM   881  C CA  . GLY A 1 104 ? 14.652  7.429   5.574   1.00 28.34 ? 104 GLY A CA  1 
ATOM   882  C C   . GLY A 1 104 ? 13.546  7.311   6.585   1.00 28.49 ? 104 GLY A C   1 
ATOM   883  O O   . GLY A 1 104 ? 13.719  6.668   7.621   1.00 28.23 ? 104 GLY A O   1 
ATOM   884  N N   . PRO A 1 105 ? 12.397  7.938   6.299   1.00 27.85 ? 105 PRO A N   1 
ATOM   885  C CA  . PRO A 1 105 ? 11.277  7.900   7.226   1.00 27.29 ? 105 PRO A CA  1 
ATOM   886  C C   . PRO A 1 105 ? 10.858  6.461   7.543   1.00 26.50 ? 105 PRO A C   1 
ATOM   887  O O   . PRO A 1 105 ? 11.099  5.548   6.745   1.00 26.88 ? 105 PRO A O   1 
ATOM   888  C CB  . PRO A 1 105 ? 10.154  8.600   6.445   1.00 27.32 ? 105 PRO A CB  1 
ATOM   889  C CG  . PRO A 1 105 ? 10.843  9.438   5.434   1.00 28.21 ? 105 PRO A CG  1 
ATOM   890  C CD  . PRO A 1 105 ? 12.108  8.717   5.084   1.00 28.02 ? 105 PRO A CD  1 
ATOM   891  N N   . LYS A 1 106 ? 10.222  6.267   8.691   1.00 26.32 ? 106 LYS A N   1 
ATOM   892  C CA  A LYS A 1 106 ? 9.668   4.977   9.062   0.50 26.03 ? 106 LYS A CA  1 
ATOM   893  C CA  B LYS A 1 106 ? 9.684   4.965   9.039   0.50 25.74 ? 106 LYS A CA  1 
ATOM   894  C C   . LYS A 1 106 ? 8.373   4.769   8.292   1.00 25.11 ? 106 LYS A C   1 
ATOM   895  O O   . LYS A 1 106 ? 7.437   5.558   8.438   1.00 24.72 ? 106 LYS A O   1 
ATOM   896  C CB  A LYS A 1 106 ? 9.378   4.955   10.561  0.50 27.59 ? 106 LYS A CB  1 
ATOM   897  C CB  B LYS A 1 106 ? 9.461   4.854   10.548  0.50 26.84 ? 106 LYS A CB  1 
ATOM   898  C CG  A LYS A 1 106 ? 8.905   3.615   11.111  0.50 28.46 ? 106 LYS A CG  1 
ATOM   899  C CG  B LYS A 1 106 ? 8.935   3.500   11.024  0.50 26.96 ? 106 LYS A CG  1 
ATOM   900  C CD  A LYS A 1 106 ? 8.326   3.785   12.508  0.50 28.82 ? 106 LYS A CD  1 
ATOM   901  C CD  B LYS A 1 106 ? 9.957   2.378   10.849  0.50 26.79 ? 106 LYS A CD  1 
ATOM   902  C CE  A LYS A 1 106 ? 8.044   2.456   13.185  0.50 30.02 ? 106 LYS A CE  1 
ATOM   903  C CE  B LYS A 1 106 ? 9.455   1.073   11.473  0.50 26.53 ? 106 LYS A CE  1 
ATOM   904  N NZ  A LYS A 1 106 ? 7.367   2.664   14.519  0.50 30.16 ? 106 LYS A NZ  1 
ATOM   905  N NZ  B LYS A 1 106 ? 10.172  -0.161  11.003  0.50 24.32 ? 106 LYS A NZ  1 
ATOM   906  N N   . THR A 1 107 ? 8.315   3.717   7.480   1.00 23.17 ? 107 THR A N   1 
ATOM   907  C CA  . THR A 1 107 ? 7.125   3.454   6.673   1.00 22.61 ? 107 THR A CA  1 
ATOM   908  C C   . THR A 1 107 ? 6.401   2.144   7.032   1.00 23.13 ? 107 THR A C   1 
ATOM   909  O O   . THR A 1 107 ? 7.022   1.160   7.505   1.00 22.46 ? 107 THR A O   1 
ATOM   910  C CB  . THR A 1 107 ? 7.439   3.459   5.157   1.00 22.54 ? 107 THR A CB  1 
ATOM   911  O OG1 . THR A 1 107 ? 8.284   2.349   4.835   1.00 23.15 ? 107 THR A OG1 1 
ATOM   912  C CG2 . THR A 1 107 ? 8.128   4.764   4.724   1.00 22.31 ? 107 THR A CG2 1 
ATOM   913  N N   . SER A 1 108 ? 5.087   2.144   6.800   1.00 20.03 ? 108 SER A N   1 
ATOM   914  C CA  . SER A 1 108 ? 4.252   0.970   7.060   1.00 19.95 ? 108 SER A CA  1 
ATOM   915  C C   . SER A 1 108 ? 2.982   1.098   6.232   1.00 19.46 ? 108 SER A C   1 
ATOM   916  O O   . SER A 1 108 ? 2.728   2.136   5.592   1.00 17.73 ? 108 SER A O   1 
ATOM   917  C CB  . SER A 1 108 ? 3.895   0.864   8.548   1.00 19.32 ? 108 SER A CB  1 
ATOM   918  O OG  . SER A 1 108 ? 3.349   2.085   9.055   1.00 21.00 ? 108 SER A OG  1 
ATOM   919  N N   . TRP A 1 109 ? 2.193   0.031   6.220   1.00 18.36 ? 109 TRP A N   1 
ATOM   920  C CA  . TRP A 1 109 ? 0.883   0.068   5.579   1.00 18.09 ? 109 TRP A CA  1 
ATOM   921  C C   . TRP A 1 109 ? -0.064  -0.913  6.269   1.00 18.90 ? 109 TRP A C   1 
ATOM   922  O O   . TRP A 1 109 ? 0.392   -1.839  6.936   1.00 17.83 ? 109 TRP A O   1 
ATOM   923  C CB  . TRP A 1 109 ? 0.962   -0.194  4.058   1.00 19.06 ? 109 TRP A CB  1 
ATOM   924  C CG  . TRP A 1 109 ? 1.603   -1.520  3.609   1.00 19.67 ? 109 TRP A CG  1 
ATOM   925  C CD1 . TRP A 1 109 ? 2.889   -1.699  3.156   1.00 20.39 ? 109 TRP A CD1 1 
ATOM   926  C CD2 . TRP A 1 109 ? 0.963   -2.809  3.498   1.00 18.18 ? 109 TRP A CD2 1 
ATOM   927  N NE1 . TRP A 1 109 ? 3.096   -3.020  2.828   1.00 18.84 ? 109 TRP A NE1 1 
ATOM   928  C CE2 . TRP A 1 109 ? 1.925   -3.714  3.017   1.00 19.12 ? 109 TRP A CE2 1 
ATOM   929  C CE3 . TRP A 1 109 ? -0.328  -3.284  3.790   1.00 18.81 ? 109 TRP A CE3 1 
ATOM   930  C CZ2 . TRP A 1 109 ? 1.641   -5.087  2.809   1.00 19.80 ? 109 TRP A CZ2 1 
ATOM   931  C CZ3 . TRP A 1 109 ? -0.606  -4.659  3.605   1.00 19.01 ? 109 TRP A CZ3 1 
ATOM   932  C CH2 . TRP A 1 109 ? 0.376   -5.531  3.131   1.00 19.81 ? 109 TRP A CH2 1 
ATOM   933  N N   . THR A 1 110 ? -1.367  -0.687  6.122   1.00 18.10 ? 110 THR A N   1 
ATOM   934  C CA  . THR A 1 110 ? -2.372  -1.618  6.661   1.00 18.49 ? 110 THR A CA  1 
ATOM   935  C C   . THR A 1 110 ? -3.413  -1.818  5.585   1.00 19.62 ? 110 THR A C   1 
ATOM   936  O O   . THR A 1 110 ? -3.590  -0.942  4.698   1.00 18.50 ? 110 THR A O   1 
ATOM   937  C CB  . THR A 1 110 ? -3.100  -1.045  7.899   1.00 18.32 ? 110 THR A CB  1 
ATOM   938  O OG1 . THR A 1 110 ? -3.971  0.034   7.498   1.00 18.21 ? 110 THR A OG1 1 
ATOM   939  C CG2 . THR A 1 110 ? -2.101  -0.532  8.940   1.00 18.63 ? 110 THR A CG2 1 
ATOM   940  N N   . LEU A 1 111 ? -4.099  -2.962  5.641   1.00 18.36 ? 111 LEU A N   1 
ATOM   941  C CA  . LEU A 1 111 ? -5.256  -3.228  4.781   1.00 17.91 ? 111 LEU A CA  1 
ATOM   942  C C   . LEU A 1 111 ? -6.351  -3.799  5.646   1.00 18.12 ? 111 LEU A C   1 
ATOM   943  O O   . LEU A 1 111 ? -6.097  -4.673  6.466   1.00 17.76 ? 111 LEU A O   1 
ATOM   944  C CB  . LEU A 1 111 ? -4.923  -4.250  3.684   1.00 17.19 ? 111 LEU A CB  1 
ATOM   945  C CG  . LEU A 1 111 ? -4.062  -3.751  2.525   1.00 19.90 ? 111 LEU A CG  1 
ATOM   946  C CD1 . LEU A 1 111 ? -3.637  -4.897  1.617   1.00 20.01 ? 111 LEU A CD1 1 
ATOM   947  C CD2 . LEU A 1 111 ? -4.839  -2.672  1.761   1.00 19.58 ? 111 LEU A CD2 1 
ATOM   948  N N   . GLU A 1 112 ? -7.562  -3.330  5.447   1.00 18.11 ? 112 GLU A N   1 
ATOM   949  C CA  . GLU A 1 112 ? -8.672  -3.736  6.281   1.00 21.42 ? 112 GLU A CA  1 
ATOM   950  C C   . GLU A 1 112 ? -9.894  -3.962  5.386   1.00 22.77 ? 112 GLU A C   1 
ATOM   951  O O   . GLU A 1 112 ? -10.228 -3.112  4.553   1.00 22.70 ? 112 GLU A O   1 
ATOM   952  C CB  . GLU A 1 112 ? -8.974  -2.673  7.344   1.00 22.18 ? 112 GLU A CB  1 
ATOM   953  C CG  . GLU A 1 112 ? -10.278 -2.942  8.067   1.00 24.56 ? 112 GLU A CG  1 
ATOM   954  C CD  . GLU A 1 112 ? -10.604 -1.959  9.158   1.00 26.91 ? 112 GLU A CD  1 
ATOM   955  O OE1 . GLU A 1 112 ? -9.929  -0.911  9.271   0.70 26.31 ? 112 GLU A OE1 1 
ATOM   956  O OE2 . GLU A 1 112 ? -11.564 -2.252  9.913   0.70 27.48 ? 112 GLU A OE2 1 
ATOM   957  N N   . LEU A 1 113 ? -10.550 -5.103  5.556   1.00 22.95 ? 113 LEU A N   1 
ATOM   958  C CA  . LEU A 1 113 ? -11.782 -5.380  4.829   1.00 25.90 ? 113 LEU A CA  1 
ATOM   959  C C   . LEU A 1 113 ? -12.963 -5.062  5.737   1.00 26.67 ? 113 LEU A C   1 
ATOM   960  O O   . LEU A 1 113 ? -13.134 -5.732  6.748   1.00 27.49 ? 113 LEU A O   1 
ATOM   961  C CB  . LEU A 1 113 ? -11.804 -6.853  4.474   1.00 26.44 ? 113 LEU A CB  1 
ATOM   962  C CG  . LEU A 1 113 ? -12.225 -7.441  3.137   1.00 28.84 ? 113 LEU A CG  1 
ATOM   963  C CD1 . LEU A 1 113 ? -12.941 -8.739  3.442   1.00 28.17 ? 113 LEU A CD1 1 
ATOM   964  C CD2 . LEU A 1 113 ? -13.096 -6.532  2.281   1.00 28.86 ? 113 LEU A CD2 1 
ATOM   965  N N   . THR A 1 114 ? -13.777 -4.056  5.416   1.00 26.53 ? 114 THR A N   1 
ATOM   966  C CA  . THR A 1 114 ? -14.863 -3.722  6.322   1.00 28.05 ? 114 THR A CA  1 
ATOM   967  C C   . THR A 1 114 ? -16.050 -4.690  6.164   1.00 29.26 ? 114 THR A C   1 
ATOM   968  O O   . THR A 1 114 ? -16.148 -5.437  5.183   1.00 27.98 ? 114 THR A O   1 
ATOM   969  C CB  . THR A 1 114 ? -15.378 -2.271  6.154   1.00 28.82 ? 114 THR A CB  1 
ATOM   970  O OG1 . THR A 1 114 ? -16.156 -2.177  4.953   1.00 29.86 ? 114 THR A OG1 1 
ATOM   971  C CG2 . THR A 1 114 ? -14.223 -1.267  6.100   1.00 29.88 ? 114 THR A CG2 1 
ATOM   972  N N   . ASN A 1 115 ? -16.955 -4.653  7.140   0.80 30.71 ? 115 ASN A N   1 
ATOM   973  C CA  . ASN A 1 115 ? -18.179 -5.443  7.085   0.80 31.60 ? 115 ASN A CA  1 
ATOM   974  C C   . ASN A 1 115 ? -19.158 -4.934  6.022   0.80 31.95 ? 115 ASN A C   1 
ATOM   975  O O   . ASN A 1 115 ? -20.081 -5.642  5.650   0.80 32.81 ? 115 ASN A O   1 
ATOM   976  C CB  . ASN A 1 115 ? -18.847 -5.513  8.463   0.80 32.29 ? 115 ASN A CB  1 
ATOM   977  C CG  . ASN A 1 115 ? -17.931 -6.109  9.530   0.60 33.09 ? 115 ASN A CG  1 
ATOM   978  O OD1 . ASN A 1 115 ? -17.246 -7.113  9.296   0.60 32.96 ? 115 ASN A OD1 1 
ATOM   979  N ND2 . ASN A 1 115 ? -17.907 -5.482  10.709  0.60 33.00 ? 115 ASN A ND2 1 
ATOM   980  N N   . ASP A 1 116 ? -18.949 -3.718  5.526   0.80 31.74 ? 116 ASP A N   1 
ATOM   981  C CA  . ASP A 1 116 ? -19.753 -3.206  4.410   0.80 31.63 ? 116 ASP A CA  1 
ATOM   982  C C   . ASP A 1 116 ? -19.094 -3.432  3.035   0.80 30.87 ? 116 ASP A C   1 
ATOM   983  O O   . ASP A 1 116 ? -19.518 -2.870  2.033   0.80 31.66 ? 116 ASP A O   1 
ATOM   984  C CB  . ASP A 1 116 ? -20.094 -1.725  4.610   0.50 32.11 ? 116 ASP A CB  1 
ATOM   985  C CG  . ASP A 1 116 ? -21.279 -1.507  5.564   0.50 33.28 ? 116 ASP A CG  1 
ATOM   986  O OD1 . ASP A 1 116 ? -21.924 -2.491  5.990   0.50 33.26 ? 116 ASP A OD1 1 
ATOM   987  O OD2 . ASP A 1 116 ? -21.572 -0.336  5.883   0.50 33.46 ? 116 ASP A OD2 1 
ATOM   988  N N   . GLY A 1 117 ? -18.056 -4.257  2.990   0.70 30.10 ? 117 GLY A N   1 
ATOM   989  C CA  . GLY A 1 117 ? -17.426 -4.627  1.725   0.80 30.05 ? 117 GLY A CA  1 
ATOM   990  C C   . GLY A 1 117 ? -16.449 -3.633  1.112   0.80 29.46 ? 117 GLY A C   1 
ATOM   991  O O   . GLY A 1 117 ? -16.114 -3.739  -0.062  0.80 30.18 ? 117 GLY A O   1 
ATOM   992  N N   . GLU A 1 118 ? -15.995 -2.657  1.887   1.00 29.13 ? 118 GLU A N   1 
ATOM   993  C CA  . GLU A 1 118 ? -14.963 -1.736  1.412   1.00 28.30 ? 118 GLU A CA  1 
ATOM   994  C C   . GLU A 1 118 ? -13.572 -2.262  1.787   1.00 27.02 ? 118 GLU A C   1 
ATOM   995  O O   . GLU A 1 118 ? -13.422 -3.073  2.695   1.00 25.32 ? 118 GLU A O   1 
ATOM   996  C CB  . GLU A 1 118 ? -15.170 -0.330  1.996   1.00 28.95 ? 118 GLU A CB  1 
ATOM   997  C CG  . GLU A 1 118 ? -16.461 0.333   1.527   1.00 31.15 ? 118 GLU A CG  1 
ATOM   998  C CD  . GLU A 1 118 ? -16.624 1.771   1.999   1.00 31.96 ? 118 GLU A CD  1 
ATOM   999  O OE1 . GLU A 1 118 ? -16.285 2.097   3.164   1.00 33.97 ? 118 GLU A OE1 1 
ATOM   1000 O OE2 . GLU A 1 118 ? -17.128 2.590   1.203   1.00 34.36 ? 118 GLU A OE2 1 
ATOM   1001 N N   . LEU A 1 119 ? -12.554 -1.810  1.070   1.00 24.72 ? 119 LEU A N   1 
ATOM   1002 C CA  . LEU A 1 119 ? -11.188 -2.101  1.449   1.00 23.87 ? 119 LEU A CA  1 
ATOM   1003 C C   . LEU A 1 119 ? -10.598 -0.757  1.875   1.00 23.14 ? 119 LEU A C   1 
ATOM   1004 O O   . LEU A 1 119 ? -10.672 0.213   1.128   1.00 21.94 ? 119 LEU A O   1 
ATOM   1005 C CB  . LEU A 1 119 ? -10.423 -2.688  0.268   1.00 24.19 ? 119 LEU A CB  1 
ATOM   1006 C CG  . LEU A 1 119 ? -8.901  -2.833  0.420   1.00 24.56 ? 119 LEU A CG  1 
ATOM   1007 C CD1 . LEU A 1 119 ? -8.575  -3.944  1.427   1.00 24.04 ? 119 LEU A CD1 1 
ATOM   1008 C CD2 . LEU A 1 119 ? -8.292  -3.130  -0.927  1.00 24.28 ? 119 LEU A CD2 1 
ATOM   1009 N N   . ILE A 1 120 ? -10.072 -0.695  3.097   1.00 22.00 ? 120 ILE A N   1 
ATOM   1010 C CA  . ILE A 1 120 ? -9.421  0.524   3.597   1.00 21.29 ? 120 ILE A CA  1 
ATOM   1011 C C   . ILE A 1 120 ? -7.919  0.270   3.656   1.00 20.91 ? 120 ILE A C   1 
ATOM   1012 O O   . ILE A 1 120 ? -7.438  -0.723  4.252   1.00 20.56 ? 120 ILE A O   1 
ATOM   1013 C CB  . ILE A 1 120 ? -9.966  0.966   4.983   1.00 21.65 ? 120 ILE A CB  1 
ATOM   1014 C CG1 . ILE A 1 120 ? -11.483 1.201   4.919   1.00 22.87 ? 120 ILE A CG1 1 
ATOM   1015 C CG2 . ILE A 1 120 ? -9.263  2.262   5.461   1.00 21.95 ? 120 ILE A CG2 1 
ATOM   1016 C CD1 . ILE A 1 120 ? -12.109 1.399   6.310   1.00 23.97 ? 120 ILE A CD1 1 
ATOM   1017 N N   . GLU A 1 121 ? -7.174  1.144   3.000   1.00 20.23 ? 121 GLU A N   1 
ATOM   1018 C CA  . GLU A 1 121 ? -5.739  1.058   3.015   1.00 20.43 ? 121 GLU A CA  1 
ATOM   1019 C C   . GLU A 1 121 ? -5.185  2.269   3.758   1.00 19.96 ? 121 GLU A C   1 
ATOM   1020 O O   . GLU A 1 121 ? -5.648  3.402   3.558   1.00 19.10 ? 121 GLU A O   1 
ATOM   1021 C CB  . GLU A 1 121 ? -5.207  1.033   1.590   1.00 21.27 ? 121 GLU A CB  1 
ATOM   1022 C CG  . GLU A 1 121 ? -3.713  1.041   1.553   1.00 21.73 ? 121 GLU A CG  1 
ATOM   1023 C CD  . GLU A 1 121 ? -3.162  1.203   0.140   1.00 23.09 ? 121 GLU A CD  1 
ATOM   1024 O OE1 . GLU A 1 121 ? -3.886  1.703   -0.758  1.00 20.48 ? 121 GLU A OE1 1 
ATOM   1025 O OE2 . GLU A 1 121 ? -1.980  0.846   -0.032  1.00 24.66 ? 121 GLU A OE2 1 
ATOM   1026 N N   . THR A 1 122 ? -4.224  2.038   4.643   1.00 18.85 ? 122 THR A N   1 
ATOM   1027 C CA  . THR A 1 122 ? -3.474  3.159   5.169   1.00 19.04 ? 122 THR A CA  1 
ATOM   1028 C C   . THR A 1 122 ? -2.022  2.983   4.796   1.00 20.16 ? 122 THR A C   1 
ATOM   1029 O O   . THR A 1 122 ? -1.525  1.849   4.601   1.00 19.45 ? 122 THR A O   1 
ATOM   1030 C CB  . THR A 1 122 ? -3.671  3.434   6.693   1.00 19.85 ? 122 THR A CB  1 
ATOM   1031 O OG1 . THR A 1 122 ? -2.920  2.488   7.471   1.00 20.38 ? 122 THR A OG1 1 
ATOM   1032 C CG2 . THR A 1 122 ? -5.141  3.349   7.103   1.00 21.57 ? 122 THR A CG2 1 
ATOM   1033 N N   . MET A 1 123 ? -1.350  4.112   4.627   1.00 18.92 ? 123 MET A N   1 
ATOM   1034 C CA  . MET A 1 123 ? 0.081   4.102   4.370   1.00 22.46 ? 123 MET A CA  1 
ATOM   1035 C C   . MET A 1 123 ? 0.627   5.219   5.258   1.00 20.87 ? 123 MET A C   1 
ATOM   1036 O O   . MET A 1 123 ? 0.053   6.287   5.309   1.00 20.04 ? 123 MET A O   1 
ATOM   1037 C CB  . MET A 1 123 ? 0.379   4.417   2.899   1.00 23.21 ? 123 MET A CB  1 
ATOM   1038 C CG  . MET A 1 123 ? 0.209   3.243   1.915   1.00 24.77 ? 123 MET A CG  1 
ATOM   1039 S SD  . MET A 1 123 ? 0.293   3.758   0.178   1.00 27.86 ? 123 MET A SD  1 
ATOM   1040 C CE  . MET A 1 123 ? -1.135  4.819   0.210   1.00 24.72 ? 123 MET A CE  1 
ATOM   1041 N N   . THR A 1 124 ? 1.727   4.951   5.947   1.00 20.54 ? 124 THR A N   1 
ATOM   1042 C CA  . THR A 1 124 ? 2.272   5.875   6.919   1.00 20.76 ? 124 THR A CA  1 
ATOM   1043 C C   . THR A 1 124 ? 3.734   6.122   6.593   1.00 19.57 ? 124 THR A C   1 
ATOM   1044 O O   . THR A 1 124 ? 4.479   5.194   6.227   1.00 18.86 ? 124 THR A O   1 
ATOM   1045 C CB  . THR A 1 124 ? 2.164   5.296   8.343   1.00 22.03 ? 124 THR A CB  1 
ATOM   1046 O OG1 . THR A 1 124 ? 0.786   5.032   8.634   1.00 23.40 ? 124 THR A OG1 1 
ATOM   1047 C CG2 . THR A 1 124 ? 2.739   6.285   9.405   1.00 22.59 ? 124 THR A CG2 1 
ATOM   1048 N N   . ALA A 1 125 ? 4.124   7.379   6.684   1.00 18.49 ? 125 ALA A N   1 
ATOM   1049 C CA  . ALA A 1 125 ? 5.523   7.732   6.675   1.00 20.61 ? 125 ALA A CA  1 
ATOM   1050 C C   . ALA A 1 125 ? 5.733   8.737   7.804   1.00 21.80 ? 125 ALA A C   1 
ATOM   1051 O O   . ALA A 1 125 ? 5.107   9.800   7.836   1.00 22.00 ? 125 ALA A O   1 
ATOM   1052 C CB  . ALA A 1 125 ? 5.927   8.300   5.330   1.00 19.98 ? 125 ALA A CB  1 
ATOM   1053 N N   . ASP A 1 126 ? 6.600   8.368   8.741   1.00 23.00 ? 126 ASP A N   1 
ATOM   1054 C CA  . ASP A 1 126 ? 6.745   9.110   9.972   1.00 25.61 ? 126 ASP A CA  1 
ATOM   1055 C C   . ASP A 1 126 ? 5.389   9.492   10.554  1.00 26.04 ? 126 ASP A C   1 
ATOM   1056 O O   . ASP A 1 126 ? 4.632   8.627   10.976  1.00 27.49 ? 126 ASP A O   1 
ATOM   1057 C CB  . ASP A 1 126 ? 7.646   10.325  9.772   1.00 26.05 ? 126 ASP A CB  1 
ATOM   1058 C CG  . ASP A 1 126 ? 9.093   9.933   9.573   0.90 27.75 ? 126 ASP A CG  1 
ATOM   1059 O OD1 . ASP A 1 126 ? 9.414   8.758   9.845   1.00 28.38 ? 126 ASP A OD1 1 
ATOM   1060 O OD2 . ASP A 1 126 ? 9.906   10.791  9.151   0.60 28.53 ? 126 ASP A OD2 1 
ATOM   1061 N N   . ASP A 1 127 ? 5.075   10.778  10.578  1.00 25.51 ? 127 ASP A N   1 
ATOM   1062 C CA  A ASP A 1 127 ? 3.865   11.222  11.261  0.50 26.41 ? 127 ASP A CA  1 
ATOM   1063 C CA  B ASP A 1 127 ? 3.866   11.239  11.255  0.50 26.13 ? 127 ASP A CA  1 
ATOM   1064 C C   . ASP A 1 127 ? 2.664   11.364  10.328  1.00 25.90 ? 127 ASP A C   1 
ATOM   1065 O O   . ASP A 1 127 ? 1.568   11.666  10.780  1.00 27.58 ? 127 ASP A O   1 
ATOM   1066 C CB  A ASP A 1 127 ? 4.132   12.534  12.017  0.50 27.13 ? 127 ASP A CB  1 
ATOM   1067 C CB  B ASP A 1 127 ? 4.118   12.578  11.973  0.50 26.34 ? 127 ASP A CB  1 
ATOM   1068 C CG  A ASP A 1 127 ? 5.140   12.361  13.148  0.40 27.71 ? 127 ASP A CG  1 
ATOM   1069 C CG  B ASP A 1 127 ? 4.720   13.635  11.060  0.40 26.36 ? 127 ASP A CG  1 
ATOM   1070 O OD1 A ASP A 1 127 ? 5.040   11.356  13.886  0.40 27.41 ? 127 ASP A OD1 1 
ATOM   1071 O OD1 B ASP A 1 127 ? 5.562   13.289  10.197  0.40 26.28 ? 127 ASP A OD1 1 
ATOM   1072 O OD2 A ASP A 1 127 ? 6.031   13.227  13.303  0.40 28.21 ? 127 ASP A OD2 1 
ATOM   1073 O OD2 B ASP A 1 127 ? 4.355   14.822  11.219  0.40 26.43 ? 127 ASP A OD2 1 
ATOM   1074 N N   . VAL A 1 128 ? 2.870   11.129  9.028   1.00 23.97 ? 128 VAL A N   1 
ATOM   1075 C CA  . VAL A 1 128 ? 1.810   11.312  8.039   1.00 21.53 ? 128 VAL A CA  1 
ATOM   1076 C C   . VAL A 1 128 ? 1.112   9.991   7.707   1.00 22.61 ? 128 VAL A C   1 
ATOM   1077 O O   . VAL A 1 128 ? 1.772   9.003   7.366   1.00 19.55 ? 128 VAL A O   1 
ATOM   1078 C CB  . VAL A 1 128 ? 2.357   12.009  6.738   1.00 21.17 ? 128 VAL A CB  1 
ATOM   1079 C CG1 . VAL A 1 128 ? 1.302   12.092  5.640   1.00 21.50 ? 128 VAL A CG1 1 
ATOM   1080 C CG2 . VAL A 1 128 ? 2.876   13.423  7.086   0.80 21.49 ? 128 VAL A CG2 1 
ATOM   1081 N N   . VAL A 1 129 ? -0.218  9.989   7.813   1.00 21.93 ? 129 VAL A N   1 
ATOM   1082 C CA  . VAL A 1 129 ? -1.007  8.821   7.441   1.00 21.91 ? 129 VAL A CA  1 
ATOM   1083 C C   . VAL A 1 129 ? -1.914  9.171   6.267   1.00 21.70 ? 129 VAL A C   1 
ATOM   1084 O O   . VAL A 1 129 ? -2.725  10.121  6.340   1.00 21.11 ? 129 VAL A O   1 
ATOM   1085 C CB  . VAL A 1 129 ? -1.894  8.315   8.618   1.00 21.99 ? 129 VAL A CB  1 
ATOM   1086 C CG1 . VAL A 1 129 ? -2.705  7.104   8.207   1.00 21.14 ? 129 VAL A CG1 1 
ATOM   1087 C CG2 . VAL A 1 129 ? -1.049  7.998   9.862   1.00 22.55 ? 129 VAL A CG2 1 
ATOM   1088 N N   . CYS A 1 130 ? -1.757  8.415   5.182   1.00 19.07 ? 130 CYS A N   1 
ATOM   1089 C CA  . CYS A 1 130 ? -2.620  8.506   4.035   1.00 20.07 ? 130 CYS A CA  1 
ATOM   1090 C C   . CYS A 1 130 ? -3.673  7.397   4.154   1.00 20.80 ? 130 CYS A C   1 
ATOM   1091 O O   . CYS A 1 130 ? -3.320  6.240   4.453   1.00 19.36 ? 130 CYS A O   1 
ATOM   1092 C CB  . CYS A 1 130 ? -1.795  8.270   2.760   1.00 19.12 ? 130 CYS A CB  1 
ATOM   1093 S SG  . CYS A 1 130 ? -2.800  7.988   1.296   1.00 21.04 ? 130 CYS A SG  1 
ATOM   1094 N N   . THR A 1 131 ? -4.929  7.729   3.898   1.00 20.93 ? 131 THR A N   1 
ATOM   1095 C CA  . THR A 1 131 ? -5.994  6.746   3.916   1.00 20.96 ? 131 THR A CA  1 
ATOM   1096 C C   . THR A 1 131 ? -6.720  6.664   2.582   1.00 22.07 ? 131 THR A C   1 
ATOM   1097 O O   . THR A 1 131 ? -7.167  7.670   2.048   1.00 21.27 ? 131 THR A O   1 
ATOM   1098 C CB  . THR A 1 131 ? -6.975  7.047   5.048   1.00 22.39 ? 131 THR A CB  1 
ATOM   1099 O OG1 . THR A 1 131 ? -6.300  6.964   6.303   1.00 22.92 ? 131 THR A OG1 1 
ATOM   1100 C CG2 . THR A 1 131 ? -8.026  5.976   5.142   1.00 22.10 ? 131 THR A CG2 1 
ATOM   1101 N N   . LYS A 1 132 ? -6.833  5.455   2.051   1.00 20.42 ? 132 LYS A N   1 
ATOM   1102 C CA  . LYS A 1 132 ? -7.541  5.230   0.814   1.00 21.88 ? 132 LYS A CA  1 
ATOM   1103 C C   . LYS A 1 132 ? -8.673  4.252   1.038   1.00 22.21 ? 132 LYS A C   1 
ATOM   1104 O O   . LYS A 1 132 ? -8.568  3.372   1.862   1.00 21.72 ? 132 LYS A O   1 
ATOM   1105 C CB  . LYS A 1 132 ? -6.570  4.696   -0.229  1.00 22.10 ? 132 LYS A CB  1 
ATOM   1106 C CG  . LYS A 1 132 ? -5.670  5.799   -0.767  1.00 23.09 ? 132 LYS A CG  1 
ATOM   1107 C CD  . LYS A 1 132 ? -4.566  5.250   -1.656  1.00 25.46 ? 132 LYS A CD  1 
ATOM   1108 C CE  . LYS A 1 132 ? -3.906  6.353   -2.473  1.00 26.40 ? 132 LYS A CE  1 
ATOM   1109 N NZ  . LYS A 1 132 ? -2.769  5.762   -3.161  1.00 27.86 ? 132 LYS A NZ  1 
ATOM   1110 N N   . VAL A 1 133 ? -9.761  4.417   0.296   1.00 22.09 ? 133 VAL A N   1 
ATOM   1111 C CA  . VAL A 1 133 ? -10.884 3.494   0.367   1.00 22.64 ? 133 VAL A CA  1 
ATOM   1112 C C   . VAL A 1 133 ? -11.282 2.971   -1.007  1.00 21.91 ? 133 VAL A C   1 
ATOM   1113 O O   . VAL A 1 133 ? -11.414 3.740   -1.945  1.00 22.86 ? 133 VAL A O   1 
ATOM   1114 C CB  . VAL A 1 133 ? -12.093 4.140   1.048   1.00 23.19 ? 133 VAL A CB  1 
ATOM   1115 C CG1 . VAL A 1 133 ? -13.179 3.133   1.280   1.00 24.71 ? 133 VAL A CG1 1 
ATOM   1116 C CG2 . VAL A 1 133 ? -11.690 4.787   2.335   1.00 23.46 ? 133 VAL A CG2 1 
ATOM   1117 N N   . TYR A 1 134 ? -11.460 1.659   -1.119  1.00 21.54 ? 134 TYR A N   1 
ATOM   1118 C CA  . TYR A 1 134 ? -11.811 1.031   -2.384  1.00 22.55 ? 134 TYR A CA  1 
ATOM   1119 C C   . TYR A 1 134 ? -13.103 0.240   -2.251  1.00 23.94 ? 134 TYR A C   1 
ATOM   1120 O O   . TYR A 1 134 ? -13.459 -0.206  -1.147  1.00 22.74 ? 134 TYR A O   1 
ATOM   1121 C CB  . TYR A 1 134 ? -10.750 0.029   -2.834  1.00 23.46 ? 134 TYR A CB  1 
ATOM   1122 C CG  . TYR A 1 134 ? -9.313  0.533   -2.912  1.00 24.07 ? 134 TYR A CG  1 
ATOM   1123 C CD1 . TYR A 1 134 ? -8.607  0.825   -1.759  1.00 23.07 ? 134 TYR A CD1 1 
ATOM   1124 C CD2 . TYR A 1 134 ? -8.664  0.673   -4.148  1.00 23.55 ? 134 TYR A CD2 1 
ATOM   1125 C CE1 . TYR A 1 134 ? -7.290  1.257   -1.809  1.00 24.04 ? 134 TYR A CE1 1 
ATOM   1126 C CE2 . TYR A 1 134 ? -7.321  1.093   -4.213  1.00 24.10 ? 134 TYR A CE2 1 
ATOM   1127 C CZ  . TYR A 1 134 ? -6.656  1.388   -3.038  1.00 24.67 ? 134 TYR A CZ  1 
ATOM   1128 O OH  . TYR A 1 134 ? -5.336  1.796   -3.062  1.00 25.82 ? 134 TYR A OH  1 
ATOM   1129 N N   . VAL A 1 135 ? -13.769 0.041   -3.389  1.00 23.55 ? 135 VAL A N   1 
ATOM   1130 C CA  . VAL A 1 135 ? -14.928 -0.848  -3.494  1.00 25.77 ? 135 VAL A CA  1 
ATOM   1131 C C   . VAL A 1 135 ? -14.676 -1.878  -4.611  1.00 26.28 ? 135 VAL A C   1 
ATOM   1132 O O   . VAL A 1 135 ? -13.839 -1.661  -5.483  1.00 26.68 ? 135 VAL A O   1 
ATOM   1133 C CB  . VAL A 1 135 ? -16.227 -0.053  -3.799  1.00 25.49 ? 135 VAL A CB  1 
ATOM   1134 C CG1 . VAL A 1 135 ? -16.539 0.906   -2.668  1.00 25.41 ? 135 VAL A CG1 1 
ATOM   1135 C CG2 . VAL A 1 135 ? -16.078 0.724   -5.100  1.00 25.75 ? 135 VAL A CG2 1 
ATOM   1136 N N   . ARG A 1 136 ? -15.390 -2.997  -4.579  1.00 26.22 ? 136 ARG A N   1 
ATOM   1137 C CA  . ARG A 1 136 ? -15.174 -4.043  -5.563  1.00 26.85 ? 136 ARG A CA  1 
ATOM   1138 C C   . ARG A 1 136 ? -15.818 -3.671  -6.902  1.00 27.35 ? 136 ARG A C   1 
ATOM   1139 O O   . ARG A 1 136 ? -16.852 -3.001  -6.935  1.00 26.78 ? 136 ARG A O   1 
ATOM   1140 C CB  . ARG A 1 136 ? -15.736 -5.377  -5.065  1.00 27.35 ? 136 ARG A CB  1 
ATOM   1141 C CG  . ARG A 1 136 ? -14.890 -6.094  -4.032  1.00 27.26 ? 136 ARG A CG  1 
ATOM   1142 C CD  . ARG A 1 136 ? -15.106 -7.601  -4.083  1.00 27.57 ? 136 ARG A CD  1 
ATOM   1143 N NE  . ARG A 1 136 ? -14.360 -8.311  -3.049  1.00 27.05 ? 136 ARG A NE  1 
ATOM   1144 C CZ  . ARG A 1 136 ? -14.735 -8.363  -1.770  1.00 27.43 ? 136 ARG A CZ  1 
ATOM   1145 N NH1 . ARG A 1 136 ? -15.829 -7.718  -1.382  1.00 27.65 ? 136 ARG A NH1 1 
ATOM   1146 N NH2 . ARG A 1 136 ? -14.008 -9.023  -0.868  1.00 27.72 ? 136 ARG A NH2 1 
ATOM   1147 N N   . GLU A 1 137 ? -15.185 -4.081  -7.996  0.60 27.60 ? 137 GLU A N   1 
ATOM   1148 C CA  . GLU A 1 137 ? -15.789 -3.987  -9.324  0.60 28.87 ? 137 GLU A CA  1 
ATOM   1149 C C   . GLU A 1 137 ? -15.589 -5.317  -10.044 0.50 29.61 ? 137 GLU A C   1 
ATOM   1150 O O   . GLU A 1 137 ? -15.937 -5.490  -11.213 0.50 30.19 ? 137 GLU A O   1 
ATOM   1151 C CB  . GLU A 1 137 ? -15.178 -2.839  -10.124 0.60 28.59 ? 137 GLU A CB  1 
ATOM   1152 C CG  . GLU A 1 137 ? -13.711 -3.036  -10.453 0.50 28.27 ? 137 GLU A CG  1 
ATOM   1153 C CD  . GLU A 1 137 ? -13.099 -1.863  -11.198 0.40 28.34 ? 137 GLU A CD  1 
ATOM   1154 O OE1 . GLU A 1 137 ? -13.823 -0.903  -11.528 0.40 27.99 ? 137 GLU A OE1 1 
ATOM   1155 O OE2 . GLU A 1 137 ? -11.877 -1.907  -11.456 0.40 28.44 ? 137 GLU A OE2 1 
ATOM   1156 O OXT . GLU A 1 137 ? -15.072 -6.267  -9.453  0.50 30.22 ? 137 GLU A OXT 1 
HETATM 1157 C C1  . B3P B 2 .   ? -2.597  -1.739  -1.836  1.00 49.44 ? 138 B3P A C1  1 
HETATM 1158 C C2  . B3P B 2 .   ? -2.398  -0.741  -2.965  1.00 48.30 ? 138 B3P A C2  1 
HETATM 1159 C C3  . B3P B 2 .   ? -1.459  -2.747  -1.795  1.00 49.58 ? 138 B3P A C3  1 
HETATM 1160 N N1  . B3P B 2 .   ? -0.137  -2.152  -1.834  0.90 49.34 ? 138 B3P A N1  1 
HETATM 1161 C C4  . B3P B 2 .   ? 0.781   -2.439  -0.769  0.90 49.91 ? 138 B3P A C4  1 
HETATM 1162 C C5  . B3P B 2 .   ? 2.160   -2.042  -1.276  1.00 50.98 ? 138 B3P A C5  1 
HETATM 1163 C C6  . B3P B 2 .   ? 0.746   -3.933  -0.437  0.80 49.82 ? 138 B3P A C6  1 
HETATM 1164 C C7  . B3P B 2 .   ? 0.300   -1.664  0.465   0.90 49.72 ? 138 B3P A C7  1 
HETATM 1165 N N2  . B3P B 2 .   ? -1.371  0.232   -2.610  1.00 47.23 ? 138 B3P A N2  1 
HETATM 1166 C C8  . B3P B 2 .   ? -0.956  1.184   -3.617  1.00 47.75 ? 138 B3P A C8  1 
HETATM 1167 C C9  . B3P B 2 .   ? -0.754  0.433   -4.925  1.00 48.60 ? 138 B3P A C9  1 
HETATM 1168 C C10 . B3P B 2 .   ? -2.050  2.224   -3.824  1.00 47.59 ? 138 B3P A C10 1 
HETATM 1169 C C11 . B3P B 2 .   ? 0.354   1.819   -3.168  1.00 48.26 ? 138 B3P A C11 1 
HETATM 1170 O O1  . B3P B 2 .   ? -0.041  -0.798  -4.735  0.70 46.68 ? 138 B3P A O1  1 
HETATM 1171 O O2  . B3P B 2 .   ? -2.235  2.955   -2.615  1.00 48.15 ? 138 B3P A O2  1 
HETATM 1172 O O3  . B3P B 2 .   ? 0.772   2.867   -4.066  0.60 48.81 ? 138 B3P A O3  1 
HETATM 1173 O O4  . B3P B 2 .   ? 3.135   -1.874  -0.234  1.00 52.02 ? 138 B3P A O4  1 
HETATM 1174 O O5  . B3P B 2 .   ? 1.215   -4.703  -1.560  0.50 51.51 ? 138 B3P A O5  1 
HETATM 1175 O O6  . B3P B 2 .   ? 0.411   -0.248  0.290   1.00 49.01 ? 138 B3P A O6  1 
HETATM 1176 C CAF . LSR C 3 .   ? -2.490  6.089   -4.349  1.00 27.80 ? 139 LSR A CAF 1 
HETATM 1177 C CAE . LSR C 3 .   ? -1.447  5.549   -4.969  1.00 27.27 ? 139 LSR A CAE 1 
HETATM 1178 C CAD . LSR C 3 .   ? -1.056  5.954   -6.185  1.00 27.53 ? 139 LSR A CAD 1 
HETATM 1179 C CAA . LSR C 3 .   ? -1.797  7.051   -6.878  1.00 28.58 ? 139 LSR A CAA 1 
HETATM 1180 C CAC . LSR C 3 .   ? 0.006   5.399   -6.785  1.00 27.72 ? 139 LSR A CAC 1 
HETATM 1181 C CAB . LSR C 3 .   ? 0.419   5.841   -7.973  1.00 27.83 ? 139 LSR A CAB 1 
HETATM 1182 C CAK . LSR C 3 .   ? 1.484   5.330   -8.616  1.00 28.59 ? 139 LSR A CAK 1 
HETATM 1183 C CAJ . LSR C 3 .   ? 1.679   4.014   -8.605  1.00 29.71 ? 139 LSR A CAJ 1 
HETATM 1184 C CAI . LSR C 3 .   ? 0.709   3.136   -7.880  1.00 29.39 ? 139 LSR A CAI 1 
HETATM 1185 C CAN . LSR C 3 .   ? 2.841   3.354   -9.301  1.00 29.85 ? 139 LSR A CAN 1 
HETATM 1186 C CAO . LSR C 3 .   ? 3.977   4.341   -9.460  1.00 30.15 ? 139 LSR A CAO 1 
HETATM 1187 C CAP . LSR C 3 .   ? 3.453   5.565   -10.175 1.00 29.82 ? 139 LSR A CAP 1 
HETATM 1188 C CAL . LSR C 3 .   ? 2.411   6.279   -9.336  1.00 29.30 ? 139 LSR A CAL 1 
HETATM 1189 C CAH . LSR C 3 .   ? 1.578   7.137   -10.268 1.00 28.65 ? 139 LSR A CAH 1 
HETATM 1190 C CAM . LSR C 3 .   ? 3.108   7.141   -8.301  1.00 30.49 ? 139 LSR A CAM 1 
HETATM 1191 O O   . HOH D 4 .   ? -3.051  3.363   10.125  1.00 49.64 ? 140 HOH A O   1 
HETATM 1192 O O   . HOH D 4 .   ? -1.507  12.312  8.897   1.00 48.41 ? 141 HOH A O   1 
HETATM 1193 O O   . HOH D 4 .   ? 11.744  9.756   -2.551  1.00 61.35 ? 142 HOH A O   1 
HETATM 1194 O O   . HOH D 4 .   ? 11.621  4.992   4.289   1.00 56.53 ? 143 HOH A O   1 
HETATM 1195 O O   . HOH D 4 .   ? 10.537  1.865   7.667   1.00 48.87 ? 144 HOH A O   1 
HETATM 1196 O O   . HOH D 4 .   ? 5.043   -0.377  0.077   1.00 52.67 ? 145 HOH A O   1 
HETATM 1197 O O   . HOH D 4 .   ? 26.597  -8.909  2.934   1.00 75.53 ? 146 HOH A O   1 
HETATM 1198 O O   . HOH D 4 .   ? -9.540  0.107   11.743  1.00 62.11 ? 147 HOH A O   1 
HETATM 1199 O O   . HOH D 4 .   ? 10.836  19.745  -8.918  1.00 55.70 ? 148 HOH A O   1 
HETATM 1200 O O   . HOH D 4 .   ? 12.978  4.308   10.217  1.00 81.60 ? 149 HOH A O   1 
HETATM 1201 O O   . HOH D 4 .   ? 5.482   16.076  8.345   1.00 76.60 ? 150 HOH A O   1 
HETATM 1202 O O   . HOH D 4 .   ? -14.453 -14.146 -8.878  1.00 76.38 ? 151 HOH A O   1 
HETATM 1203 O O   . HOH D 4 .   ? -21.156 -13.553 -0.873  1.00 80.99 ? 152 HOH A O   1 
HETATM 1204 O O   . HOH D 4 .   ? 10.755  -13.674 10.062  1.00 69.70 ? 153 HOH A O   1 
HETATM 1205 O O   . HOH D 4 .   ? 12.566  7.673   10.964  1.00 73.46 ? 154 HOH A O   1 
HETATM 1206 O O   . HOH D 4 .   ? 11.782  9.971   -5.299  1.00 54.40 ? 155 HOH A O   1 
HETATM 1207 O O   . HOH D 4 .   ? -9.925  -10.763 -13.477 1.00 75.53 ? 156 HOH A O   1 
HETATM 1208 O O   . HOH D 4 .   ? -9.177  -11.843 -7.356  1.00 58.45 ? 157 HOH A O   1 
HETATM 1209 O O   . HOH D 4 .   ? 0.058   -21.369 3.130   1.00 63.15 ? 158 HOH A O   1 
HETATM 1210 O O   . HOH D 4 .   ? 12.893  -3.000  -6.405  1.00 68.62 ? 159 HOH A O   1 
HETATM 1211 O O   . HOH D 4 .   ? 16.762  0.322   0.250   1.00 50.57 ? 160 HOH A O   1 
HETATM 1212 O O   . HOH D 4 .   ? 16.112  4.778   8.712   1.00 72.79 ? 161 HOH A O   1 
HETATM 1213 O O   . HOH D 4 .   ? 16.994  2.099   7.772   1.00 66.45 ? 162 HOH A O   1 
HETATM 1214 O O   . HOH D 4 .   ? -6.318  -0.265  13.504  1.00 58.57 ? 163 HOH A O   1 
HETATM 1215 O O   . HOH D 4 .   ? -17.355 0.014   4.806   1.00 63.09 ? 164 HOH A O   1 
HETATM 1216 O O   . HOH D 4 .   ? -9.972  8.196   2.648   1.00 52.21 ? 165 HOH A O   1 
HETATM 1217 O O   . HOH D 4 .   ? 16.766  -20.763 -2.408  1.00 74.24 ? 166 HOH A O   1 
HETATM 1218 O O   . HOH D 4 .   ? 6.974   -18.888 -1.475  1.00 70.65 ? 167 HOH A O   1 
HETATM 1219 O O   . HOH D 4 .   ? 9.598   -13.789 -0.655  1.00 67.54 ? 168 HOH A O   1 
HETATM 1220 O O   . HOH D 4 .   ? -0.762  -16.584 -4.458  1.00 62.50 ? 169 HOH A O   1 
HETATM 1221 O O   . HOH D 4 .   ? 10.752  13.671  5.589   1.00 59.33 ? 170 HOH A O   1 
HETATM 1222 O O   . HOH D 4 .   ? -5.393  9.589   10.030  0.50 41.03 ? 171 HOH A O   1 
HETATM 1223 O O   . HOH D 4 .   ? 1.963   18.405  0.568   1.00 62.44 ? 172 HOH A O   1 
HETATM 1224 O O   . HOH D 4 .   ? -4.640  11.823  -4.065  0.80 50.91 ? 173 HOH A O   1 
HETATM 1225 O O   . HOH D 4 .   ? -14.303 -12.784 -1.755  0.50 52.92 ? 174 HOH A O   1 
HETATM 1226 O O   . HOH D 4 .   ? -12.468 -11.315 -16.894 1.00 71.56 ? 175 HOH A O   1 
HETATM 1227 O O   . HOH D 4 .   ? 3.674   -6.872  -13.268 1.00 51.13 ? 176 HOH A O   1 
HETATM 1228 O O   . HOH D 4 .   ? 1.639   -8.182  -14.289 1.00 66.78 ? 177 HOH A O   1 
HETATM 1229 O O   . HOH D 4 .   ? 10.225  1.684   -8.676  1.00 60.35 ? 178 HOH A O   1 
HETATM 1230 O O   . HOH D 4 .   ? -15.391 -8.235  -11.710 1.00 74.60 ? 179 HOH A O   1 
HETATM 1231 O O   . HOH D 4 .   ? -8.570  -17.501 1.552   1.00 63.02 ? 180 HOH A O   1 
HETATM 1232 O O   . HOH D 4 .   ? -19.178 -7.120  3.988   1.00 75.40 ? 181 HOH A O   1 
HETATM 1233 O O   . HOH D 4 .   ? -2.940  18.551  -5.437  1.00 62.64 ? 182 HOH A O   1 
HETATM 1234 O O   . HOH D 4 .   ? 0.843   1.461   9.935   1.00 50.49 ? 183 HOH A O   1 
HETATM 1235 O O   . HOH D 4 .   ? -14.580 -3.904  17.256  1.00 70.49 ? 184 HOH A O   1 
HETATM 1236 O O   . HOH D 4 .   ? -16.381 -3.374  9.511   1.00 62.78 ? 185 HOH A O   1 
HETATM 1237 O O   . HOH D 4 .   ? -9.207  -9.930  17.584  1.00 57.60 ? 186 HOH A O   1 
HETATM 1238 O O   . HOH D 4 .   ? -8.112  9.267   -6.185  1.00 62.03 ? 187 HOH A O   1 
HETATM 1239 O O   . HOH D 4 .   ? -10.376 -0.004  -12.286 1.00 62.15 ? 188 HOH A O   1 
HETATM 1240 O O   . HOH D 4 .   ? 1.123   -17.144 8.131   1.00 66.86 ? 189 HOH A O   1 
HETATM 1241 O O   . HOH D 4 .   ? 9.046   -1.858  12.984  1.00 69.84 ? 192 HOH A O   1 
HETATM 1242 O O   . HOH D 4 .   ? 13.517  16.800  6.393   1.00 63.54 ? 193 HOH A O   1 
HETATM 1243 O O   . HOH D 4 .   ? 12.552  11.731  3.003   1.00 63.27 ? 194 HOH A O   1 
HETATM 1244 O O   . HOH D 4 .   ? 3.049   16.792  7.100   0.30 35.16 ? 195 HOH A O   1 
HETATM 1245 O O   . HOH D 4 .   ? 8.553   13.463  12.134  1.00 62.94 ? 196 HOH A O   1 
HETATM 1246 O O   . HOH D 4 .   ? 2.419   7.736   12.964  1.00 65.33 ? 197 HOH A O   1 
HETATM 1247 O O   . HOH D 4 .   ? 3.402   3.076   13.543  1.00 73.56 ? 198 HOH A O   1 
HETATM 1248 O O   . HOH D 4 .   ? 15.053  4.559   14.833  1.00 76.15 ? 199 HOH A O   1 
HETATM 1249 O O   . HOH D 4 .   ? 7.877   -12.561 13.421  1.00 63.48 ? 200 HOH A O   1 
HETATM 1250 O O   . HOH D 4 .   ? 10.428  -14.649 7.615   1.00 57.19 ? 201 HOH A O   1 
HETATM 1251 O O   . HOH D 4 .   ? 11.946  -12.711 16.006  1.00 75.95 ? 202 HOH A O   1 
HETATM 1252 O O   . HOH D 4 .   ? 22.301  -8.881  3.544   1.00 72.41 ? 203 HOH A O   1 
HETATM 1253 O O   . HOH D 4 .   ? 13.158  -12.150 1.670   1.00 66.71 ? 204 HOH A O   1 
HETATM 1254 O O   . HOH D 4 .   ? 13.562  12.240  5.794   1.00 71.55 ? 205 HOH A O   1 
HETATM 1255 O O   . HOH D 4 .   ? -16.590 -11.528 -3.147  1.00 80.63 ? 206 HOH A O   1 
HETATM 1256 O O   . HOH D 4 .   ? -18.861 -6.865  -7.718  1.00 75.14 ? 207 HOH A O   1 
HETATM 1257 O O   . HOH D 4 .   ? -12.260 5.167   5.982   0.70 55.38 ? 208 HOH A O   1 
HETATM 1258 O O   . HOH D 4 .   ? -18.936 5.040   0.969   1.00 78.38 ? 209 HOH A O   1 
HETATM 1259 O O   . HOH D 4 .   ? -3.677  18.261  -0.543  1.00 73.55 ? 210 HOH A O   1 
HETATM 1260 O O   A HOH D 4 .   ? -1.719  -16.675 9.138   0.50 33.92 ? 211 HOH A O   1 
HETATM 1261 O O   B HOH D 4 .   ? -2.908  -16.014 8.499   0.50 43.85 ? 212 HOH A O   1 
HETATM 1262 O O   . HOH D 4 .   ? 2.959   -5.964  11.938  1.00 57.74 ? 213 HOH A O   1 
HETATM 1263 O O   A HOH D 4 .   ? -10.821 -9.902  15.365  0.50 30.13 ? 214 HOH A O   1 
HETATM 1264 O O   B HOH D 4 .   ? -13.000 -11.460 15.322  0.50 43.24 ? 215 HOH A O   1 
HETATM 1265 O O   . HOH D 4 .   ? 6.249   -6.608  -10.348 0.50 35.82 ? 216 HOH A O   1 
HETATM 1266 O O   . HOH D 4 .   ? 10.994  2.690   4.832   1.00 53.53 ? 217 HOH A O   1 
HETATM 1267 O O   . HOH D 4 .   ? 7.659   -0.200  9.850   1.00 49.87 ? 218 HOH A O   1 
HETATM 1268 O O   . HOH D 4 .   ? -0.470  4.658   11.058  0.50 35.76 ? 219 HOH A O   1 
HETATM 1269 O O   . HOH D 4 .   ? -17.184 -3.775  -2.396  0.70 51.18 ? 220 HOH A O   1 
HETATM 1270 O O   . HOH D 4 .   ? 3.077   18.686  -2.738  1.00 51.11 ? 221 HOH A O   1 
HETATM 1271 O O   A HOH D 4 .   ? -9.457  -2.817  -10.057 0.50 37.75 ? 222 HOH A O   1 
HETATM 1272 O O   B HOH D 4 .   ? -8.533  -4.391  -10.815 0.50 42.34 ? 223 HOH A O   1 
HETATM 1273 O O   . HOH D 4 .   ? -1.954  20.424  -3.454  1.00 49.24 ? 224 HOH A O   1 
HETATM 1274 O O   A HOH D 4 .   ? 14.102  1.774   7.869   0.50 45.27 ? 225 HOH A O   1 
HETATM 1275 O O   B HOH D 4 .   ? 14.303  0.877   7.120   0.50 55.78 ? 226 HOH A O   1 
HETATM 1276 O O   . HOH D 4 .   ? 6.525   -13.942 11.705  1.00 48.52 ? 227 HOH A O   1 
HETATM 1277 O O   . HOH D 4 .   ? 1.420   5.311   -14.151 1.00 53.43 ? 228 HOH A O   1 
HETATM 1278 O O   . HOH D 4 .   ? 7.677   -2.560  -7.531  1.00 65.62 ? 229 HOH A O   1 
HETATM 1279 O O   . HOH D 4 .   ? -16.622 9.861   4.649   1.00 76.85 ? 230 HOH A O   1 
HETATM 1280 O O   . HOH D 4 .   ? -4.874  0.758   -14.357 1.00 50.02 ? 231 HOH A O   1 
HETATM 1281 O O   . HOH D 4 .   ? 3.171   -3.489  13.086  1.00 55.26 ? 232 HOH A O   1 
HETATM 1282 O O   . HOH D 4 .   ? -8.026  -17.479 5.020   1.00 48.99 ? 233 HOH A O   1 
HETATM 1283 O O   . HOH D 4 .   ? 12.436  -4.646  -3.954  1.00 62.13 ? 235 HOH A O   1 
HETATM 1284 O O   . HOH D 4 .   ? -2.808  -0.347  12.842  1.00 53.46 ? 236 HOH A O   1 
HETATM 1285 O O   . HOH D 4 .   ? -10.900 11.539  -2.383  0.50 48.55 ? 237 HOH A O   1 
HETATM 1286 O O   . HOH D 4 .   ? -5.947  15.013  1.127   1.00 63.51 ? 238 HOH A O   1 
HETATM 1287 O O   . HOH D 4 .   ? -0.697  18.843  -0.089  1.00 64.76 ? 239 HOH A O   1 
HETATM 1288 O O   . HOH D 4 .   ? 11.214  11.844  -6.588  1.00 52.59 ? 240 HOH A O   1 
HETATM 1289 O O   . HOH D 4 .   ? 0.871   -15.203 -3.726  1.00 57.97 ? 241 HOH A O   1 
HETATM 1290 O O   . HOH D 4 .   ? -6.481  13.069  -14.328 1.00 55.63 ? 242 HOH A O   1 
HETATM 1291 O O   . HOH D 4 .   ? -5.755  8.097   -6.411  1.00 50.59 ? 243 HOH A O   1 
HETATM 1292 O O   . HOH D 4 .   ? -3.481  14.549  -1.178  1.00 52.03 ? 244 HOH A O   1 
HETATM 1293 O O   . HOH D 4 .   ? 9.654   12.983  8.561   0.50 49.02 ? 245 HOH A O   1 
HETATM 1294 O O   . HOH D 4 .   ? -16.962 -12.444 13.480  0.50 56.64 ? 246 HOH A O   1 
HETATM 1295 O O   . HOH D 4 .   ? -6.362  -0.337  6.792   1.00 38.68 ? 247 HOH A O   1 
HETATM 1296 O O   . HOH D 4 .   ? 5.353   3.839   10.041  1.00 53.70 ? 248 HOH A O   1 
HETATM 1297 O O   . HOH D 4 .   ? 5.656   6.037   11.283  1.00 57.36 ? 249 HOH A O   1 
HETATM 1298 O O   . HOH D 4 .   ? 7.656   7.223   13.302  1.00 67.44 ? 250 HOH A O   1 
HETATM 1299 O O   . HOH D 4 .   ? 4.651   5.009   3.140   1.00 48.38 ? 251 HOH A O   1 
HETATM 1300 O O   . HOH D 4 .   ? 6.508   3.376   1.901   1.00 51.19 ? 252 HOH A O   1 
HETATM 1301 O O   . HOH D 4 .   ? 3.455   2.742   3.031   1.00 44.97 ? 253 HOH A O   1 
HETATM 1302 O O   . HOH D 4 .   ? -0.059  2.744   7.723   1.00 34.69 ? 254 HOH A O   1 
HETATM 1303 O O   . HOH D 4 .   ? -8.139  0.661   8.692   1.00 48.60 ? 255 HOH A O   1 
HETATM 1304 O O   . HOH D 4 .   ? -8.037  -3.870  14.152  1.00 58.09 ? 256 HOH A O   1 
HETATM 1305 O O   . HOH D 4 .   ? -14.163 -7.657  -7.315  1.00 53.69 ? 257 HOH A O   1 
HETATM 1306 O O   . HOH D 4 .   ? -5.479  9.495   7.005   1.00 44.07 ? 258 HOH A O   1 
HETATM 1307 O O   . HOH D 4 .   ? -7.175  5.787   8.604   1.00 42.49 ? 259 HOH A O   1 
HETATM 1308 O O   . HOH D 4 .   ? -4.709  9.201   -4.017  1.00 53.19 ? 260 HOH A O   1 
HETATM 1309 O O   . HOH D 4 .   ? -4.373  9.432   -8.368  1.00 44.67 ? 261 HOH A O   1 
HETATM 1310 O O   . HOH D 4 .   ? 2.631   -0.133  -9.107  1.00 44.64 ? 262 HOH A O   1 
HETATM 1311 O O   . HOH D 4 .   ? -5.095  12.387  -1.295  1.00 51.08 ? 263 HOH A O   1 
HETATM 1312 O O   . HOH D 4 .   ? 0.887   -4.663  -6.018  1.00 43.14 ? 264 HOH A O   1 
HETATM 1313 O O   . HOH D 4 .   ? -4.654  -4.280  -11.120 1.00 51.51 ? 265 HOH A O   1 
HETATM 1314 O O   . HOH D 4 .   ? -4.175  4.973   -13.549 1.00 42.12 ? 266 HOH A O   1 
HETATM 1315 O O   A HOH D 4 .   ? 6.138   -13.586 2.483   0.50 25.77 ? 267 HOH A O   1 
HETATM 1316 O O   . HOH D 4 .   ? 4.561   -11.155 5.531   1.00 41.99 ? 268 HOH A O   1 
HETATM 1317 O O   . HOH D 4 .   ? 5.280   -7.111  10.956  1.00 51.72 ? 269 HOH A O   1 
HETATM 1318 O O   . HOH D 4 .   ? -4.069  1.553   11.520  1.00 49.18 ? 270 HOH A O   1 
HETATM 1319 O O   . HOH D 4 .   ? -8.737  3.265   8.923   0.80 48.96 ? 272 HOH A O   1 
HETATM 1320 O O   . HOH D 4 .   ? -1.697  19.607  3.335   1.00 64.04 ? 273 HOH A O   1 
# 
